data_9CJY
#
_entry.id   9CJY
#
_cell.length_a   1.00
_cell.length_b   1.00
_cell.length_c   1.00
_cell.angle_alpha   90.00
_cell.angle_beta   90.00
_cell.angle_gamma   90.00
#
_symmetry.space_group_name_H-M   'P 1'
#
loop_
_entity.id
_entity.type
_entity.pdbx_description
1 polymer 'Hemagglutinin HA1 chain'
2 polymer 'Hemagglutinin HA2 chain'
3 polymer '3-C07 Heavy chain'
4 polymer '3-C07 Light chain'
#
loop_
_entity_poly.entity_id
_entity_poly.type
_entity_poly.pdbx_seq_one_letter_code
_entity_poly.pdbx_strand_id
1 'polypeptide(L)'
;DTICIGYHANNSTDTVDTVLEKNVTVTHSVNLLEDSHNGKLCLLKGIAPLQLGNCSVAGWILGNPECELLISKESWSYIV
ETPNPENGTCYPGYFADYEELREQLSSVSSFERFEIFPKESSWPNHTVTGVSASCSHNGKSSFYRNLLWLTGKNGLYPNL
SKSYVNNKEKEVLVLWGVHHPPNIGNQRALYHTENAYVSVVSSHYSRRFTPEIAKRPKVRDQEGRINYYWTLLEPGDTII
FEANGNLIAPWYAFALSRGFGSGIITSNAPMDECDAKCQTPQGAINSSLPFQNVHPVTIGECPKYVRSAKLRMVTGLRNI
PSIQSR
;
A,C,E
2 'polypeptide(L)'
;GLFGAIAGFIEGGWTGMVDGWYGYHHQNEQGSGYAADQKSTQNAINQITNKVNSVIEKMNTQFTAVGKEFNKLERRMENL
NKKVDDGFLDIWTYNAELLVLLENERTLDFHDSNVKNLYEKVKSQLKNNAKEIGNGCFEFYHKCNNECMESVKNGTYDYP
KYSEESKLNREKIDGVSGRLVPRGSPGSGYIPEAPRDGQAYVRKDGEWVLLSTFLGHHHHHH
;
B,D,F
3 'polypeptide(L)'
;QVQLVQSGAEVKKPGASVKVSCKASGFTFGRDSISWVRQAPGQGLEWMGVIIPLVGITNYAEKFQGRVTITADTSTNTAY
MDLSSLRSEDTAVYYCARGDSTSFYHNWFDVWGPGVLVTVSS
;
G,H,J
4 'polypeptide(L)'
;EIVMTQSPATLSLSPGERATLSCRASQSVSSYLAWYQQKPGQAPRLLVYGASTRATGIPDRFSGSGSGTEFTLTISSLEP
EDVGVFFCQQYNIWVTFGGGTKVEIK
;
I,K,L
#
# COMPACT_ATOMS: atom_id res chain seq x y z
N ASP A 1 38.62 25.79 33.02
CA ASP A 1 39.57 24.74 32.66
C ASP A 1 38.91 23.64 31.85
N THR A 2 37.69 23.29 32.23
CA THR A 2 36.95 22.20 31.60
C THR A 2 35.92 22.78 30.63
N ILE A 3 35.82 22.18 29.46
CA ILE A 3 34.84 22.57 28.45
C ILE A 3 34.05 21.30 28.12
N CYS A 4 32.94 21.10 28.82
CA CYS A 4 32.22 19.84 28.75
C CYS A 4 31.01 19.94 27.83
N ILE A 5 30.80 18.88 27.05
CA ILE A 5 29.76 18.83 26.04
C ILE A 5 28.62 17.95 26.55
N GLY A 6 27.39 18.40 26.32
CA GLY A 6 26.23 17.64 26.73
C GLY A 6 24.93 18.23 26.25
N TYR A 7 23.97 17.39 25.88
CA TYR A 7 22.70 17.88 25.37
C TYR A 7 21.83 18.40 26.50
N HIS A 8 20.61 18.78 26.16
CA HIS A 8 19.69 19.46 27.06
C HIS A 8 18.53 18.56 27.42
N ALA A 9 18.17 18.50 28.69
CA ALA A 9 17.10 17.66 29.17
C ALA A 9 16.21 18.44 30.13
N ASN A 10 14.94 18.06 30.17
CA ASN A 10 13.95 18.74 31.02
C ASN A 10 13.04 17.68 31.61
N ASN A 11 11.95 18.13 32.22
CA ASN A 11 10.98 17.25 32.89
C ASN A 11 9.70 17.21 32.06
N SER A 12 9.66 16.29 31.09
CA SER A 12 8.49 16.06 30.27
C SER A 12 8.22 14.56 30.20
N THR A 13 6.95 14.18 30.33
CA THR A 13 6.55 12.78 30.36
C THR A 13 5.73 12.49 29.12
N ASP A 14 6.35 11.84 28.14
CA ASP A 14 5.69 11.45 26.90
C ASP A 14 6.07 10.02 26.56
N THR A 15 5.17 9.33 25.87
CA THR A 15 5.34 7.94 25.51
C THR A 15 5.58 7.82 24.01
N VAL A 16 6.66 7.14 23.62
CA VAL A 16 7.02 6.97 22.22
C VAL A 16 7.45 5.54 22.00
N ASP A 17 6.96 4.96 20.90
CA ASP A 17 7.23 3.57 20.54
C ASP A 17 8.15 3.53 19.33
N THR A 18 9.18 2.69 19.41
CA THR A 18 10.12 2.50 18.30
C THR A 18 10.56 1.04 18.28
N VAL A 19 11.17 0.65 17.16
CA VAL A 19 11.60 -0.74 17.00
C VAL A 19 12.70 -1.08 18.00
N LEU A 20 13.57 -0.11 18.31
CA LEU A 20 14.67 -0.36 19.22
C LEU A 20 14.18 -0.72 20.63
N GLU A 21 13.30 0.10 21.18
CA GLU A 21 12.82 -0.11 22.54
C GLU A 21 11.45 0.54 22.71
N LYS A 22 10.47 -0.25 23.13
CA LYS A 22 9.13 0.27 23.36
C LYS A 22 9.11 1.14 24.62
N ASN A 23 8.15 2.07 24.66
CA ASN A 23 7.87 2.89 25.83
C ASN A 23 9.09 3.71 26.25
N VAL A 24 9.50 4.61 25.37
CA VAL A 24 10.62 5.52 25.63
C VAL A 24 10.08 6.93 25.80
N THR A 25 10.85 7.76 26.49
CA THR A 25 10.45 9.13 26.81
C THR A 25 11.33 10.13 26.07
N VAL A 26 10.69 11.17 25.52
CA VAL A 26 11.38 12.20 24.76
C VAL A 26 10.94 13.56 25.25
N THR A 27 11.78 14.57 24.99
CA THR A 27 11.52 15.91 25.50
C THR A 27 10.35 16.57 24.77
N HIS A 28 10.34 16.51 23.44
CA HIS A 28 9.29 17.10 22.64
C HIS A 28 8.67 16.03 21.74
N SER A 29 7.45 16.27 21.32
CA SER A 29 6.77 15.36 20.41
C SER A 29 5.63 16.09 19.73
N VAL A 30 5.24 15.58 18.56
CA VAL A 30 4.08 16.07 17.82
C VAL A 30 3.28 14.87 17.35
N ASN A 31 1.98 14.86 17.65
CA ASN A 31 1.13 13.74 17.33
C ASN A 31 0.43 13.94 15.99
N LEU A 32 0.18 12.84 15.29
CA LEU A 32 -0.42 12.87 13.96
C LEU A 32 -1.87 12.41 13.95
N LEU A 33 -2.49 12.26 15.11
CA LEU A 33 -3.86 11.76 15.18
C LEU A 33 -4.61 12.53 16.25
N GLU A 34 -5.92 12.69 16.05
CA GLU A 34 -6.76 13.35 17.03
C GLU A 34 -8.05 12.57 17.20
N ASP A 35 -8.60 12.62 18.41
CA ASP A 35 -9.87 11.98 18.75
C ASP A 35 -10.72 13.03 19.46
N SER A 36 -11.43 13.84 18.68
CA SER A 36 -12.25 14.91 19.25
C SER A 36 -13.28 15.33 18.23
N HIS A 37 -14.49 15.60 18.70
CA HIS A 37 -15.57 16.08 17.85
C HIS A 37 -16.30 17.20 18.57
N ASN A 38 -16.81 18.16 17.81
CA ASN A 38 -17.54 19.28 18.40
C ASN A 38 -18.82 18.78 19.09
N GLY A 39 -19.40 17.69 18.59
CA GLY A 39 -20.60 17.13 19.16
C GLY A 39 -21.89 17.67 18.59
N LYS A 40 -21.83 18.51 17.56
CA LYS A 40 -23.03 19.06 16.96
C LYS A 40 -22.76 19.31 15.48
N LEU A 41 -23.85 19.40 14.71
CA LEU A 41 -23.74 19.72 13.30
C LEU A 41 -23.32 21.17 13.13
N CYS A 42 -22.84 21.49 11.92
CA CYS A 42 -22.29 22.82 11.67
C CYS A 42 -22.56 23.18 10.21
N LEU A 43 -22.36 24.46 9.90
CA LEU A 43 -22.69 24.99 8.59
C LEU A 43 -21.81 24.43 7.48
N LEU A 44 -20.70 23.77 7.83
CA LEU A 44 -19.71 23.29 6.87
C LEU A 44 -19.11 24.48 6.13
N LYS A 45 -19.33 24.57 4.82
CA LYS A 45 -18.80 25.70 4.05
C LYS A 45 -19.79 26.26 3.04
N GLY A 46 -20.98 25.68 2.90
CA GLY A 46 -21.96 26.18 1.96
C GLY A 46 -22.84 27.23 2.59
N ILE A 47 -24.16 27.03 2.53
CA ILE A 47 -25.10 27.96 3.16
C ILE A 47 -25.63 27.31 4.44
N ALA A 48 -26.29 26.17 4.30
CA ALA A 48 -26.87 25.46 5.44
C ALA A 48 -27.27 24.06 4.96
N PRO A 49 -27.35 23.10 5.88
CA PRO A 49 -27.91 21.80 5.54
C PRO A 49 -29.40 21.72 5.82
N LEU A 50 -30.06 20.79 5.12
CA LEU A 50 -31.49 20.61 5.31
C LEU A 50 -31.76 19.88 6.62
N GLN A 51 -33.02 19.93 7.05
CA GLN A 51 -33.46 19.32 8.31
C GLN A 51 -34.79 18.61 8.05
N LEU A 52 -34.70 17.32 7.70
CA LEU A 52 -35.88 16.50 7.50
C LEU A 52 -36.24 15.74 8.79
N GLY A 53 -36.44 16.50 9.85
CA GLY A 53 -36.81 15.89 11.11
C GLY A 53 -38.15 15.20 11.02
N ASN A 54 -38.22 13.97 11.54
CA ASN A 54 -39.43 13.16 11.51
C ASN A 54 -39.98 13.04 10.09
N CYS A 55 -39.08 12.77 9.15
CA CYS A 55 -39.45 12.69 7.75
C CYS A 55 -38.46 11.78 7.02
N SER A 56 -38.62 11.69 5.71
CA SER A 56 -37.75 10.87 4.88
C SER A 56 -37.72 11.46 3.48
N VAL A 57 -36.69 11.07 2.71
CA VAL A 57 -36.55 11.58 1.35
C VAL A 57 -37.74 11.16 0.49
N ALA A 58 -38.17 9.90 0.64
CA ALA A 58 -39.33 9.43 -0.11
C ALA A 58 -40.61 10.13 0.30
N GLY A 59 -40.62 10.77 1.46
CA GLY A 59 -41.79 11.48 1.95
C GLY A 59 -41.77 12.98 1.76
N TRP A 60 -40.66 13.54 1.27
CA TRP A 60 -40.57 14.97 1.00
C TRP A 60 -40.81 15.29 -0.47
N ILE A 61 -40.41 14.41 -1.38
CA ILE A 61 -40.64 14.64 -2.81
C ILE A 61 -42.14 14.63 -3.11
N LEU A 62 -42.87 13.68 -2.54
CA LEU A 62 -44.31 13.64 -2.72
C LEU A 62 -45.06 14.61 -1.82
N GLY A 63 -44.39 15.18 -0.82
CA GLY A 63 -45.02 16.16 0.05
C GLY A 63 -46.07 15.58 0.97
N ASN A 64 -45.64 14.78 1.94
CA ASN A 64 -46.58 14.25 2.93
C ASN A 64 -47.20 15.40 3.72
N PRO A 65 -48.50 15.34 4.01
CA PRO A 65 -49.14 16.45 4.73
C PRO A 65 -48.55 16.69 6.11
N GLU A 66 -48.09 15.64 6.78
CA GLU A 66 -47.52 15.77 8.12
C GLU A 66 -46.07 16.22 8.11
N CYS A 67 -45.49 16.44 6.94
CA CYS A 67 -44.10 16.89 6.82
C CYS A 67 -44.04 18.22 6.09
N GLU A 68 -44.88 19.17 6.52
CA GLU A 68 -45.03 20.44 5.81
C GLU A 68 -43.69 21.18 5.72
N LEU A 69 -43.55 21.95 4.64
CA LEU A 69 -42.32 22.69 4.38
C LEU A 69 -42.14 23.77 5.44
N LEU A 70 -41.19 23.57 6.34
CA LEU A 70 -40.83 24.63 7.28
C LEU A 70 -40.25 25.83 6.55
N ILE A 71 -39.40 25.60 5.56
CA ILE A 71 -38.88 26.62 4.68
C ILE A 71 -38.98 26.10 3.25
N SER A 72 -38.99 27.03 2.29
CA SER A 72 -39.16 26.66 0.90
C SER A 72 -38.00 25.82 0.37
N LYS A 73 -36.87 25.79 1.08
CA LYS A 73 -35.72 24.97 0.73
C LYS A 73 -35.23 25.27 -0.69
N GLU A 74 -34.80 26.51 -0.88
CA GLU A 74 -34.34 26.95 -2.20
C GLU A 74 -32.96 26.37 -2.53
N SER A 75 -32.13 26.12 -1.53
CA SER A 75 -30.80 25.57 -1.75
C SER A 75 -30.31 24.93 -0.47
N TRP A 76 -29.32 24.05 -0.61
CA TRP A 76 -28.76 23.36 0.55
C TRP A 76 -27.40 22.79 0.18
N SER A 77 -26.65 22.41 1.21
CA SER A 77 -25.33 21.83 1.07
C SER A 77 -25.34 20.31 1.14
N TYR A 78 -25.95 19.76 2.19
CA TYR A 78 -26.04 18.31 2.35
C TYR A 78 -27.31 17.97 3.13
N ILE A 79 -27.75 16.73 2.97
CA ILE A 79 -29.02 16.28 3.52
C ILE A 79 -28.80 15.68 4.90
N VAL A 80 -29.76 15.91 5.80
CA VAL A 80 -29.77 15.31 7.12
C VAL A 80 -31.09 14.56 7.30
N GLU A 81 -31.02 13.30 7.70
CA GLU A 81 -32.19 12.45 7.85
C GLU A 81 -32.14 11.73 9.18
N THR A 82 -33.26 11.71 9.89
CA THR A 82 -33.35 10.96 11.13
C THR A 82 -33.22 9.46 10.84
N PRO A 83 -32.41 8.74 11.63
CA PRO A 83 -32.18 7.31 11.32
C PRO A 83 -33.44 6.47 11.33
N ASN A 84 -34.45 6.84 12.14
CA ASN A 84 -35.72 6.11 12.20
C ASN A 84 -36.84 7.04 11.78
N PRO A 85 -37.21 7.04 10.50
CA PRO A 85 -38.29 7.92 10.03
C PRO A 85 -39.66 7.29 10.12
N GLU A 86 -40.62 8.09 10.59
CA GLU A 86 -42.01 7.64 10.67
C GLU A 86 -42.78 7.96 9.39
N ASN A 87 -42.82 9.24 9.02
CA ASN A 87 -43.62 9.69 7.89
C ASN A 87 -42.86 9.39 6.59
N GLY A 88 -43.30 8.35 5.89
CA GLY A 88 -42.79 8.03 4.58
C GLY A 88 -43.83 8.26 3.51
N THR A 89 -44.47 7.18 3.06
CA THR A 89 -45.61 7.26 2.15
C THR A 89 -46.85 6.88 2.94
N CYS A 90 -47.76 7.84 3.10
CA CYS A 90 -48.99 7.57 3.86
C CYS A 90 -49.83 6.50 3.19
N TYR A 91 -50.09 6.66 1.90
CA TYR A 91 -50.78 5.63 1.14
C TYR A 91 -49.82 4.49 0.85
N PRO A 92 -50.15 3.25 1.20
CA PRO A 92 -49.21 2.15 1.01
C PRO A 92 -48.84 2.00 -0.47
N GLY A 93 -47.59 1.66 -0.71
CA GLY A 93 -47.13 1.58 -2.09
C GLY A 93 -45.75 1.01 -2.20
N TYR A 94 -45.13 1.25 -3.36
CA TYR A 94 -43.83 0.69 -3.68
C TYR A 94 -43.14 1.64 -4.65
N PHE A 95 -42.25 2.47 -4.12
CA PHE A 95 -41.54 3.46 -4.94
C PHE A 95 -40.54 2.75 -5.84
N ALA A 96 -40.75 2.85 -7.16
CA ALA A 96 -39.92 2.13 -8.11
C ALA A 96 -38.56 2.80 -8.24
N ASP A 97 -37.50 1.99 -8.15
CA ASP A 97 -36.11 2.45 -8.27
C ASP A 97 -35.81 3.56 -7.28
N TYR A 98 -36.31 3.43 -6.05
CA TYR A 98 -36.11 4.46 -5.04
C TYR A 98 -34.64 4.62 -4.70
N GLU A 99 -33.94 3.50 -4.51
CA GLU A 99 -32.55 3.56 -4.03
C GLU A 99 -31.65 4.30 -5.00
N GLU A 100 -32.03 4.38 -6.28
CA GLU A 100 -31.31 5.19 -7.24
C GLU A 100 -31.60 6.67 -7.08
N LEU A 101 -32.83 7.02 -6.70
CA LEU A 101 -33.22 8.42 -6.59
C LEU A 101 -32.46 9.17 -5.50
N ARG A 102 -31.89 8.46 -4.52
CA ARG A 102 -31.12 9.13 -3.48
C ARG A 102 -29.73 9.55 -3.94
N GLU A 103 -29.31 9.14 -5.13
CA GLU A 103 -28.03 9.58 -5.68
C GLU A 103 -28.17 10.89 -6.46
N GLN A 104 -29.28 11.07 -7.16
CA GLN A 104 -29.51 12.32 -7.88
C GLN A 104 -29.67 13.49 -6.92
N LEU A 105 -30.38 13.29 -5.81
CA LEU A 105 -30.58 14.32 -4.81
C LEU A 105 -29.49 14.33 -3.75
N SER A 106 -28.35 13.70 -4.01
CA SER A 106 -27.24 13.76 -3.08
C SER A 106 -26.74 15.18 -2.92
N SER A 107 -26.62 15.91 -4.03
CA SER A 107 -26.19 17.30 -3.99
C SER A 107 -26.73 18.01 -5.24
N VAL A 108 -27.54 19.04 -5.04
CA VAL A 108 -28.09 19.84 -6.13
C VAL A 108 -27.85 21.30 -5.83
N SER A 109 -27.94 22.12 -6.88
CA SER A 109 -27.72 23.56 -6.76
C SER A 109 -29.03 24.32 -6.60
N SER A 110 -29.94 24.19 -7.57
CA SER A 110 -31.20 24.90 -7.55
C SER A 110 -32.36 23.91 -7.47
N PHE A 111 -33.46 24.37 -6.86
CA PHE A 111 -34.62 23.52 -6.65
C PHE A 111 -35.91 24.27 -6.97
N GLU A 112 -35.91 24.98 -8.10
CA GLU A 112 -37.08 25.73 -8.53
C GLU A 112 -38.26 24.79 -8.78
N ARG A 113 -39.31 24.92 -7.99
CA ARG A 113 -40.50 24.07 -8.11
C ARG A 113 -41.61 24.86 -8.78
N PHE A 114 -42.15 24.32 -9.87
CA PHE A 114 -43.19 24.99 -10.64
C PHE A 114 -44.27 23.97 -11.01
N GLU A 115 -45.26 24.42 -11.77
CA GLU A 115 -46.43 23.64 -12.11
C GLU A 115 -46.36 23.21 -13.58
N ILE A 116 -46.43 21.90 -13.82
CA ILE A 116 -46.52 21.42 -15.20
C ILE A 116 -47.92 21.62 -15.73
N PHE A 117 -48.92 21.13 -15.01
CA PHE A 117 -50.31 21.26 -15.41
C PHE A 117 -51.04 22.21 -14.46
N PRO A 118 -52.07 22.91 -14.93
CA PRO A 118 -52.91 23.71 -14.03
C PRO A 118 -54.09 22.91 -13.50
N LYS A 119 -54.38 23.11 -12.21
CA LYS A 119 -55.44 22.35 -11.57
C LYS A 119 -56.81 22.71 -12.13
N GLU A 120 -57.06 24.00 -12.35
CA GLU A 120 -58.40 24.48 -12.71
C GLU A 120 -58.65 24.52 -14.21
N SER A 121 -57.65 24.28 -15.05
CA SER A 121 -57.78 24.48 -16.48
C SER A 121 -57.72 23.18 -17.28
N SER A 122 -56.69 22.36 -17.08
CA SER A 122 -56.43 21.25 -17.98
C SER A 122 -57.35 20.06 -17.77
N TRP A 123 -58.18 20.06 -16.73
CA TRP A 123 -59.09 18.95 -16.44
C TRP A 123 -60.50 19.48 -16.33
N PRO A 124 -61.16 19.77 -17.46
CA PRO A 124 -62.54 20.29 -17.41
C PRO A 124 -63.59 19.21 -17.23
N ASN A 125 -63.36 18.03 -17.82
CA ASN A 125 -64.34 16.95 -17.79
C ASN A 125 -64.04 15.90 -16.74
N HIS A 126 -63.02 16.10 -15.91
CA HIS A 126 -62.62 15.13 -14.90
C HIS A 126 -62.71 15.75 -13.52
N THR A 127 -63.20 14.96 -12.57
CA THR A 127 -63.22 15.40 -11.17
C THR A 127 -61.78 15.62 -10.69
N VAL A 128 -61.54 16.77 -10.08
CA VAL A 128 -60.19 17.16 -9.68
C VAL A 128 -59.97 16.96 -8.17
N THR A 129 -60.89 16.26 -7.50
CA THR A 129 -60.77 16.02 -6.07
C THR A 129 -60.55 14.53 -5.82
N GLY A 130 -59.69 14.23 -4.85
CA GLY A 130 -59.48 12.87 -4.39
C GLY A 130 -58.96 12.85 -2.97
N VAL A 131 -59.64 12.13 -2.09
CA VAL A 131 -59.26 12.06 -0.69
C VAL A 131 -59.31 10.60 -0.23
N SER A 132 -58.62 10.33 0.88
CA SER A 132 -58.65 9.03 1.51
C SER A 132 -58.26 9.19 2.97
N ALA A 133 -58.82 8.31 3.81
CA ALA A 133 -58.59 8.43 5.25
C ALA A 133 -57.21 7.96 5.66
N SER A 134 -56.50 7.23 4.80
CA SER A 134 -55.17 6.74 5.14
C SER A 134 -54.19 7.88 5.32
N CYS A 135 -54.28 8.91 4.47
CA CYS A 135 -53.38 10.06 4.55
C CYS A 135 -54.04 11.18 5.36
N SER A 136 -54.14 10.93 6.66
CA SER A 136 -54.83 11.85 7.55
C SER A 136 -54.00 13.11 7.79
N HIS A 137 -54.69 14.23 7.96
CA HIS A 137 -54.06 15.51 8.27
C HIS A 137 -54.94 16.21 9.30
N ASN A 138 -54.56 16.10 10.57
CA ASN A 138 -55.29 16.73 11.67
C ASN A 138 -56.76 16.34 11.66
N GLY A 139 -57.02 15.06 11.43
CA GLY A 139 -58.38 14.55 11.36
C GLY A 139 -58.99 14.57 9.97
N LYS A 140 -58.97 15.73 9.32
CA LYS A 140 -59.51 15.84 7.98
C LYS A 140 -58.68 15.01 7.00
N SER A 141 -59.36 14.29 6.11
CA SER A 141 -58.70 13.45 5.14
C SER A 141 -58.22 14.27 3.95
N SER A 142 -56.99 14.04 3.53
CA SER A 142 -56.39 14.76 2.42
C SER A 142 -55.49 13.81 1.65
N PHE A 143 -54.80 14.34 0.63
CA PHE A 143 -53.89 13.57 -0.20
C PHE A 143 -52.53 14.27 -0.22
N TYR A 144 -51.66 13.80 -1.10
CA TYR A 144 -50.33 14.37 -1.21
C TYR A 144 -50.42 15.81 -1.73
N ARG A 145 -49.31 16.54 -1.59
CA ARG A 145 -49.26 17.93 -2.00
C ARG A 145 -48.67 18.12 -3.40
N ASN A 146 -48.29 17.04 -4.08
CA ASN A 146 -47.70 17.13 -5.40
C ASN A 146 -48.38 16.23 -6.43
N LEU A 147 -49.41 15.50 -6.02
CA LEU A 147 -50.11 14.58 -6.92
C LEU A 147 -51.58 14.97 -6.98
N LEU A 148 -52.27 14.47 -8.01
CA LEU A 148 -53.63 14.90 -8.32
C LEU A 148 -54.44 13.66 -8.70
N TRP A 149 -55.16 13.11 -7.74
CA TRP A 149 -55.98 11.93 -8.00
C TRP A 149 -57.17 12.30 -8.86
N LEU A 150 -57.41 11.53 -9.92
CA LEU A 150 -58.52 11.77 -10.84
C LEU A 150 -59.53 10.64 -10.77
N THR A 151 -60.81 11.00 -10.74
CA THR A 151 -61.90 10.05 -10.80
C THR A 151 -62.87 10.46 -11.89
N GLY A 152 -63.56 9.48 -12.45
CA GLY A 152 -64.57 9.77 -13.45
C GLY A 152 -65.76 10.52 -12.85
N LYS A 153 -66.40 11.32 -13.69
CA LYS A 153 -67.56 12.11 -13.27
C LYS A 153 -68.69 11.93 -14.27
N ASN A 154 -69.91 12.08 -13.77
CA ASN A 154 -71.13 11.90 -14.57
C ASN A 154 -71.18 10.50 -15.20
N GLY A 155 -70.57 9.52 -14.54
CA GLY A 155 -70.55 8.17 -15.04
C GLY A 155 -69.61 7.90 -16.19
N LEU A 156 -68.77 8.87 -16.56
CA LEU A 156 -67.89 8.75 -17.70
C LEU A 156 -66.46 9.11 -17.31
N TYR A 157 -65.51 8.35 -17.84
CA TYR A 157 -64.08 8.63 -17.71
C TYR A 157 -63.46 8.61 -19.10
N PRO A 158 -63.63 9.68 -19.87
CA PRO A 158 -63.08 9.68 -21.23
C PRO A 158 -61.56 9.60 -21.22
N ASN A 159 -61.02 8.99 -22.27
CA ASN A 159 -59.58 8.88 -22.38
C ASN A 159 -58.97 10.27 -22.57
N LEU A 160 -57.86 10.51 -21.87
CA LEU A 160 -57.19 11.79 -21.89
C LEU A 160 -55.78 11.66 -22.45
N SER A 161 -55.29 12.75 -23.01
CA SER A 161 -53.94 12.78 -23.58
C SER A 161 -53.40 14.20 -23.44
N LYS A 162 -52.62 14.43 -22.38
CA LYS A 162 -52.04 15.74 -22.11
C LYS A 162 -50.53 15.65 -22.26
N SER A 163 -49.97 16.51 -23.11
CA SER A 163 -48.55 16.52 -23.38
C SER A 163 -47.87 17.66 -22.64
N TYR A 164 -46.55 17.75 -22.80
CA TYR A 164 -45.76 18.82 -22.20
C TYR A 164 -44.43 18.91 -22.92
N VAL A 165 -43.93 20.13 -23.05
CA VAL A 165 -42.65 20.40 -23.68
C VAL A 165 -41.76 21.10 -22.66
N ASN A 166 -40.55 20.58 -22.48
CA ASN A 166 -39.61 21.15 -21.50
C ASN A 166 -39.04 22.43 -22.08
N ASN A 167 -39.73 23.54 -21.83
CA ASN A 167 -39.30 24.85 -22.33
C ASN A 167 -38.53 25.58 -21.24
N LYS A 168 -37.39 25.00 -20.87
CA LYS A 168 -36.54 25.57 -19.84
C LYS A 168 -35.09 25.20 -20.13
N GLU A 169 -34.21 25.61 -19.22
CA GLU A 169 -32.79 25.28 -19.33
C GLU A 169 -32.39 24.09 -18.48
N LYS A 170 -33.11 23.83 -17.39
CA LYS A 170 -32.74 22.80 -16.43
C LYS A 170 -33.54 21.53 -16.68
N GLU A 171 -33.09 20.45 -16.03
CA GLU A 171 -33.80 19.18 -16.11
C GLU A 171 -35.11 19.25 -15.35
N VAL A 172 -35.98 18.28 -15.62
CA VAL A 172 -37.29 18.21 -14.97
C VAL A 172 -37.48 16.80 -14.41
N LEU A 173 -37.90 16.73 -13.15
CA LEU A 173 -38.16 15.46 -12.46
C LEU A 173 -39.66 15.38 -12.23
N VAL A 174 -40.35 14.60 -13.05
CA VAL A 174 -41.81 14.50 -13.02
C VAL A 174 -42.19 13.12 -12.48
N LEU A 175 -43.00 13.11 -11.43
CA LEU A 175 -43.46 11.87 -10.81
C LEU A 175 -44.93 11.68 -11.10
N TRP A 176 -45.32 10.43 -11.37
CA TRP A 176 -46.72 10.07 -11.54
C TRP A 176 -46.96 8.78 -10.80
N GLY A 177 -48.12 8.18 -10.99
CA GLY A 177 -48.42 6.94 -10.30
C GLY A 177 -49.44 6.07 -11.01
N VAL A 178 -49.70 4.89 -10.45
CA VAL A 178 -50.77 4.02 -10.92
C VAL A 178 -51.56 3.60 -9.70
N HIS A 179 -52.83 3.24 -9.91
CA HIS A 179 -53.71 2.85 -8.82
C HIS A 179 -54.24 1.45 -9.07
N HIS A 180 -53.92 0.51 -8.19
CA HIS A 180 -54.41 -0.85 -8.29
C HIS A 180 -55.59 -1.00 -7.33
N PRO A 181 -56.82 -1.10 -7.81
CA PRO A 181 -57.96 -1.21 -6.90
C PRO A 181 -57.95 -2.53 -6.17
N PRO A 182 -58.57 -2.59 -4.98
CA PRO A 182 -58.53 -3.85 -4.21
C PRO A 182 -59.36 -4.96 -4.82
N ASN A 183 -60.58 -4.66 -5.26
CA ASN A 183 -61.43 -5.66 -5.88
C ASN A 183 -62.03 -5.08 -7.16
N ILE A 184 -62.60 -5.97 -7.98
CA ILE A 184 -63.21 -5.53 -9.23
C ILE A 184 -64.40 -4.62 -8.99
N GLY A 185 -65.00 -4.68 -7.80
CA GLY A 185 -66.11 -3.78 -7.49
C GLY A 185 -65.71 -2.33 -7.54
N ASN A 186 -64.57 -1.99 -6.90
CA ASN A 186 -64.05 -0.64 -6.98
C ASN A 186 -63.69 -0.28 -8.41
N GLN A 187 -63.17 -1.24 -9.17
CA GLN A 187 -62.80 -0.98 -10.56
C GLN A 187 -64.02 -0.59 -11.39
N ARG A 188 -65.15 -1.27 -11.20
CA ARG A 188 -66.36 -0.86 -11.91
C ARG A 188 -66.88 0.47 -11.38
N ALA A 189 -66.86 0.66 -10.06
CA ALA A 189 -67.49 1.83 -9.46
C ALA A 189 -66.77 3.12 -9.87
N LEU A 190 -65.45 3.16 -9.68
CA LEU A 190 -64.73 4.42 -9.84
C LEU A 190 -64.63 4.84 -11.30
N TYR A 191 -64.25 3.91 -12.18
CA TYR A 191 -63.85 4.25 -13.54
C TYR A 191 -64.80 3.73 -14.61
N HIS A 192 -65.83 2.97 -14.24
CA HIS A 192 -66.84 2.48 -15.18
C HIS A 192 -66.20 1.71 -16.34
N THR A 193 -65.22 0.87 -16.01
CA THR A 193 -64.52 0.08 -17.02
C THR A 193 -63.96 -1.18 -16.39
N GLU A 194 -63.65 -2.15 -17.24
CA GLU A 194 -63.07 -3.40 -16.79
C GLU A 194 -61.55 -3.42 -16.89
N ASN A 195 -61.01 -2.90 -17.99
CA ASN A 195 -59.57 -2.89 -18.21
C ASN A 195 -59.14 -1.48 -18.63
N ALA A 196 -57.91 -1.14 -18.28
CA ALA A 196 -57.37 0.17 -18.62
C ALA A 196 -55.85 0.04 -18.74
N TYR A 197 -55.25 1.00 -19.42
CA TYR A 197 -53.82 1.00 -19.68
C TYR A 197 -53.28 2.40 -19.49
N VAL A 198 -52.20 2.51 -18.71
CA VAL A 198 -51.50 3.77 -18.52
C VAL A 198 -50.19 3.70 -19.27
N SER A 199 -49.96 4.65 -20.17
CA SER A 199 -48.77 4.66 -21.01
C SER A 199 -48.17 6.05 -21.04
N VAL A 200 -46.87 6.14 -20.79
CA VAL A 200 -46.13 7.39 -20.90
C VAL A 200 -45.04 7.20 -21.95
N VAL A 201 -44.92 8.17 -22.86
CA VAL A 201 -43.96 8.11 -23.95
C VAL A 201 -43.16 9.40 -23.98
N SER A 202 -41.86 9.27 -24.18
CA SER A 202 -40.97 10.42 -24.28
C SER A 202 -39.95 10.13 -25.39
N SER A 203 -38.88 10.91 -25.42
CA SER A 203 -37.87 10.73 -26.46
C SER A 203 -37.21 9.36 -26.37
N HIS A 204 -36.91 8.91 -25.14
CA HIS A 204 -36.27 7.60 -24.95
C HIS A 204 -37.04 6.67 -24.03
N TYR A 205 -38.06 7.17 -23.32
CA TYR A 205 -38.79 6.38 -22.34
C TYR A 205 -40.12 5.92 -22.93
N SER A 206 -40.53 4.71 -22.58
CA SER A 206 -41.81 4.18 -23.00
C SER A 206 -42.15 2.96 -22.16
N ARG A 207 -43.38 2.93 -21.64
CA ARG A 207 -43.85 1.78 -20.86
C ARG A 207 -45.36 1.72 -20.99
N ARG A 208 -45.93 0.57 -20.61
CA ARG A 208 -47.38 0.39 -20.61
C ARG A 208 -47.74 -0.41 -19.36
N PHE A 209 -48.14 0.30 -18.31
CA PHE A 209 -48.55 -0.34 -17.07
C PHE A 209 -50.00 -0.79 -17.18
N THR A 210 -50.34 -1.81 -16.38
CA THR A 210 -51.68 -2.38 -16.38
C THR A 210 -52.13 -2.56 -14.94
N PRO A 211 -53.26 -1.99 -14.54
CA PRO A 211 -53.77 -2.20 -13.18
C PRO A 211 -54.15 -3.66 -12.96
N GLU A 212 -53.41 -4.32 -12.06
CA GLU A 212 -53.60 -5.73 -11.78
C GLU A 212 -54.45 -5.86 -10.52
N ILE A 213 -55.75 -6.13 -10.71
CA ILE A 213 -56.67 -6.26 -9.60
C ILE A 213 -56.48 -7.64 -8.95
N ALA A 214 -56.44 -7.66 -7.62
CA ALA A 214 -56.28 -8.89 -6.87
C ALA A 214 -56.46 -8.58 -5.39
N LYS A 215 -56.96 -9.56 -4.64
CA LYS A 215 -57.09 -9.41 -3.20
C LYS A 215 -55.72 -9.39 -2.54
N ARG A 216 -55.54 -8.47 -1.59
CA ARG A 216 -54.25 -8.26 -0.95
C ARG A 216 -54.45 -8.17 0.56
N PRO A 217 -53.44 -8.57 1.34
CA PRO A 217 -53.56 -8.46 2.79
C PRO A 217 -53.55 -7.01 3.24
N LYS A 218 -54.21 -6.76 4.38
CA LYS A 218 -54.38 -5.40 4.86
C LYS A 218 -53.08 -4.86 5.45
N VAL A 219 -52.67 -3.68 4.99
CA VAL A 219 -51.55 -2.95 5.57
C VAL A 219 -51.96 -1.50 5.72
N ARG A 220 -51.63 -0.90 6.87
CA ARG A 220 -52.01 0.48 7.17
C ARG A 220 -53.51 0.70 6.99
N ASP A 221 -54.29 -0.31 7.36
CA ASP A 221 -55.75 -0.30 7.21
C ASP A 221 -56.16 0.01 5.77
N GLN A 222 -55.45 -0.60 4.82
CA GLN A 222 -55.71 -0.38 3.40
C GLN A 222 -55.66 -1.71 2.67
N GLU A 223 -56.36 -1.78 1.54
CA GLU A 223 -56.37 -2.96 0.69
C GLU A 223 -55.89 -2.70 -0.72
N GLY A 224 -56.07 -1.49 -1.25
CA GLY A 224 -55.48 -1.13 -2.52
C GLY A 224 -54.03 -0.73 -2.39
N ARG A 225 -53.39 -0.53 -3.54
CA ARG A 225 -51.99 -0.14 -3.55
C ARG A 225 -51.76 0.88 -4.64
N ILE A 226 -50.60 1.52 -4.59
CA ILE A 226 -50.19 2.52 -5.56
C ILE A 226 -48.72 2.31 -5.88
N ASN A 227 -48.36 2.41 -7.15
CA ASN A 227 -46.97 2.35 -7.57
C ASN A 227 -46.55 3.72 -8.07
N TYR A 228 -45.42 4.20 -7.57
CA TYR A 228 -44.87 5.49 -7.98
C TYR A 228 -43.71 5.29 -8.93
N TYR A 229 -43.61 6.14 -9.94
CA TYR A 229 -42.49 6.12 -10.88
C TYR A 229 -41.89 7.51 -10.95
N TRP A 230 -40.79 7.63 -11.69
CA TRP A 230 -40.13 8.92 -11.86
C TRP A 230 -39.27 8.87 -13.11
N THR A 231 -38.93 10.05 -13.61
CA THR A 231 -38.09 10.13 -14.80
C THR A 231 -37.46 11.51 -14.87
N LEU A 232 -36.47 11.63 -15.76
CA LEU A 232 -35.76 12.89 -15.99
C LEU A 232 -35.87 13.26 -17.46
N LEU A 233 -36.29 14.49 -17.73
CA LEU A 233 -36.40 15.00 -19.10
C LEU A 233 -35.28 16.00 -19.33
N GLU A 234 -34.45 15.74 -20.34
CA GLU A 234 -33.43 16.70 -20.72
C GLU A 234 -34.08 17.91 -21.38
N PRO A 235 -33.41 19.06 -21.34
CA PRO A 235 -33.98 20.25 -21.98
C PRO A 235 -34.24 20.02 -23.47
N GLY A 236 -35.38 20.53 -23.93
CA GLY A 236 -35.79 20.37 -25.31
C GLY A 236 -36.59 19.12 -25.60
N ASP A 237 -36.75 18.22 -24.64
CA ASP A 237 -37.49 16.99 -24.85
C ASP A 237 -38.96 17.16 -24.48
N THR A 238 -39.76 16.18 -24.85
CA THR A 238 -41.20 16.20 -24.64
C THR A 238 -41.63 14.94 -23.92
N ILE A 239 -42.82 15.00 -23.31
CA ILE A 239 -43.42 13.86 -22.62
C ILE A 239 -44.89 13.84 -22.98
N ILE A 240 -45.48 12.64 -22.99
CA ILE A 240 -46.88 12.46 -23.35
C ILE A 240 -47.52 11.49 -22.36
N PHE A 241 -48.65 11.89 -21.79
CA PHE A 241 -49.41 11.06 -20.87
C PHE A 241 -50.70 10.62 -21.58
N GLU A 242 -50.77 9.35 -21.95
CA GLU A 242 -51.97 8.78 -22.54
C GLU A 242 -52.48 7.68 -21.62
N ALA A 243 -53.73 7.79 -21.19
CA ALA A 243 -54.27 6.84 -20.23
C ALA A 243 -55.77 6.69 -20.45
N ASN A 244 -56.29 5.56 -19.99
CA ASN A 244 -57.72 5.27 -20.06
C ASN A 244 -58.33 5.05 -18.68
N GLY A 245 -57.51 4.99 -17.64
CA GLY A 245 -58.00 4.79 -16.29
C GLY A 245 -56.88 4.45 -15.34
N ASN A 246 -57.18 4.59 -14.05
CA ASN A 246 -56.22 4.30 -12.98
C ASN A 246 -54.92 5.08 -13.17
N LEU A 247 -55.04 6.40 -13.10
CA LEU A 247 -53.90 7.28 -13.24
C LEU A 247 -53.91 8.31 -12.13
N ILE A 248 -52.71 8.70 -11.69
CA ILE A 248 -52.52 9.76 -10.72
C ILE A 248 -51.58 10.77 -11.37
N ALA A 249 -52.16 11.78 -12.02
CA ALA A 249 -51.38 12.67 -12.86
C ALA A 249 -50.45 13.54 -12.02
N PRO A 250 -49.33 13.97 -12.57
CA PRO A 250 -48.45 14.88 -11.85
C PRO A 250 -49.07 16.26 -11.75
N TRP A 251 -48.63 17.00 -10.73
CA TRP A 251 -49.08 18.37 -10.51
C TRP A 251 -47.94 19.37 -10.38
N TYR A 252 -46.80 18.96 -9.85
CA TYR A 252 -45.65 19.84 -9.68
C TYR A 252 -44.39 19.08 -10.08
N ALA A 253 -43.35 19.83 -10.42
CA ALA A 253 -42.06 19.26 -10.78
C ALA A 253 -40.96 20.04 -10.09
N PHE A 254 -39.81 19.39 -9.94
CA PHE A 254 -38.66 19.97 -9.26
C PHE A 254 -37.56 20.17 -10.29
N ALA A 255 -37.52 21.36 -10.90
CA ALA A 255 -36.55 21.68 -11.95
C ALA A 255 -35.19 21.90 -11.30
N LEU A 256 -34.48 20.79 -11.11
CA LEU A 256 -33.20 20.80 -10.42
C LEU A 256 -32.04 20.84 -11.40
N SER A 257 -30.92 21.39 -10.94
CA SER A 257 -29.69 21.46 -11.71
C SER A 257 -28.55 20.97 -10.84
N ARG A 258 -27.96 19.83 -11.22
CA ARG A 258 -26.87 19.25 -10.46
C ARG A 258 -25.61 20.11 -10.55
N GLY A 263 -23.69 14.77 -0.03
CA GLY A 263 -24.09 13.45 0.42
C GLY A 263 -25.26 13.48 1.38
N ILE A 264 -25.58 12.32 1.94
CA ILE A 264 -26.67 12.17 2.89
C ILE A 264 -26.14 11.44 4.13
N ILE A 265 -26.41 12.01 5.31
CA ILE A 265 -25.95 11.44 6.57
C ILE A 265 -27.12 11.41 7.55
N THR A 266 -26.96 10.57 8.58
CA THR A 266 -28.00 10.38 9.59
C THR A 266 -27.42 10.71 10.96
N SER A 267 -28.00 11.69 11.63
CA SER A 267 -27.55 12.07 12.97
C SER A 267 -28.66 12.83 13.68
N ASN A 268 -28.74 12.65 14.99
CA ASN A 268 -29.73 13.32 15.81
C ASN A 268 -29.20 14.57 16.49
N ALA A 269 -27.97 14.96 16.21
CA ALA A 269 -27.38 16.12 16.87
C ALA A 269 -28.02 17.41 16.36
N PRO A 270 -28.09 18.45 17.20
CA PRO A 270 -28.65 19.73 16.74
C PRO A 270 -27.70 20.47 15.80
N MET A 271 -28.08 21.69 15.41
CA MET A 271 -27.30 22.47 14.46
C MET A 271 -27.02 23.86 15.04
N ASP A 272 -25.92 24.45 14.59
CA ASP A 272 -25.52 25.78 15.01
C ASP A 272 -24.57 26.35 13.96
N GLU A 273 -24.46 27.67 13.94
CA GLU A 273 -23.55 28.32 13.01
C GLU A 273 -22.11 27.92 13.31
N CYS A 274 -21.32 27.70 12.26
CA CYS A 274 -19.97 27.19 12.41
C CYS A 274 -19.15 27.62 11.20
N ASP A 275 -17.86 27.27 11.25
CA ASP A 275 -16.97 27.31 10.08
C ASP A 275 -16.16 26.03 10.14
N ALA A 276 -16.67 24.97 9.49
CA ALA A 276 -16.11 23.65 9.61
C ALA A 276 -15.60 23.17 8.25
N LYS A 277 -14.65 22.24 8.30
CA LYS A 277 -14.04 21.70 7.09
C LYS A 277 -14.73 20.46 6.58
N CYS A 278 -15.26 19.63 7.48
CA CYS A 278 -16.00 18.42 7.09
C CYS A 278 -16.98 18.10 8.20
N GLN A 279 -17.68 16.99 8.05
CA GLN A 279 -18.73 16.58 8.98
C GLN A 279 -18.58 15.11 9.32
N THR A 280 -19.42 14.65 10.24
CA THR A 280 -19.44 13.28 10.74
C THR A 280 -20.73 13.11 11.54
N PRO A 281 -21.38 11.96 11.47
CA PRO A 281 -22.62 11.79 12.24
C PRO A 281 -22.48 12.07 13.73
N GLN A 282 -21.30 11.81 14.30
CA GLN A 282 -21.08 12.12 15.70
C GLN A 282 -20.93 13.62 15.96
N GLY A 283 -20.54 14.39 14.95
CA GLY A 283 -20.37 15.82 15.11
C GLY A 283 -19.40 16.35 14.08
N ALA A 284 -18.93 17.58 14.33
CA ALA A 284 -17.99 18.23 13.45
C ALA A 284 -16.56 17.97 13.90
N ILE A 285 -15.61 18.22 13.00
CA ILE A 285 -14.19 18.04 13.26
C ILE A 285 -13.48 19.34 12.94
N ASN A 286 -12.62 19.79 13.86
CA ASN A 286 -11.93 21.06 13.71
C ASN A 286 -10.44 20.94 13.45
N SER A 287 -9.85 19.76 13.65
CA SER A 287 -8.41 19.60 13.54
C SER A 287 -7.98 19.51 12.07
N SER A 288 -6.67 19.58 11.86
CA SER A 288 -6.08 19.49 10.52
C SER A 288 -4.94 18.48 10.48
N LEU A 289 -4.86 17.60 11.48
CA LEU A 289 -3.87 16.55 11.49
C LEU A 289 -4.16 15.55 10.37
N PRO A 290 -3.15 14.83 9.88
CA PRO A 290 -3.33 13.98 8.69
C PRO A 290 -3.97 12.62 8.96
N PHE A 291 -4.60 12.41 10.12
CA PHE A 291 -5.25 11.13 10.39
C PHE A 291 -6.43 11.36 11.33
N GLN A 292 -7.24 10.31 11.49
CA GLN A 292 -8.38 10.35 12.40
C GLN A 292 -8.81 8.93 12.69
N ASN A 293 -9.48 8.74 13.83
CA ASN A 293 -10.00 7.43 14.19
C ASN A 293 -11.38 7.53 14.83
N VAL A 294 -12.17 8.52 14.44
CA VAL A 294 -13.48 8.73 15.06
C VAL A 294 -14.60 8.02 14.29
N HIS A 295 -14.60 8.11 12.95
CA HIS A 295 -15.66 7.50 12.17
C HIS A 295 -15.26 7.43 10.70
N PRO A 296 -15.37 6.26 10.06
CA PRO A 296 -15.07 6.17 8.63
C PRO A 296 -15.99 7.02 7.76
N VAL A 297 -17.26 7.16 8.14
CA VAL A 297 -18.21 7.91 7.32
C VAL A 297 -17.96 9.40 7.49
N THR A 298 -17.74 10.09 6.37
CA THR A 298 -17.40 11.50 6.42
C THR A 298 -17.70 12.11 5.05
N ILE A 299 -18.20 13.35 5.06
CA ILE A 299 -18.42 14.12 3.85
C ILE A 299 -17.60 15.39 3.95
N GLY A 300 -16.69 15.59 2.98
CA GLY A 300 -15.87 16.77 2.93
C GLY A 300 -14.41 16.41 2.77
N GLU A 301 -13.55 17.37 3.09
CA GLU A 301 -12.10 17.20 2.98
C GLU A 301 -11.56 16.94 4.40
N CYS A 302 -11.52 15.66 4.77
CA CYS A 302 -11.03 15.23 6.07
C CYS A 302 -10.13 14.01 5.87
N PRO A 303 -9.25 13.74 6.84
CA PRO A 303 -8.26 12.66 6.63
C PRO A 303 -8.87 11.27 6.65
N LYS A 304 -8.01 10.26 6.54
CA LYS A 304 -8.45 8.89 6.41
C LYS A 304 -8.93 8.34 7.75
N TYR A 305 -9.25 7.05 7.77
CA TYR A 305 -9.65 6.34 8.97
C TYR A 305 -8.60 5.29 9.30
N VAL A 306 -8.12 5.28 10.53
CA VAL A 306 -7.06 4.38 10.98
C VAL A 306 -7.49 3.72 12.27
N ARG A 307 -7.39 2.39 12.32
CA ARG A 307 -7.83 1.64 13.49
C ARG A 307 -6.83 1.70 14.64
N SER A 308 -5.62 2.19 14.41
CA SER A 308 -4.62 2.23 15.46
C SER A 308 -5.04 3.19 16.57
N ALA A 309 -4.64 2.87 17.80
CA ALA A 309 -5.09 3.63 18.97
C ALA A 309 -4.42 5.00 19.02
N LYS A 310 -3.10 5.03 19.16
CA LYS A 310 -2.38 6.28 19.30
C LYS A 310 -1.02 6.16 18.62
N LEU A 311 -0.58 7.27 18.04
CA LEU A 311 0.74 7.33 17.40
C LEU A 311 1.22 8.77 17.44
N ARG A 312 2.51 8.95 17.69
CA ARG A 312 3.11 10.28 17.77
C ARG A 312 4.56 10.22 17.31
N MET A 313 5.07 11.36 16.89
CA MET A 313 6.39 11.47 16.31
C MET A 313 7.37 12.02 17.35
N VAL A 314 8.66 11.92 17.03
CA VAL A 314 9.73 12.39 17.91
C VAL A 314 10.46 13.53 17.21
N THR A 315 10.57 14.66 17.88
CA THR A 315 11.40 15.79 17.44
C THR A 315 12.24 16.29 18.60
N GLY A 316 12.80 15.39 19.37
CA GLY A 316 13.60 15.74 20.53
C GLY A 316 14.74 14.77 20.71
N LEU A 317 15.23 14.67 21.95
CA LEU A 317 16.33 13.78 22.31
C LEU A 317 15.85 12.79 23.35
N ARG A 318 16.77 11.92 23.78
CA ARG A 318 16.48 11.05 24.93
C ARG A 318 16.50 11.89 26.21
N ASN A 319 15.59 11.55 27.13
CA ASN A 319 15.36 12.35 28.32
C ASN A 319 15.81 11.57 29.55
N ILE A 320 16.89 12.02 30.18
CA ILE A 320 17.32 11.53 31.48
C ILE A 320 17.75 12.74 32.31
N PRO A 321 17.03 13.08 33.37
CA PRO A 321 17.35 14.32 34.10
C PRO A 321 18.77 14.35 34.66
N SER A 322 19.29 13.21 35.12
CA SER A 322 20.63 13.13 35.69
C SER A 322 20.84 14.11 36.84
N GLY B 4 30.47 18.92 40.38
CA GLY B 4 30.60 20.10 39.53
C GLY B 4 29.98 19.92 38.16
N ALA B 5 30.74 20.27 37.12
CA ALA B 5 30.27 20.15 35.74
C ALA B 5 30.49 18.72 35.25
N ILE B 6 29.61 17.84 35.72
CA ILE B 6 29.69 16.43 35.36
C ILE B 6 29.49 16.27 33.85
N ALA B 7 30.20 15.31 33.27
CA ALA B 7 30.14 15.08 31.83
C ALA B 7 28.71 14.81 31.38
N GLY B 8 28.35 15.34 30.21
CA GLY B 8 26.99 15.30 29.76
C GLY B 8 26.58 14.16 28.84
N PHE B 9 27.29 13.98 27.73
CA PHE B 9 26.75 13.18 26.64
C PHE B 9 26.97 11.68 26.80
N ILE B 10 27.66 11.24 27.87
CA ILE B 10 27.68 9.83 28.21
C ILE B 10 26.65 9.46 29.26
N GLU B 11 25.84 10.44 29.69
CA GLU B 11 24.79 10.23 30.68
C GLU B 11 23.59 11.04 30.23
N GLY B 12 22.64 11.24 31.14
CA GLY B 12 21.57 12.18 30.87
C GLY B 12 22.09 13.61 30.79
N GLY B 13 21.43 14.40 29.97
CA GLY B 13 21.85 15.78 29.78
C GLY B 13 21.53 16.64 30.99
N TRP B 14 22.02 17.87 30.95
CA TRP B 14 21.78 18.81 32.03
C TRP B 14 20.35 19.31 31.98
N THR B 15 20.04 20.24 32.88
CA THR B 15 18.73 20.87 32.93
C THR B 15 18.78 22.39 32.90
N GLY B 16 19.94 22.98 33.13
CA GLY B 16 20.09 24.42 33.15
C GLY B 16 20.23 25.08 31.79
N MET B 17 20.23 24.31 30.71
CA MET B 17 20.33 24.86 29.37
C MET B 17 18.93 24.97 28.77
N VAL B 18 18.55 26.17 28.38
CA VAL B 18 17.22 26.45 27.86
C VAL B 18 17.25 26.70 26.35
N ASP B 19 18.16 27.56 25.90
CA ASP B 19 18.25 27.92 24.48
C ASP B 19 19.22 26.98 23.77
N GLY B 20 18.70 26.23 22.81
CA GLY B 20 19.53 25.32 22.04
C GLY B 20 19.56 23.93 22.63
N TRP B 21 19.65 22.91 21.77
CA TRP B 21 19.71 21.54 22.24
C TRP B 21 21.12 21.17 22.71
N TYR B 22 22.07 21.19 21.79
CA TYR B 22 23.45 20.86 22.11
C TYR B 22 24.18 22.11 22.59
N GLY B 23 24.98 21.96 23.63
CA GLY B 23 25.64 23.11 24.21
C GLY B 23 27.04 22.83 24.70
N TYR B 24 27.54 23.70 25.56
CA TYR B 24 28.88 23.57 26.13
C TYR B 24 28.82 23.83 27.63
N HIS B 25 29.99 23.98 28.25
CA HIS B 25 30.08 24.47 29.62
C HIS B 25 31.40 25.22 29.72
N HIS B 26 31.34 26.53 29.52
CA HIS B 26 32.55 27.36 29.42
C HIS B 26 33.07 27.70 30.81
N GLN B 27 33.34 26.65 31.59
CA GLN B 27 33.86 26.83 32.93
C GLN B 27 35.26 27.44 32.88
N ASN B 28 35.53 28.33 33.83
CA ASN B 28 36.81 29.02 33.93
C ASN B 28 36.84 29.72 35.28
N GLU B 29 37.92 30.45 35.53
CA GLU B 29 37.99 31.27 36.72
C GLU B 29 37.01 32.42 36.62
N GLN B 30 36.20 32.61 37.67
CA GLN B 30 35.15 33.63 37.76
C GLN B 30 34.39 33.80 36.45
N GLY B 31 34.11 32.68 35.77
CA GLY B 31 33.39 32.73 34.51
C GLY B 31 32.43 31.57 34.33
N SER B 32 32.04 30.94 35.43
CA SER B 32 31.14 29.80 35.34
C SER B 32 29.78 30.21 34.78
N GLY B 33 29.19 29.33 33.98
CA GLY B 33 27.92 29.62 33.35
C GLY B 33 27.74 28.89 32.04
N TYR B 34 26.54 28.37 31.80
CA TYR B 34 26.29 27.56 30.60
C TYR B 34 26.36 28.43 29.35
N ALA B 35 26.22 27.78 28.21
CA ALA B 35 26.24 28.45 26.92
C ALA B 35 25.53 27.57 25.91
N ALA B 36 25.67 27.89 24.63
CA ALA B 36 25.09 27.07 23.58
C ALA B 36 25.86 27.28 22.30
N ASP B 37 25.78 26.30 21.41
CA ASP B 37 26.42 26.35 20.11
C ASP B 37 25.39 26.82 19.09
N GLN B 38 25.76 27.80 18.27
CA GLN B 38 24.83 28.46 17.36
C GLN B 38 25.06 28.06 15.91
N LYS B 39 25.60 26.85 15.68
CA LYS B 39 25.85 26.38 14.33
C LYS B 39 25.38 24.95 14.05
N SER B 40 25.19 24.13 15.09
CA SER B 40 24.73 22.76 14.88
C SER B 40 23.24 22.60 15.17
N THR B 41 22.76 23.26 16.23
CA THR B 41 21.34 23.16 16.56
C THR B 41 20.48 23.74 15.45
N GLN B 42 20.99 24.74 14.72
CA GLN B 42 20.24 25.30 13.60
C GLN B 42 20.09 24.28 12.48
N ASN B 43 21.17 23.55 12.17
CA ASN B 43 21.08 22.50 11.16
C ASN B 43 20.12 21.40 11.60
N ALA B 44 20.18 21.01 12.87
CA ALA B 44 19.26 20.00 13.37
C ALA B 44 17.82 20.47 13.26
N ILE B 45 17.57 21.73 13.59
CA ILE B 45 16.21 22.30 13.50
C ILE B 45 15.73 22.26 12.06
N ASN B 46 16.59 22.68 11.13
CA ASN B 46 16.21 22.67 9.72
C ASN B 46 15.84 21.27 9.26
N GLN B 47 16.69 20.29 9.60
CA GLN B 47 16.45 18.93 9.12
C GLN B 47 15.18 18.34 9.74
N ILE B 48 14.96 18.58 11.04
CA ILE B 48 13.77 18.05 11.69
C ILE B 48 12.50 18.67 11.10
N THR B 49 12.52 19.99 10.88
CA THR B 49 11.36 20.64 10.28
C THR B 49 11.11 20.10 8.88
N ASN B 50 12.17 19.90 8.10
CA ASN B 50 11.99 19.34 6.75
C ASN B 50 11.37 17.96 6.80
N LYS B 51 11.85 17.10 7.71
CA LYS B 51 11.31 15.75 7.80
C LYS B 51 9.85 15.77 8.19
N VAL B 52 9.49 16.56 9.20
CA VAL B 52 8.10 16.60 9.65
C VAL B 52 7.19 17.14 8.55
N ASN B 53 7.62 18.21 7.87
CA ASN B 53 6.81 18.78 6.80
C ASN B 53 6.63 17.79 5.65
N SER B 54 7.70 17.09 5.28
CA SER B 54 7.60 16.09 4.21
C SER B 54 6.65 14.98 4.59
N VAL B 55 6.68 14.53 5.85
CA VAL B 55 5.77 13.48 6.27
C VAL B 55 4.33 13.97 6.24
N ILE B 56 4.09 15.20 6.70
CA ILE B 56 2.71 15.66 6.89
C ILE B 56 2.07 16.05 5.56
N GLU B 57 2.71 16.96 4.81
CA GLU B 57 2.08 17.62 3.68
C GLU B 57 2.14 16.84 2.37
N LYS B 58 2.35 15.52 2.43
CA LYS B 58 2.48 14.73 1.20
C LYS B 58 1.15 14.24 0.66
N MET B 59 0.14 14.10 1.50
CA MET B 59 -1.13 13.51 1.08
C MET B 59 -2.16 14.58 0.73
N ASN B 60 -3.25 14.14 0.12
CA ASN B 60 -4.35 15.02 -0.26
C ASN B 60 -5.65 14.26 -0.13
N THR B 61 -6.75 15.02 0.00
CA THR B 61 -8.07 14.45 0.15
C THR B 61 -9.06 15.25 -0.70
N GLN B 62 -10.16 14.61 -1.08
CA GLN B 62 -11.17 15.23 -1.91
C GLN B 62 -12.56 14.84 -1.41
N PHE B 63 -13.58 15.43 -2.02
CA PHE B 63 -14.95 15.22 -1.59
C PHE B 63 -15.40 13.80 -1.90
N THR B 64 -16.21 13.24 -0.99
CA THR B 64 -16.76 11.91 -1.15
C THR B 64 -17.92 11.74 -0.17
N ALA B 65 -18.64 10.63 -0.33
CA ALA B 65 -19.74 10.25 0.58
C ALA B 65 -19.71 8.72 0.65
N VAL B 66 -19.07 8.20 1.70
CA VAL B 66 -18.89 6.75 1.82
C VAL B 66 -20.24 6.06 1.97
N GLY B 67 -21.15 6.65 2.75
CA GLY B 67 -22.43 6.04 3.01
C GLY B 67 -23.32 5.87 1.80
N LYS B 68 -23.70 4.64 1.51
CA LYS B 68 -24.68 4.34 0.46
C LYS B 68 -25.34 3.02 0.79
N GLU B 69 -26.62 2.91 0.44
CA GLU B 69 -27.44 1.78 0.85
C GLU B 69 -27.96 1.04 -0.38
N PHE B 70 -28.41 -0.19 -0.15
CA PHE B 70 -29.06 -1.01 -1.15
C PHE B 70 -30.26 -1.71 -0.52
N ASN B 71 -31.10 -2.29 -1.37
CA ASN B 71 -32.26 -3.04 -0.90
C ASN B 71 -31.87 -4.50 -0.67
N LYS B 72 -32.87 -5.36 -0.47
CA LYS B 72 -32.64 -6.76 -0.20
C LYS B 72 -32.35 -7.59 -1.45
N LEU B 73 -32.61 -7.04 -2.63
CA LEU B 73 -32.45 -7.81 -3.87
C LEU B 73 -31.00 -7.95 -4.28
N GLU B 74 -30.15 -6.98 -3.97
CA GLU B 74 -28.81 -6.92 -4.56
C GLU B 74 -27.71 -6.98 -3.50
N ARG B 75 -27.80 -7.94 -2.58
CA ARG B 75 -26.77 -8.11 -1.57
C ARG B 75 -25.39 -8.39 -2.18
N ARG B 76 -25.35 -8.87 -3.42
CA ARG B 76 -24.07 -9.14 -4.08
C ARG B 76 -23.21 -7.89 -4.17
N MET B 77 -23.83 -6.72 -4.34
CA MET B 77 -23.07 -5.49 -4.45
C MET B 77 -22.57 -5.02 -3.09
N GLU B 78 -23.38 -5.20 -2.03
CA GLU B 78 -22.94 -4.83 -0.70
C GLU B 78 -21.76 -5.70 -0.25
N ASN B 79 -21.79 -6.99 -0.58
CA ASN B 79 -20.70 -7.88 -0.21
C ASN B 79 -19.38 -7.49 -0.87
N LEU B 80 -19.42 -6.66 -1.91
CA LEU B 80 -18.23 -6.14 -2.57
C LEU B 80 -17.83 -4.76 -2.08
N ASN B 81 -18.81 -3.90 -1.84
CA ASN B 81 -18.50 -2.58 -1.27
C ASN B 81 -17.85 -2.72 0.10
N LYS B 82 -18.37 -3.61 0.95
CA LYS B 82 -17.75 -3.84 2.24
C LYS B 82 -16.32 -4.34 2.08
N LYS B 83 -16.09 -5.23 1.11
CA LYS B 83 -14.76 -5.79 0.90
C LYS B 83 -13.75 -4.71 0.51
N VAL B 84 -14.12 -3.85 -0.44
CA VAL B 84 -13.17 -2.83 -0.88
C VAL B 84 -12.91 -1.81 0.23
N ASP B 85 -13.96 -1.45 0.99
CA ASP B 85 -13.76 -0.52 2.09
C ASP B 85 -12.82 -1.11 3.14
N ASP B 86 -13.01 -2.39 3.48
CA ASP B 86 -12.11 -3.02 4.45
C ASP B 86 -10.69 -3.10 3.93
N GLY B 87 -10.52 -3.38 2.63
CA GLY B 87 -9.18 -3.45 2.08
C GLY B 87 -8.44 -2.14 2.22
N PHE B 88 -9.09 -1.03 1.85
CA PHE B 88 -8.43 0.27 2.02
C PHE B 88 -8.16 0.58 3.49
N LEU B 89 -9.14 0.27 4.35
CA LEU B 89 -9.02 0.55 5.78
C LEU B 89 -7.89 -0.24 6.42
N ASP B 90 -7.52 -1.38 5.85
CA ASP B 90 -6.37 -2.14 6.36
C ASP B 90 -5.06 -1.62 5.80
N ILE B 91 -5.02 -1.34 4.49
CA ILE B 91 -3.78 -0.89 3.86
C ILE B 91 -3.28 0.40 4.52
N TRP B 92 -4.19 1.34 4.78
CA TRP B 92 -3.76 2.63 5.28
C TRP B 92 -3.10 2.53 6.65
N THR B 93 -3.70 1.77 7.57
CA THR B 93 -3.09 1.60 8.88
C THR B 93 -1.77 0.86 8.78
N TYR B 94 -1.71 -0.21 7.97
CA TYR B 94 -0.45 -0.94 7.89
C TYR B 94 0.66 -0.11 7.26
N ASN B 95 0.32 0.93 6.50
CA ASN B 95 1.34 1.85 6.03
C ASN B 95 1.77 2.82 7.12
N ALA B 96 0.79 3.48 7.74
CA ALA B 96 1.11 4.57 8.68
C ALA B 96 1.88 4.07 9.90
N GLU B 97 1.47 2.92 10.44
CA GLU B 97 2.10 2.42 11.65
C GLU B 97 3.59 2.19 11.44
N LEU B 98 3.95 1.50 10.35
CA LEU B 98 5.36 1.26 10.06
C LEU B 98 6.10 2.54 9.71
N LEU B 99 5.45 3.49 9.02
CA LEU B 99 6.10 4.76 8.72
C LEU B 99 6.56 5.45 10.00
N VAL B 100 5.66 5.61 10.97
CA VAL B 100 6.05 6.30 12.19
C VAL B 100 7.03 5.46 12.99
N LEU B 101 6.84 4.13 13.02
CA LEU B 101 7.75 3.28 13.78
C LEU B 101 9.16 3.28 13.23
N LEU B 102 9.36 3.63 11.96
CA LEU B 102 10.70 3.81 11.42
C LEU B 102 11.24 5.22 11.63
N GLU B 103 10.38 6.23 11.52
CA GLU B 103 10.83 7.61 11.68
C GLU B 103 11.33 7.86 13.10
N ASN B 104 10.59 7.36 14.11
CA ASN B 104 11.01 7.62 15.49
C ASN B 104 12.31 6.94 15.87
N GLU B 105 12.81 6.01 15.04
CA GLU B 105 14.13 5.44 15.28
C GLU B 105 15.21 6.19 14.50
N ARG B 106 14.91 6.53 13.24
CA ARG B 106 15.90 7.26 12.45
C ARG B 106 16.24 8.60 13.08
N THR B 107 15.23 9.34 13.54
CA THR B 107 15.51 10.67 14.10
C THR B 107 16.32 10.57 15.39
N LEU B 108 16.02 9.56 16.23
CA LEU B 108 16.79 9.40 17.46
C LEU B 108 18.24 9.04 17.17
N ASP B 109 18.47 8.17 16.19
CA ASP B 109 19.85 7.85 15.83
C ASP B 109 20.60 9.08 15.35
N PHE B 110 19.95 9.90 14.52
CA PHE B 110 20.60 11.12 14.03
C PHE B 110 20.93 12.08 15.19
N HIS B 111 19.98 12.27 16.10
CA HIS B 111 20.19 13.19 17.21
C HIS B 111 21.30 12.70 18.14
N ASP B 112 21.42 11.39 18.30
CA ASP B 112 22.48 10.87 19.17
C ASP B 112 23.82 10.75 18.45
N SER B 113 23.86 10.85 17.13
CA SER B 113 25.13 10.91 16.43
C SER B 113 25.69 12.32 16.33
N ASN B 114 24.82 13.33 16.27
CA ASN B 114 25.30 14.71 16.10
C ASN B 114 26.19 15.14 17.26
N VAL B 115 25.82 14.80 18.50
CA VAL B 115 26.60 15.24 19.65
C VAL B 115 27.99 14.60 19.62
N LYS B 116 28.06 13.32 19.29
CA LYS B 116 29.36 12.66 19.20
C LYS B 116 30.21 13.28 18.10
N ASN B 117 29.60 13.66 16.98
CA ASN B 117 30.35 14.34 15.93
C ASN B 117 30.93 15.66 16.44
N LEU B 118 30.12 16.42 17.19
CA LEU B 118 30.61 17.69 17.74
C LEU B 118 31.77 17.46 18.71
N TYR B 119 31.64 16.43 19.57
CA TYR B 119 32.71 16.14 20.51
C TYR B 119 33.99 15.75 19.78
N GLU B 120 33.87 14.93 18.74
CA GLU B 120 35.05 14.54 17.97
C GLU B 120 35.71 15.75 17.31
N LYS B 121 34.89 16.68 16.81
CA LYS B 121 35.46 17.89 16.22
C LYS B 121 36.24 18.69 17.26
N VAL B 122 35.65 18.91 18.44
CA VAL B 122 36.32 19.71 19.45
C VAL B 122 37.53 18.99 20.00
N LYS B 123 37.55 17.66 19.91
CA LYS B 123 38.74 16.92 20.32
C LYS B 123 39.84 17.05 19.28
N SER B 124 39.49 16.96 18.00
CA SER B 124 40.48 17.09 16.94
C SER B 124 41.12 18.47 16.95
N GLN B 125 40.33 19.51 17.24
CA GLN B 125 40.89 20.85 17.29
C GLN B 125 41.96 20.98 18.37
N LEU B 126 41.69 20.44 19.55
CA LEU B 126 42.66 20.46 20.65
C LEU B 126 43.57 19.24 20.50
N LYS B 127 44.73 19.43 19.88
CA LYS B 127 45.57 18.31 19.50
C LYS B 127 46.10 17.57 20.72
N ASN B 128 46.89 18.25 21.56
CA ASN B 128 47.50 17.56 22.68
C ASN B 128 47.44 18.31 24.00
N ASN B 129 47.07 19.59 24.02
CA ASN B 129 47.00 20.32 25.29
C ASN B 129 45.92 19.77 26.21
N ALA B 130 44.99 18.99 25.69
CA ALA B 130 43.94 18.43 26.50
C ALA B 130 44.48 17.34 27.42
N LYS B 131 43.73 17.06 28.48
CA LYS B 131 44.02 16.02 29.45
C LYS B 131 42.77 15.19 29.72
N GLU B 132 42.17 14.70 28.63
CA GLU B 132 40.84 14.11 28.64
C GLU B 132 40.64 13.14 29.80
N ILE B 133 39.69 13.47 30.67
CA ILE B 133 39.31 12.56 31.74
C ILE B 133 38.71 11.28 31.15
N GLY B 134 38.06 11.39 30.00
CA GLY B 134 37.50 10.26 29.30
C GLY B 134 36.00 10.10 29.45
N ASN B 135 35.39 10.74 30.43
CA ASN B 135 33.95 10.61 30.59
C ASN B 135 33.23 11.36 29.48
N GLY B 136 33.32 12.69 29.47
CA GLY B 136 32.73 13.45 28.38
C GLY B 136 33.44 14.74 28.01
N CYS B 137 34.58 15.03 28.61
CA CYS B 137 35.23 16.32 28.38
C CYS B 137 36.67 16.28 28.87
N PHE B 138 37.32 17.44 28.86
CA PHE B 138 38.75 17.57 29.01
C PHE B 138 39.09 18.39 30.26
N GLU B 139 40.37 18.71 30.40
CA GLU B 139 40.85 19.58 31.46
C GLU B 139 42.16 20.19 30.99
N PHE B 140 42.16 21.51 30.73
CA PHE B 140 43.28 22.15 30.09
C PHE B 140 44.52 22.17 30.99
N TYR B 141 45.68 22.34 30.36
CA TYR B 141 46.94 22.52 31.07
C TYR B 141 47.25 23.99 31.30
N HIS B 142 47.33 24.77 30.23
CA HIS B 142 47.62 26.19 30.34
C HIS B 142 46.41 26.94 30.89
N LYS B 143 46.68 28.11 31.47
CA LYS B 143 45.65 28.96 32.05
C LYS B 143 45.49 30.21 31.18
N CYS B 144 44.24 30.51 30.82
CA CYS B 144 43.94 31.70 30.04
C CYS B 144 42.49 32.08 30.29
N ASN B 145 42.15 33.31 29.89
CA ASN B 145 40.85 33.90 30.18
C ASN B 145 39.79 33.34 29.23
N ASN B 146 38.63 33.99 29.20
CA ASN B 146 37.51 33.54 28.37
C ASN B 146 37.80 33.63 26.89
N GLU B 147 38.88 34.33 26.49
CA GLU B 147 39.26 34.37 25.09
C GLU B 147 39.52 32.96 24.55
N CYS B 148 40.13 32.10 25.36
CA CYS B 148 40.38 30.73 24.92
C CYS B 148 39.07 29.97 24.69
N MET B 149 38.11 30.13 25.61
CA MET B 149 36.80 29.51 25.41
C MET B 149 36.13 30.04 24.14
N GLU B 150 36.18 31.35 23.93
CA GLU B 150 35.54 31.92 22.75
C GLU B 150 36.21 31.45 21.47
N SER B 151 37.53 31.26 21.50
CA SER B 151 38.24 30.77 20.33
C SER B 151 37.90 29.31 20.05
N VAL B 152 37.90 28.48 21.09
CA VAL B 152 37.58 27.06 20.90
C VAL B 152 36.13 26.89 20.46
N LYS B 153 35.25 27.82 20.86
CA LYS B 153 33.90 27.82 20.31
C LYS B 153 33.91 28.22 18.84
N ASN B 154 34.65 29.29 18.51
CA ASN B 154 34.73 29.75 17.14
C ASN B 154 35.49 28.76 16.25
N GLY B 155 36.62 28.25 16.75
CA GLY B 155 37.47 27.36 15.98
C GLY B 155 38.80 27.94 15.53
N THR B 156 39.21 29.08 16.08
CA THR B 156 40.47 29.72 15.71
C THR B 156 41.61 29.36 16.64
N TYR B 157 41.35 28.52 17.65
CA TYR B 157 42.41 28.13 18.62
C TYR B 157 43.62 27.63 17.84
N ASP B 158 44.82 28.05 18.25
CA ASP B 158 46.06 27.58 17.57
C ASP B 158 46.95 26.83 18.58
N TYR B 159 47.72 25.86 18.09
CA TYR B 159 48.60 25.05 18.98
C TYR B 159 49.98 25.68 19.15
N PRO B 160 50.70 26.12 18.08
CA PRO B 160 52.09 26.59 18.26
C PRO B 160 52.25 27.73 19.25
N LYS B 161 51.27 28.64 19.32
CA LYS B 161 51.40 29.79 20.23
C LYS B 161 51.40 29.33 21.68
N TYR B 162 50.53 28.38 22.03
CA TYR B 162 50.41 27.89 23.39
C TYR B 162 51.18 26.59 23.61
N SER B 163 51.97 26.16 22.64
CA SER B 163 52.65 24.88 22.75
C SER B 163 53.69 24.88 23.88
N GLU B 164 54.39 26.01 24.05
CA GLU B 164 55.49 26.06 25.01
C GLU B 164 54.99 25.85 26.43
N GLU B 165 53.88 26.47 26.80
CA GLU B 165 53.37 26.36 28.16
C GLU B 165 52.85 24.96 28.48
N SER B 166 52.51 24.17 27.46
CA SER B 166 51.96 22.84 27.71
C SER B 166 53.00 21.92 28.33
N LYS B 167 54.22 21.92 27.81
CA LYS B 167 55.23 20.98 28.28
C LYS B 167 55.76 21.37 29.65
N LEU B 168 55.70 22.65 30.01
CA LEU B 168 56.26 23.10 31.28
C LEU B 168 55.52 22.46 32.46
N ASN B 169 54.19 22.39 32.39
CA ASN B 169 53.38 21.80 33.44
C ASN B 169 52.92 20.39 33.11
N ARG B 170 53.41 19.80 32.02
CA ARG B 170 53.03 18.46 31.64
C ARG B 170 53.77 17.42 32.48
N ASP C 1 47.52 -12.76 28.14
CA ASP C 1 48.19 -11.60 27.55
C ASP C 1 47.34 -10.96 26.48
N THR C 2 46.45 -11.74 25.88
CA THR C 2 45.56 -11.27 24.83
C THR C 2 44.12 -11.34 25.31
N ILE C 3 43.33 -10.33 24.95
CA ILE C 3 41.95 -10.21 25.39
C ILE C 3 41.10 -10.13 24.13
N CYS C 4 41.50 -10.86 23.09
CA CYS C 4 40.98 -10.64 21.75
C CYS C 4 39.47 -10.80 21.69
N ILE C 5 38.85 -9.93 20.88
CA ILE C 5 37.40 -9.82 20.76
C ILE C 5 36.97 -10.39 19.42
N GLY C 6 35.84 -11.09 19.41
CA GLY C 6 35.30 -11.63 18.18
C GLY C 6 33.94 -12.22 18.43
N TYR C 7 33.15 -12.28 17.35
CA TYR C 7 31.79 -12.78 17.44
C TYR C 7 31.76 -14.28 17.17
N HIS C 8 30.55 -14.84 17.19
CA HIS C 8 30.35 -16.28 17.12
C HIS C 8 29.85 -16.70 15.74
N ALA C 9 30.41 -17.79 15.24
CA ALA C 9 30.02 -18.35 13.94
C ALA C 9 29.89 -19.86 14.05
N ASN C 10 29.03 -20.41 13.20
CA ASN C 10 28.76 -21.85 13.19
C ASN C 10 28.56 -22.30 11.75
N ASN C 11 28.29 -23.59 11.57
CA ASN C 11 28.12 -24.18 10.25
C ASN C 11 26.62 -24.34 9.97
N SER C 12 26.02 -23.26 9.51
CA SER C 12 24.61 -23.24 9.11
C SER C 12 24.52 -22.72 7.69
N THR C 13 23.77 -23.42 6.85
CA THR C 13 23.66 -23.09 5.43
C THR C 13 22.27 -22.52 5.17
N ASP C 14 22.16 -21.19 5.25
CA ASP C 14 20.94 -20.47 4.95
C ASP C 14 21.27 -19.28 4.07
N THR C 15 20.28 -18.82 3.30
CA THR C 15 20.48 -17.70 2.41
C THR C 15 19.35 -16.69 2.60
N VAL C 16 19.73 -15.40 2.65
CA VAL C 16 18.77 -14.31 2.78
C VAL C 16 19.18 -13.22 1.79
N ASP C 17 18.20 -12.42 1.38
CA ASP C 17 18.38 -11.39 0.37
C ASP C 17 18.37 -10.02 1.01
N THR C 18 19.24 -9.13 0.53
CA THR C 18 19.31 -7.77 1.04
C THR C 18 19.81 -6.86 -0.07
N VAL C 19 19.65 -5.56 0.14
CA VAL C 19 20.12 -4.58 -0.84
C VAL C 19 21.63 -4.48 -0.90
N LEU C 20 22.35 -5.18 -0.02
CA LEU C 20 23.81 -5.20 -0.10
C LEU C 20 24.28 -6.23 -1.13
N GLU C 21 23.96 -7.50 -0.90
CA GLU C 21 24.48 -8.58 -1.74
C GLU C 21 23.48 -9.73 -1.72
N LYS C 22 23.08 -10.18 -2.89
CA LYS C 22 22.16 -11.31 -2.98
C LYS C 22 22.84 -12.59 -2.53
N ASN C 23 22.05 -13.49 -1.93
CA ASN C 23 22.51 -14.82 -1.52
C ASN C 23 23.69 -14.73 -0.53
N VAL C 24 23.40 -14.16 0.63
CA VAL C 24 24.36 -14.09 1.73
C VAL C 24 23.95 -15.10 2.80
N THR C 25 24.93 -15.57 3.56
CA THR C 25 24.72 -16.63 4.54
C THR C 25 24.76 -16.08 5.96
N VAL C 26 23.82 -16.54 6.79
CA VAL C 26 23.68 -16.08 8.16
C VAL C 26 23.47 -17.28 9.08
N THR C 27 23.77 -17.07 10.36
CA THR C 27 23.72 -18.17 11.33
C THR C 27 22.29 -18.60 11.62
N HIS C 28 21.41 -17.65 11.89
CA HIS C 28 20.02 -17.95 12.22
C HIS C 28 19.09 -17.20 11.30
N SER C 29 17.87 -17.70 11.17
CA SER C 29 16.86 -17.05 10.36
C SER C 29 15.48 -17.53 10.79
N VAL C 30 14.48 -16.72 10.52
CA VAL C 30 13.08 -17.06 10.74
C VAL C 30 12.29 -16.65 9.51
N ASN C 31 11.56 -17.60 8.92
CA ASN C 31 10.85 -17.35 7.67
C ASN C 31 9.42 -16.90 7.95
N LEU C 32 8.88 -16.11 7.02
CA LEU C 32 7.54 -15.55 7.13
C LEU C 32 6.60 -16.08 6.04
N LEU C 33 6.72 -17.35 5.69
CA LEU C 33 5.90 -17.93 4.64
C LEU C 33 5.88 -19.44 4.80
N GLU C 34 4.76 -20.05 4.41
CA GLU C 34 4.62 -21.49 4.47
C GLU C 34 3.88 -21.99 3.23
N ASP C 35 4.18 -23.22 2.83
CA ASP C 35 3.59 -23.84 1.66
C ASP C 35 3.17 -25.27 2.00
N SER C 36 2.45 -25.43 3.12
CA SER C 36 2.05 -26.74 3.60
C SER C 36 0.52 -26.82 3.65
N HIS C 37 -0.04 -27.86 3.04
CA HIS C 37 -1.46 -28.14 3.10
C HIS C 37 -1.66 -29.62 3.42
N ASN C 38 -2.57 -29.92 4.34
CA ASN C 38 -2.79 -31.31 4.74
C ASN C 38 -3.39 -32.13 3.62
N GLY C 39 -4.08 -31.49 2.68
CA GLY C 39 -4.73 -32.20 1.60
C GLY C 39 -6.09 -32.77 1.94
N LYS C 40 -6.64 -32.44 3.10
CA LYS C 40 -7.95 -32.92 3.52
C LYS C 40 -8.69 -31.82 4.24
N LEU C 41 -10.02 -31.96 4.29
CA LEU C 41 -10.85 -31.01 5.01
C LEU C 41 -10.87 -31.35 6.50
N CYS C 42 -11.15 -30.32 7.30
CA CYS C 42 -11.19 -30.44 8.74
C CYS C 42 -12.56 -30.03 9.25
N LEU C 43 -12.74 -30.12 10.57
CA LEU C 43 -13.96 -29.66 11.22
C LEU C 43 -14.02 -28.14 11.33
N LEU C 44 -12.92 -27.45 11.03
CA LEU C 44 -12.79 -26.01 11.24
C LEU C 44 -12.95 -25.70 12.72
N LYS C 45 -14.02 -25.00 13.09
CA LYS C 45 -14.28 -24.70 14.48
C LYS C 45 -15.75 -24.82 14.87
N GLY C 46 -16.63 -25.19 13.95
CA GLY C 46 -18.04 -25.35 14.25
C GLY C 46 -18.37 -26.77 14.64
N ILE C 47 -19.25 -27.41 13.88
CA ILE C 47 -19.62 -28.80 14.12
C ILE C 47 -19.06 -29.66 13.00
N ALA C 48 -19.50 -29.40 11.78
CA ALA C 48 -19.08 -30.16 10.61
C ALA C 48 -19.54 -29.42 9.36
N PRO C 49 -18.90 -29.66 8.22
CA PRO C 49 -19.39 -29.13 6.96
C PRO C 49 -20.30 -30.13 6.24
N LEU C 50 -21.13 -29.59 5.35
CA LEU C 50 -22.02 -30.43 4.56
C LEU C 50 -21.26 -31.15 3.46
N GLN C 51 -21.85 -32.25 2.99
CA GLN C 51 -21.26 -33.08 1.93
C GLN C 51 -22.31 -33.25 0.84
N LEU C 52 -22.34 -32.32 -0.10
CA LEU C 52 -23.29 -32.39 -1.22
C LEU C 52 -22.67 -33.10 -2.43
N GLY C 53 -22.16 -34.31 -2.20
CA GLY C 53 -21.56 -35.09 -3.27
C GLY C 53 -22.54 -35.44 -4.37
N ASN C 54 -22.13 -35.26 -5.62
CA ASN C 54 -22.95 -35.57 -6.79
C ASN C 54 -24.30 -34.86 -6.71
N CYS C 55 -24.28 -33.60 -6.27
CA CYS C 55 -25.50 -32.82 -6.13
C CYS C 55 -25.13 -31.36 -6.05
N SER C 56 -26.04 -30.48 -6.48
CA SER C 56 -25.83 -29.05 -6.44
C SER C 56 -26.75 -28.41 -5.40
N VAL C 57 -26.48 -27.13 -5.12
CA VAL C 57 -27.32 -26.39 -4.19
C VAL C 57 -28.74 -26.25 -4.73
N ALA C 58 -28.87 -25.95 -6.02
CA ALA C 58 -30.19 -25.84 -6.62
C ALA C 58 -30.93 -27.17 -6.64
N GLY C 59 -30.22 -28.29 -6.46
CA GLY C 59 -30.86 -29.59 -6.40
C GLY C 59 -31.12 -30.11 -5.01
N TRP C 60 -30.64 -29.41 -3.99
CA TRP C 60 -30.89 -29.82 -2.62
C TRP C 60 -32.12 -29.11 -2.04
N ILE C 61 -32.33 -27.85 -2.43
CA ILE C 61 -33.48 -27.09 -1.91
C ILE C 61 -34.78 -27.72 -2.39
N LEU C 62 -34.84 -28.07 -3.68
CA LEU C 62 -36.03 -28.74 -4.20
C LEU C 62 -36.06 -30.22 -3.87
N GLY C 63 -34.95 -30.79 -3.40
CA GLY C 63 -34.93 -32.18 -3.02
C GLY C 63 -35.04 -33.15 -4.18
N ASN C 64 -34.01 -33.20 -5.01
CA ASN C 64 -34.00 -34.14 -6.13
C ASN C 64 -34.04 -35.56 -5.59
N PRO C 65 -34.87 -36.45 -6.15
CA PRO C 65 -34.98 -37.81 -5.58
C PRO C 65 -33.68 -38.58 -5.60
N GLU C 66 -32.86 -38.41 -6.63
CA GLU C 66 -31.60 -39.14 -6.72
C GLU C 66 -30.45 -38.44 -6.02
N CYS C 67 -30.69 -37.27 -5.43
CA CYS C 67 -29.67 -36.57 -4.66
C CYS C 67 -29.58 -37.07 -3.22
N GLU C 68 -30.58 -37.80 -2.74
CA GLU C 68 -30.62 -38.26 -1.36
C GLU C 68 -29.56 -39.35 -1.17
N LEU C 69 -28.43 -38.98 -0.55
CA LEU C 69 -27.34 -39.92 -0.32
C LEU C 69 -26.79 -39.90 1.10
N LEU C 70 -27.13 -38.91 1.92
CA LEU C 70 -26.58 -38.79 3.26
C LEU C 70 -27.68 -38.39 4.24
N ILE C 71 -27.29 -38.21 5.50
CA ILE C 71 -28.25 -37.86 6.54
C ILE C 71 -28.70 -36.41 6.36
N SER C 72 -29.81 -36.07 7.02
CA SER C 72 -30.35 -34.73 6.94
C SER C 72 -29.39 -33.73 7.60
N LYS C 73 -29.57 -32.46 7.24
CA LYS C 73 -28.71 -31.38 7.70
C LYS C 73 -29.47 -30.51 8.68
N GLU C 74 -28.84 -30.19 9.81
CA GLU C 74 -29.45 -29.34 10.82
C GLU C 74 -28.59 -28.14 11.22
N SER C 75 -27.28 -28.18 10.98
CA SER C 75 -26.39 -27.07 11.28
C SER C 75 -25.06 -27.33 10.60
N TRP C 76 -24.45 -26.28 10.05
CA TRP C 76 -23.19 -26.41 9.35
C TRP C 76 -22.45 -25.08 9.38
N SER C 77 -21.12 -25.17 9.20
CA SER C 77 -20.30 -23.97 9.20
C SER C 77 -20.08 -23.44 7.78
N TYR C 78 -19.84 -24.34 6.83
CA TYR C 78 -19.63 -23.95 5.44
C TYR C 78 -20.10 -25.06 4.53
N ILE C 79 -20.37 -24.71 3.29
CA ILE C 79 -20.91 -25.63 2.30
C ILE C 79 -19.79 -26.18 1.43
N VAL C 80 -19.89 -27.45 1.07
CA VAL C 80 -18.96 -28.10 0.16
C VAL C 80 -19.73 -28.62 -1.04
N GLU C 81 -19.26 -28.28 -2.24
CA GLU C 81 -19.94 -28.65 -3.48
C GLU C 81 -18.93 -29.21 -4.46
N THR C 82 -19.29 -30.32 -5.11
CA THR C 82 -18.44 -30.88 -6.15
C THR C 82 -18.41 -29.93 -7.35
N PRO C 83 -17.22 -29.68 -7.92
CA PRO C 83 -17.13 -28.69 -9.01
C PRO C 83 -17.93 -29.07 -10.25
N ASN C 84 -18.25 -30.35 -10.44
CA ASN C 84 -19.02 -30.81 -11.59
C ASN C 84 -20.23 -31.60 -11.09
N PRO C 85 -21.30 -30.91 -10.68
CA PRO C 85 -22.47 -31.62 -10.15
C PRO C 85 -23.35 -32.14 -11.29
N GLU C 86 -23.75 -33.41 -11.17
CA GLU C 86 -24.63 -34.01 -12.16
C GLU C 86 -26.09 -33.65 -11.91
N ASN C 87 -26.59 -34.03 -10.72
CA ASN C 87 -28.00 -33.86 -10.40
C ASN C 87 -28.28 -32.41 -10.02
N GLY C 88 -28.99 -31.69 -10.87
CA GLY C 88 -29.44 -30.34 -10.57
C GLY C 88 -30.95 -30.30 -10.48
N THR C 89 -31.60 -29.76 -11.50
CA THR C 89 -33.05 -29.81 -11.63
C THR C 89 -33.39 -30.88 -12.66
N CYS C 90 -34.04 -31.95 -12.22
CA CYS C 90 -34.38 -33.04 -13.14
C CYS C 90 -35.34 -32.56 -14.22
N TYR C 91 -36.43 -31.91 -13.82
CA TYR C 91 -37.36 -31.31 -14.77
C TYR C 91 -36.73 -30.05 -15.34
N PRO C 92 -36.60 -29.93 -16.66
CA PRO C 92 -35.91 -28.76 -17.21
C PRO C 92 -36.61 -27.46 -16.81
N GLY C 93 -35.82 -26.43 -16.57
CA GLY C 93 -36.39 -25.20 -16.12
C GLY C 93 -35.35 -24.09 -16.04
N TYR C 94 -35.69 -23.07 -15.25
CA TYR C 94 -34.85 -21.88 -15.15
C TYR C 94 -35.10 -21.26 -13.78
N PHE C 95 -34.17 -21.49 -12.85
CA PHE C 95 -34.32 -20.99 -11.48
C PHE C 95 -34.14 -19.48 -11.46
N ALA C 96 -35.19 -18.75 -11.11
CA ALA C 96 -35.14 -17.30 -11.16
C ALA C 96 -34.31 -16.74 -10.01
N ASP C 97 -33.39 -15.85 -10.34
CA ASP C 97 -32.51 -15.21 -9.35
C ASP C 97 -31.74 -16.23 -8.53
N TYR C 98 -31.19 -17.23 -9.21
CA TYR C 98 -30.46 -18.29 -8.52
C TYR C 98 -29.23 -17.72 -7.81
N GLU C 99 -28.40 -16.98 -8.54
CA GLU C 99 -27.11 -16.55 -8.03
C GLU C 99 -27.23 -15.73 -6.75
N GLU C 100 -28.36 -15.07 -6.53
CA GLU C 100 -28.58 -14.37 -5.27
C GLU C 100 -28.84 -15.35 -4.14
N LEU C 101 -29.52 -16.47 -4.43
CA LEU C 101 -29.86 -17.45 -3.40
C LEU C 101 -28.63 -18.12 -2.78
N ARG C 102 -27.50 -18.14 -3.48
CA ARG C 102 -26.29 -18.72 -2.92
C ARG C 102 -25.66 -17.87 -1.82
N GLU C 103 -26.11 -16.63 -1.65
CA GLU C 103 -25.62 -15.78 -0.58
C GLU C 103 -26.42 -15.96 0.71
N GLN C 104 -27.74 -16.16 0.59
CA GLN C 104 -28.56 -16.36 1.77
C GLN C 104 -28.26 -17.69 2.45
N LEU C 105 -27.85 -18.70 1.69
CA LEU C 105 -27.48 -19.99 2.22
C LEU C 105 -25.97 -20.14 2.40
N SER C 106 -25.22 -19.07 2.21
CA SER C 106 -23.78 -19.12 2.48
C SER C 106 -23.50 -19.35 3.95
N SER C 107 -24.26 -18.69 4.83
CA SER C 107 -24.04 -18.77 6.27
C SER C 107 -25.37 -18.75 6.99
N VAL C 108 -25.79 -19.90 7.52
CA VAL C 108 -27.01 -20.00 8.30
C VAL C 108 -26.70 -20.76 9.58
N SER C 109 -27.56 -20.58 10.58
CA SER C 109 -27.40 -21.26 11.87
C SER C 109 -28.34 -22.45 12.00
N SER C 110 -29.65 -22.23 11.86
CA SER C 110 -30.65 -23.27 12.01
C SER C 110 -31.40 -23.47 10.70
N PHE C 111 -31.80 -24.71 10.45
CA PHE C 111 -32.46 -25.09 9.20
C PHE C 111 -33.66 -25.97 9.48
N GLU C 112 -34.50 -25.55 10.43
CA GLU C 112 -35.72 -26.30 10.73
C GLU C 112 -36.64 -26.32 9.52
N ARG C 113 -37.13 -27.50 9.17
CA ARG C 113 -37.99 -27.69 8.02
C ARG C 113 -39.36 -28.20 8.49
N PHE C 114 -40.42 -27.51 8.10
CA PHE C 114 -41.77 -27.86 8.50
C PHE C 114 -42.69 -27.76 7.29
N GLU C 115 -43.98 -28.02 7.52
CA GLU C 115 -44.97 -28.08 6.45
C GLU C 115 -45.83 -26.82 6.47
N ILE C 116 -45.88 -26.13 5.34
CA ILE C 116 -46.74 -24.96 5.19
C ILE C 116 -48.18 -25.37 4.91
N PHE C 117 -48.39 -26.27 3.95
CA PHE C 117 -49.68 -26.85 3.68
C PHE C 117 -49.66 -28.34 3.93
N PRO C 118 -50.78 -28.93 4.36
CA PRO C 118 -50.84 -30.39 4.50
C PRO C 118 -51.32 -31.05 3.22
N LYS C 119 -50.69 -32.19 2.91
CA LYS C 119 -51.01 -32.88 1.66
C LYS C 119 -52.45 -33.40 1.64
N GLU C 120 -52.91 -33.95 2.76
CA GLU C 120 -54.19 -34.64 2.82
C GLU C 120 -55.37 -33.73 3.16
N SER C 121 -55.12 -32.48 3.54
CA SER C 121 -56.18 -31.63 4.08
C SER C 121 -56.51 -30.45 3.17
N SER C 122 -55.52 -29.65 2.79
CA SER C 122 -55.80 -28.37 2.15
C SER C 122 -56.19 -28.48 0.68
N TRP C 123 -56.08 -29.66 0.07
CA TRP C 123 -56.41 -29.87 -1.33
C TRP C 123 -57.45 -30.98 -1.43
N PRO C 124 -58.71 -30.69 -1.13
CA PRO C 124 -59.75 -31.74 -1.18
C PRO C 124 -60.27 -32.01 -2.58
N ASN C 125 -60.37 -30.98 -3.41
CA ASN C 125 -60.97 -31.11 -4.74
C ASN C 125 -59.94 -31.20 -5.85
N HIS C 126 -58.66 -31.32 -5.52
CA HIS C 126 -57.60 -31.36 -6.51
C HIS C 126 -56.85 -32.67 -6.40
N THR C 127 -56.44 -33.21 -7.54
CA THR C 127 -55.66 -34.45 -7.58
C THR C 127 -54.23 -34.14 -7.16
N VAL C 128 -53.88 -34.46 -5.91
CA VAL C 128 -52.54 -34.18 -5.42
C VAL C 128 -51.49 -35.00 -6.16
N THR C 129 -51.83 -36.24 -6.51
CA THR C 129 -50.86 -37.10 -7.19
C THR C 129 -50.49 -36.52 -8.54
N GLY C 130 -49.19 -36.41 -8.79
CA GLY C 130 -48.68 -35.98 -10.08
C GLY C 130 -47.25 -36.44 -10.26
N VAL C 131 -46.97 -37.12 -11.38
CA VAL C 131 -45.66 -37.71 -11.64
C VAL C 131 -45.25 -37.39 -13.07
N SER C 132 -43.96 -37.55 -13.33
CA SER C 132 -43.42 -37.41 -14.68
C SER C 132 -42.19 -38.31 -14.80
N ALA C 133 -41.94 -38.78 -16.02
CA ALA C 133 -40.86 -39.72 -16.27
C ALA C 133 -39.49 -39.06 -16.29
N SER C 134 -39.42 -37.73 -16.43
CA SER C 134 -38.14 -37.07 -16.51
C SER C 134 -37.38 -37.15 -15.19
N CYS C 135 -38.10 -37.09 -14.07
CA CYS C 135 -37.48 -37.20 -12.75
C CYS C 135 -37.55 -38.65 -12.27
N SER C 136 -36.76 -39.49 -12.92
CA SER C 136 -36.75 -40.90 -12.62
C SER C 136 -36.10 -41.18 -11.27
N HIS C 137 -36.63 -42.20 -10.58
CA HIS C 137 -36.07 -42.64 -9.30
C HIS C 137 -36.11 -44.16 -9.29
N ASN C 138 -34.97 -44.79 -9.61
CA ASN C 138 -34.85 -46.24 -9.64
C ASN C 138 -35.89 -46.88 -10.54
N GLY C 139 -36.11 -46.27 -11.70
CA GLY C 139 -37.10 -46.74 -12.65
C GLY C 139 -38.47 -46.12 -12.47
N LYS C 140 -39.01 -46.18 -11.26
CA LYS C 140 -40.32 -45.59 -10.99
C LYS C 140 -40.25 -44.08 -11.11
N SER C 141 -41.27 -43.50 -11.75
CA SER C 141 -41.32 -42.07 -11.95
C SER C 141 -41.86 -41.37 -10.71
N SER C 142 -41.23 -40.26 -10.34
CA SER C 142 -41.60 -39.50 -9.16
C SER C 142 -41.39 -38.02 -9.45
N PHE C 143 -41.53 -37.19 -8.42
CA PHE C 143 -41.37 -35.75 -8.52
C PHE C 143 -40.48 -35.28 -7.39
N TYR C 144 -40.30 -33.97 -7.29
CA TYR C 144 -39.48 -33.37 -6.24
C TYR C 144 -40.06 -33.69 -4.87
N ARG C 145 -39.24 -33.54 -3.83
CA ARG C 145 -39.67 -33.86 -2.47
C ARG C 145 -40.14 -32.65 -1.69
N ASN C 146 -40.19 -31.47 -2.31
CA ASN C 146 -40.67 -30.26 -1.64
C ASN C 146 -41.73 -29.52 -2.44
N LEU C 147 -42.16 -30.06 -3.57
CA LEU C 147 -43.16 -29.43 -4.41
C LEU C 147 -44.35 -30.37 -4.56
N LEU C 148 -45.48 -29.82 -4.97
CA LEU C 148 -46.76 -30.55 -5.01
C LEU C 148 -47.48 -30.20 -6.31
N TRP C 149 -47.28 -31.02 -7.33
CA TRP C 149 -47.97 -30.79 -8.60
C TRP C 149 -49.47 -30.97 -8.42
N LEU C 150 -50.24 -30.10 -9.06
CA LEU C 150 -51.69 -30.14 -9.00
C LEU C 150 -52.26 -30.27 -10.40
N THR C 151 -53.27 -31.13 -10.54
CA THR C 151 -53.98 -31.27 -11.80
C THR C 151 -55.48 -31.07 -11.58
N GLY C 152 -56.28 -31.33 -12.61
CA GLY C 152 -57.73 -31.23 -12.50
C GLY C 152 -58.37 -32.60 -12.40
N LYS C 153 -59.44 -32.68 -11.63
CA LYS C 153 -60.19 -33.91 -11.46
C LYS C 153 -61.65 -33.67 -11.83
N ASN C 154 -62.28 -34.71 -12.38
CA ASN C 154 -63.65 -34.65 -12.88
C ASN C 154 -63.83 -33.57 -13.95
N GLY C 155 -62.75 -33.22 -14.64
CA GLY C 155 -62.81 -32.21 -15.68
C GLY C 155 -62.86 -30.78 -15.18
N LEU C 156 -62.73 -30.56 -13.89
CA LEU C 156 -62.86 -29.23 -13.30
C LEU C 156 -61.59 -28.85 -12.54
N TYR C 157 -61.15 -27.61 -12.72
CA TYR C 157 -60.04 -27.04 -11.96
C TYR C 157 -60.51 -25.71 -11.39
N PRO C 158 -61.28 -25.73 -10.30
CA PRO C 158 -61.79 -24.48 -9.73
C PRO C 158 -60.66 -23.61 -9.22
N ASN C 159 -60.88 -22.30 -9.29
CA ASN C 159 -59.89 -21.35 -8.79
C ASN C 159 -59.70 -21.55 -7.29
N LEU C 160 -58.44 -21.58 -6.87
CA LEU C 160 -58.08 -21.86 -5.48
C LEU C 160 -57.41 -20.64 -4.86
N SER C 161 -57.57 -20.50 -3.55
CA SER C 161 -56.99 -19.40 -2.80
C SER C 161 -56.59 -19.90 -1.42
N LYS C 162 -55.29 -19.93 -1.15
CA LYS C 162 -54.77 -20.35 0.13
C LYS C 162 -53.88 -19.25 0.69
N SER C 163 -53.86 -19.14 2.01
CA SER C 163 -53.09 -18.11 2.69
C SER C 163 -52.31 -18.73 3.84
N TYR C 164 -51.22 -18.07 4.23
CA TYR C 164 -50.39 -18.50 5.33
C TYR C 164 -49.93 -17.30 6.12
N VAL C 165 -49.85 -17.45 7.44
CA VAL C 165 -49.39 -16.41 8.34
C VAL C 165 -48.15 -16.92 9.05
N ASN C 166 -47.08 -16.12 9.02
CA ASN C 166 -45.80 -16.52 9.62
C ASN C 166 -45.93 -16.41 11.13
N ASN C 167 -46.44 -17.48 11.74
CA ASN C 167 -46.63 -17.49 13.18
C ASN C 167 -45.34 -17.72 13.94
N LYS C 168 -44.29 -18.19 13.27
CA LYS C 168 -43.02 -18.45 13.93
C LYS C 168 -42.28 -17.14 14.18
N GLU C 169 -41.04 -17.27 14.68
CA GLU C 169 -40.19 -16.12 14.93
C GLU C 169 -39.03 -16.00 13.96
N LYS C 170 -38.94 -16.89 12.97
CA LYS C 170 -37.85 -16.92 12.03
C LYS C 170 -38.36 -16.64 10.62
N GLU C 171 -37.43 -16.29 9.73
CA GLU C 171 -37.77 -16.10 8.33
C GLU C 171 -38.19 -17.41 7.69
N VAL C 172 -39.02 -17.33 6.67
CA VAL C 172 -39.52 -18.48 5.95
C VAL C 172 -39.19 -18.31 4.47
N LEU C 173 -38.57 -19.34 3.89
CA LEU C 173 -38.17 -19.34 2.49
C LEU C 173 -39.06 -20.33 1.75
N VAL C 174 -40.06 -19.80 1.04
CA VAL C 174 -41.07 -20.62 0.39
C VAL C 174 -40.85 -20.58 -1.11
N LEU C 175 -40.74 -21.75 -1.73
CA LEU C 175 -40.55 -21.87 -3.17
C LEU C 175 -41.82 -22.39 -3.82
N TRP C 176 -42.11 -21.90 -5.02
CA TRP C 176 -43.22 -22.40 -5.82
C TRP C 176 -42.76 -22.42 -7.28
N GLY C 177 -43.69 -22.69 -8.19
CA GLY C 177 -43.33 -22.76 -9.58
C GLY C 177 -44.49 -22.41 -10.49
N VAL C 178 -44.20 -22.39 -11.79
CA VAL C 178 -45.21 -22.26 -12.82
C VAL C 178 -44.94 -23.34 -13.85
N HIS C 179 -45.95 -23.68 -14.65
CA HIS C 179 -45.84 -24.75 -15.63
C HIS C 179 -46.22 -24.21 -17.01
N HIS C 180 -45.30 -24.31 -17.96
CA HIS C 180 -45.58 -23.88 -19.33
C HIS C 180 -45.80 -25.11 -20.20
N PRO C 181 -47.02 -25.40 -20.63
CA PRO C 181 -47.26 -26.58 -21.45
C PRO C 181 -46.69 -26.39 -22.84
N PRO C 182 -46.49 -27.49 -23.60
CA PRO C 182 -45.87 -27.37 -24.91
C PRO C 182 -46.82 -26.91 -26.01
N ASN C 183 -48.11 -27.25 -25.89
CA ASN C 183 -49.08 -26.90 -26.92
C ASN C 183 -50.44 -26.69 -26.27
N ILE C 184 -51.34 -26.06 -27.04
CA ILE C 184 -52.66 -25.75 -26.51
C ILE C 184 -53.45 -27.01 -26.20
N GLY C 185 -53.22 -28.09 -26.96
CA GLY C 185 -53.93 -29.32 -26.70
C GLY C 185 -53.60 -29.90 -25.34
N ASN C 186 -52.32 -29.87 -24.96
CA ASN C 186 -51.93 -30.34 -23.63
C ASN C 186 -52.55 -29.47 -22.54
N GLN C 187 -52.57 -28.16 -22.76
CA GLN C 187 -53.17 -27.25 -21.78
C GLN C 187 -54.66 -27.57 -21.58
N ARG C 188 -55.39 -27.75 -22.67
CA ARG C 188 -56.81 -28.07 -22.56
C ARG C 188 -57.02 -29.44 -21.91
N ALA C 189 -56.19 -30.42 -22.26
CA ALA C 189 -56.32 -31.75 -21.67
C ALA C 189 -56.07 -31.73 -20.17
N LEU C 190 -55.08 -30.96 -19.72
CA LEU C 190 -54.70 -30.97 -18.32
C LEU C 190 -55.62 -30.07 -17.48
N TYR C 191 -55.62 -28.77 -17.77
CA TYR C 191 -56.24 -27.80 -16.88
C TYR C 191 -57.63 -27.36 -17.33
N HIS C 192 -58.13 -27.87 -18.46
CA HIS C 192 -59.50 -27.60 -18.92
C HIS C 192 -59.76 -26.10 -19.04
N THR C 193 -58.77 -25.36 -19.53
CA THR C 193 -58.93 -23.92 -19.70
C THR C 193 -57.96 -23.43 -20.77
N GLU C 194 -58.41 -22.45 -21.56
CA GLU C 194 -57.55 -21.90 -22.60
C GLU C 194 -56.47 -21.00 -22.01
N ASN C 195 -56.82 -20.18 -21.03
CA ASN C 195 -55.91 -19.22 -20.43
C ASN C 195 -56.00 -19.30 -18.91
N ALA C 196 -54.91 -18.93 -18.24
CA ALA C 196 -54.86 -18.96 -16.79
C ALA C 196 -53.80 -17.97 -16.32
N TYR C 197 -53.85 -17.65 -15.03
CA TYR C 197 -52.91 -16.71 -14.43
C TYR C 197 -52.56 -17.19 -13.04
N VAL C 198 -51.36 -16.81 -12.59
CA VAL C 198 -50.89 -17.15 -11.25
C VAL C 198 -50.42 -15.85 -10.59
N SER C 199 -50.92 -15.59 -9.39
CA SER C 199 -50.58 -14.38 -8.67
C SER C 199 -50.28 -14.70 -7.22
N VAL C 200 -49.20 -14.11 -6.70
CA VAL C 200 -48.83 -14.22 -5.29
C VAL C 200 -48.67 -12.82 -4.73
N VAL C 201 -49.31 -12.58 -3.59
CA VAL C 201 -49.33 -11.26 -2.97
C VAL C 201 -48.90 -11.38 -1.52
N SER C 202 -48.04 -10.48 -1.08
CA SER C 202 -47.58 -10.44 0.30
C SER C 202 -47.47 -8.97 0.71
N SER C 203 -46.78 -8.71 1.82
CA SER C 203 -46.69 -7.35 2.34
C SER C 203 -46.01 -6.41 1.35
N HIS C 204 -44.92 -6.85 0.73
CA HIS C 204 -44.18 -6.01 -0.21
C HIS C 204 -43.93 -6.68 -1.56
N TYR C 205 -44.60 -7.80 -1.84
CA TYR C 205 -44.36 -8.56 -3.05
C TYR C 205 -45.65 -8.70 -3.85
N SER C 206 -45.52 -8.71 -5.16
CA SER C 206 -46.64 -8.90 -6.06
C SER C 206 -46.13 -9.26 -7.44
N ARG C 207 -46.90 -10.06 -8.16
CA ARG C 207 -46.57 -10.47 -9.51
C ARG C 207 -47.78 -11.17 -10.10
N ARG C 208 -47.83 -11.24 -11.43
CA ARG C 208 -48.90 -11.93 -12.14
C ARG C 208 -48.25 -12.70 -13.29
N PHE C 209 -47.88 -13.94 -13.03
CA PHE C 209 -47.30 -14.78 -14.07
C PHE C 209 -48.40 -15.27 -15.02
N THR C 210 -48.00 -15.58 -16.25
CA THR C 210 -48.91 -16.11 -17.25
C THR C 210 -48.20 -17.24 -17.97
N PRO C 211 -48.78 -18.44 -18.01
CA PRO C 211 -48.15 -19.55 -18.73
C PRO C 211 -48.16 -19.32 -20.24
N GLU C 212 -46.99 -19.05 -20.80
CA GLU C 212 -46.85 -18.73 -22.22
C GLU C 212 -46.60 -20.02 -22.99
N ILE C 213 -47.60 -20.47 -23.75
CA ILE C 213 -47.48 -21.71 -24.51
C ILE C 213 -46.79 -21.42 -25.84
N ALA C 214 -45.86 -22.30 -26.21
CA ALA C 214 -45.11 -22.17 -27.46
C ALA C 214 -44.29 -23.44 -27.66
N LYS C 215 -44.05 -23.77 -28.92
CA LYS C 215 -43.21 -24.92 -29.25
C LYS C 215 -41.76 -24.63 -28.88
N ARG C 216 -41.11 -25.60 -28.24
CA ARG C 216 -39.75 -25.43 -27.75
C ARG C 216 -38.92 -26.64 -28.14
N PRO C 217 -37.61 -26.46 -28.33
CA PRO C 217 -36.75 -27.60 -28.65
C PRO C 217 -36.61 -28.55 -27.47
N LYS C 218 -36.38 -29.83 -27.79
CA LYS C 218 -36.33 -30.86 -26.77
C LYS C 218 -35.02 -30.79 -26.00
N VAL C 219 -35.12 -30.78 -24.68
CA VAL C 219 -33.97 -30.90 -23.78
C VAL C 219 -34.33 -31.89 -22.69
N ARG C 220 -33.43 -32.83 -22.42
CA ARG C 220 -33.66 -33.89 -21.43
C ARG C 220 -34.95 -34.65 -21.74
N ASP C 221 -35.20 -34.88 -23.03
CA ASP C 221 -36.37 -35.61 -23.50
C ASP C 221 -37.66 -34.96 -22.98
N GLN C 222 -37.69 -33.64 -22.98
CA GLN C 222 -38.85 -32.89 -22.50
C GLN C 222 -39.13 -31.73 -23.43
N GLU C 223 -40.40 -31.32 -23.47
CA GLU C 223 -40.82 -30.18 -24.27
C GLU C 223 -41.45 -29.06 -23.46
N GLY C 224 -42.03 -29.36 -22.29
CA GLY C 224 -42.50 -28.33 -21.40
C GLY C 224 -41.38 -27.76 -20.56
N ARG C 225 -41.71 -26.72 -19.80
CA ARG C 225 -40.74 -26.06 -18.95
C ARG C 225 -41.40 -25.67 -17.64
N ILE C 226 -40.56 -25.36 -16.65
CA ILE C 226 -41.02 -24.92 -15.34
C ILE C 226 -40.13 -23.78 -14.87
N ASN C 227 -40.74 -22.76 -14.28
CA ASN C 227 -39.98 -21.65 -13.71
C ASN C 227 -40.15 -21.68 -12.20
N TYR C 228 -39.03 -21.72 -11.48
CA TYR C 228 -39.04 -21.72 -10.02
C TYR C 228 -38.74 -20.32 -9.52
N TYR C 229 -39.52 -19.86 -8.55
CA TYR C 229 -39.29 -18.58 -7.89
C TYR C 229 -39.06 -18.83 -6.40
N TRP C 230 -38.76 -17.76 -5.68
CA TRP C 230 -38.53 -17.86 -4.25
C TRP C 230 -38.73 -16.50 -3.60
N THR C 231 -38.97 -16.50 -2.30
CA THR C 231 -39.16 -15.27 -1.57
C THR C 231 -38.88 -15.50 -0.09
N LEU C 232 -38.72 -14.40 0.63
CA LEU C 232 -38.48 -14.42 2.07
C LEU C 232 -39.58 -13.64 2.77
N LEU C 233 -40.22 -14.27 3.76
CA LEU C 233 -41.26 -13.63 4.55
C LEU C 233 -40.70 -13.29 5.93
N GLU C 234 -40.73 -12.01 6.28
CA GLU C 234 -40.31 -11.61 7.60
C GLU C 234 -41.37 -12.06 8.63
N PRO C 235 -40.97 -12.24 9.88
CA PRO C 235 -41.94 -12.67 10.90
C PRO C 235 -43.10 -11.69 11.01
N GLY C 236 -44.31 -12.25 11.17
CA GLY C 236 -45.51 -11.46 11.28
C GLY C 236 -46.19 -11.13 9.96
N ASP C 237 -45.58 -11.47 8.84
CA ASP C 237 -46.15 -11.16 7.53
C ASP C 237 -47.00 -12.31 7.03
N THR C 238 -47.75 -12.04 5.96
CA THR C 238 -48.66 -13.01 5.37
C THR C 238 -48.37 -13.17 3.89
N ILE C 239 -48.78 -14.31 3.33
CA ILE C 239 -48.61 -14.61 1.92
C ILE C 239 -49.90 -15.23 1.41
N ILE C 240 -50.27 -14.88 0.19
CA ILE C 240 -51.53 -15.35 -0.40
C ILE C 240 -51.24 -15.90 -1.80
N PHE C 241 -51.73 -17.11 -2.07
CA PHE C 241 -51.63 -17.72 -3.38
C PHE C 241 -53.00 -17.70 -4.03
N GLU C 242 -53.11 -17.02 -5.17
CA GLU C 242 -54.34 -17.00 -5.94
C GLU C 242 -54.02 -17.38 -7.37
N ALA C 243 -54.64 -18.47 -7.85
CA ALA C 243 -54.38 -18.94 -9.20
C ALA C 243 -55.57 -19.76 -9.66
N ASN C 244 -55.65 -19.97 -10.98
CA ASN C 244 -56.69 -20.81 -11.54
C ASN C 244 -56.14 -21.77 -12.58
N GLY C 245 -54.82 -21.98 -12.61
CA GLY C 245 -54.23 -22.92 -13.53
C GLY C 245 -52.72 -22.80 -13.63
N ASN C 246 -52.06 -23.90 -13.97
CA ASN C 246 -50.60 -23.92 -14.18
C ASN C 246 -49.86 -23.43 -12.93
N LEU C 247 -50.02 -24.19 -11.84
CA LEU C 247 -49.37 -23.87 -10.58
C LEU C 247 -48.75 -25.13 -10.00
N ILE C 248 -47.63 -24.94 -9.28
CA ILE C 248 -46.97 -26.00 -8.54
C ILE C 248 -46.82 -25.49 -7.12
N ALA C 249 -47.78 -25.80 -6.25
CA ALA C 249 -47.86 -25.20 -4.94
C ALA C 249 -46.71 -25.66 -4.05
N PRO C 250 -46.31 -24.85 -3.09
CA PRO C 250 -45.30 -25.29 -2.12
C PRO C 250 -45.86 -26.34 -1.18
N TRP C 251 -44.95 -27.13 -0.62
CA TRP C 251 -45.33 -28.19 0.31
C TRP C 251 -44.55 -28.04 1.61
N TYR C 252 -43.29 -27.65 1.50
CA TYR C 252 -42.41 -27.51 2.65
C TYR C 252 -41.65 -26.19 2.54
N ALA C 253 -41.20 -25.70 3.69
CA ALA C 253 -40.41 -24.48 3.74
C ALA C 253 -39.22 -24.70 4.67
N PHE C 254 -38.19 -23.89 4.48
CA PHE C 254 -36.95 -24.00 5.25
C PHE C 254 -36.82 -22.76 6.12
N ALA C 255 -37.30 -22.86 7.36
CA ALA C 255 -37.32 -21.72 8.29
C ALA C 255 -35.90 -21.49 8.80
N LEU C 256 -35.10 -20.83 7.98
CA LEU C 256 -33.70 -20.60 8.31
C LEU C 256 -33.56 -19.36 9.19
N SER C 257 -32.45 -19.32 9.93
CA SER C 257 -32.11 -18.18 10.77
C SER C 257 -30.61 -17.92 10.67
N ARG C 258 -30.25 -16.68 10.35
CA ARG C 258 -28.85 -16.32 10.18
C ARG C 258 -28.24 -15.84 11.50
N GLY C 263 -19.10 -19.54 4.27
CA GLY C 263 -18.96 -19.45 2.83
C GLY C 263 -19.19 -20.76 2.12
N ILE C 264 -18.98 -20.76 0.80
CA ILE C 264 -19.14 -21.95 -0.03
C ILE C 264 -17.86 -22.15 -0.84
N ILE C 265 -17.31 -23.36 -0.77
CA ILE C 265 -16.09 -23.71 -1.48
C ILE C 265 -16.39 -24.90 -2.38
N THR C 266 -15.36 -25.36 -3.10
CA THR C 266 -15.53 -26.48 -4.03
C THR C 266 -14.22 -27.24 -4.14
N SER C 267 -14.25 -28.53 -3.78
CA SER C 267 -13.07 -29.37 -3.87
C SER C 267 -13.50 -30.83 -3.83
N ASN C 268 -12.61 -31.70 -4.31
CA ASN C 268 -12.85 -33.13 -4.31
C ASN C 268 -12.10 -33.84 -3.18
N ALA C 269 -11.52 -33.10 -2.26
CA ALA C 269 -10.76 -33.70 -1.18
C ALA C 269 -11.67 -34.44 -0.21
N PRO C 270 -11.18 -35.50 0.44
CA PRO C 270 -12.01 -36.23 1.41
C PRO C 270 -12.17 -35.46 2.71
N MET C 271 -12.83 -36.07 3.69
CA MET C 271 -13.11 -35.45 4.97
C MET C 271 -12.63 -36.34 6.10
N ASP C 272 -12.02 -35.72 7.11
CA ASP C 272 -11.49 -36.45 8.26
C ASP C 272 -11.58 -35.56 9.48
N GLU C 273 -11.67 -36.18 10.66
CA GLU C 273 -11.69 -35.42 11.91
C GLU C 273 -10.40 -34.64 12.07
N CYS C 274 -10.51 -33.35 12.37
CA CYS C 274 -9.37 -32.45 12.40
C CYS C 274 -9.81 -31.10 12.92
N ASP C 275 -8.85 -30.34 13.45
CA ASP C 275 -9.07 -28.97 13.89
C ASP C 275 -8.18 -28.05 13.07
N ALA C 276 -8.78 -27.04 12.44
CA ALA C 276 -8.06 -26.12 11.59
C ALA C 276 -8.53 -24.70 11.83
N LYS C 277 -7.62 -23.74 11.65
CA LYS C 277 -7.98 -22.34 11.81
C LYS C 277 -8.77 -21.84 10.61
N CYS C 278 -8.42 -22.29 9.41
CA CYS C 278 -9.20 -22.01 8.21
C CYS C 278 -9.04 -23.20 7.26
N GLN C 279 -9.55 -23.03 6.04
CA GLN C 279 -9.46 -24.09 5.05
C GLN C 279 -9.27 -23.49 3.67
N THR C 280 -8.91 -24.36 2.74
CA THR C 280 -8.63 -24.03 1.35
C THR C 280 -9.12 -25.19 0.50
N PRO C 281 -9.53 -24.94 -0.76
CA PRO C 281 -9.90 -26.06 -1.63
C PRO C 281 -8.82 -27.13 -1.75
N GLN C 282 -7.54 -26.74 -1.73
CA GLN C 282 -6.47 -27.73 -1.78
C GLN C 282 -6.34 -28.53 -0.48
N GLY C 283 -6.83 -27.99 0.62
CA GLY C 283 -6.74 -28.68 1.90
C GLY C 283 -6.76 -27.67 3.04
N ALA C 284 -6.29 -28.12 4.20
CA ALA C 284 -6.26 -27.30 5.40
C ALA C 284 -4.87 -26.72 5.62
N ILE C 285 -4.83 -25.63 6.38
CA ILE C 285 -3.59 -24.94 6.72
C ILE C 285 -3.44 -24.95 8.23
N ASN C 286 -2.27 -25.39 8.71
CA ASN C 286 -2.01 -25.50 10.14
C ASN C 286 -1.10 -24.41 10.69
N SER C 287 -0.36 -23.73 9.83
CA SER C 287 0.60 -22.73 10.29
C SER C 287 -0.11 -21.42 10.62
N SER C 288 0.63 -20.52 11.27
CA SER C 288 0.11 -19.21 11.67
C SER C 288 1.14 -18.12 11.39
N LEU C 289 1.87 -18.26 10.28
CA LEU C 289 2.86 -17.26 9.89
C LEU C 289 2.16 -16.03 9.32
N PRO C 290 2.87 -14.90 9.28
CA PRO C 290 2.24 -13.66 8.76
C PRO C 290 1.71 -13.76 7.35
N PHE C 291 2.24 -14.64 6.52
CA PHE C 291 1.85 -14.72 5.11
C PHE C 291 1.58 -16.17 4.72
N GLN C 292 1.22 -16.35 3.44
CA GLN C 292 1.01 -17.65 2.84
C GLN C 292 0.79 -17.45 1.35
N ASN C 293 1.08 -18.49 0.57
CA ASN C 293 0.97 -18.37 -0.89
C ASN C 293 0.41 -19.62 -1.56
N VAL C 294 -0.26 -20.51 -0.82
CA VAL C 294 -0.75 -21.74 -1.43
C VAL C 294 -1.92 -21.45 -2.37
N HIS C 295 -2.84 -20.56 -1.96
CA HIS C 295 -4.03 -20.28 -2.75
C HIS C 295 -4.70 -19.03 -2.22
N PRO C 296 -5.20 -18.14 -3.10
CA PRO C 296 -5.87 -16.93 -2.62
C PRO C 296 -7.31 -17.17 -2.19
N VAL C 297 -8.01 -18.08 -2.86
CA VAL C 297 -9.41 -18.35 -2.58
C VAL C 297 -9.49 -19.23 -1.34
N THR C 298 -10.03 -18.68 -0.25
CA THR C 298 -10.13 -19.42 1.00
C THR C 298 -11.17 -18.75 1.88
N ILE C 299 -11.53 -19.44 2.96
CA ILE C 299 -12.45 -18.92 3.96
C ILE C 299 -11.82 -19.11 5.34
N GLY C 300 -11.86 -18.06 6.16
CA GLY C 300 -11.35 -18.14 7.50
C GLY C 300 -10.47 -16.98 7.93
N GLU C 301 -9.51 -17.25 8.80
CA GLU C 301 -8.64 -16.21 9.35
C GLU C 301 -7.19 -16.37 8.92
N CYS C 302 -6.91 -17.18 7.90
CA CYS C 302 -5.54 -17.33 7.42
C CYS C 302 -5.09 -16.07 6.67
N PRO C 303 -3.77 -15.88 6.55
CA PRO C 303 -3.26 -14.59 6.04
C PRO C 303 -3.46 -14.37 4.54
N LYS C 304 -2.87 -13.30 4.04
CA LYS C 304 -3.11 -12.84 2.68
C LYS C 304 -2.44 -13.77 1.67
N TYR C 305 -2.51 -13.39 0.40
CA TYR C 305 -1.89 -14.13 -0.69
C TYR C 305 -0.77 -13.30 -1.29
N VAL C 306 0.39 -13.89 -1.46
CA VAL C 306 1.58 -13.20 -1.94
C VAL C 306 2.23 -14.05 -3.04
N ARG C 307 2.51 -13.42 -4.17
CA ARG C 307 3.07 -14.15 -5.31
C ARG C 307 4.57 -14.35 -5.22
N SER C 308 5.23 -13.75 -4.22
CA SER C 308 6.68 -13.92 -4.09
C SER C 308 7.03 -15.37 -3.77
N ALA C 309 8.11 -15.85 -4.36
CA ALA C 309 8.49 -17.25 -4.21
C ALA C 309 8.81 -17.59 -2.76
N LYS C 310 9.87 -17.00 -2.22
CA LYS C 310 10.28 -17.28 -0.85
C LYS C 310 10.94 -16.05 -0.26
N LEU C 311 10.65 -15.78 1.01
CA LEU C 311 11.24 -14.66 1.73
C LEU C 311 11.46 -15.07 3.17
N ARG C 312 12.57 -14.61 3.75
CA ARG C 312 12.90 -14.94 5.13
C ARG C 312 13.64 -13.79 5.78
N MET C 313 13.60 -13.76 7.10
CA MET C 313 14.19 -12.68 7.89
C MET C 313 15.54 -13.12 8.42
N VAL C 314 16.36 -12.15 8.78
CA VAL C 314 17.68 -12.41 9.34
C VAL C 314 17.64 -12.14 10.84
N THR C 315 18.22 -13.06 11.61
CA THR C 315 18.22 -12.98 13.06
C THR C 315 19.57 -13.42 13.61
N GLY C 316 20.63 -12.95 12.96
CA GLY C 316 21.96 -13.35 13.36
C GLY C 316 23.02 -12.42 12.83
N LEU C 317 24.23 -12.97 12.71
CA LEU C 317 25.39 -12.23 12.21
C LEU C 317 25.82 -12.78 10.86
N ARG C 318 26.80 -12.11 10.26
CA ARG C 318 27.42 -12.64 9.05
C ARG C 318 28.23 -13.88 9.40
N ASN C 319 28.12 -14.90 8.56
CA ASN C 319 28.70 -16.21 8.85
C ASN C 319 29.98 -16.40 8.06
N ILE C 320 31.11 -16.41 8.76
CA ILE C 320 32.40 -16.77 8.17
C ILE C 320 33.11 -17.71 9.13
N PRO C 321 33.25 -18.99 8.80
CA PRO C 321 33.84 -19.96 9.75
C PRO C 321 35.27 -19.62 10.13
N SER C 322 36.11 -19.33 9.15
CA SER C 322 37.51 -18.98 9.38
C SER C 322 38.24 -20.04 10.20
N GLY D 4 47.54 -18.45 17.75
CA GLY D 4 46.41 -19.31 18.03
C GLY D 4 45.13 -18.56 18.27
N ALA D 5 45.16 -17.63 19.22
CA ALA D 5 44.00 -16.82 19.57
C ALA D 5 43.89 -15.60 18.65
N ILE D 6 43.75 -15.88 17.35
CA ILE D 6 43.67 -14.82 16.36
C ILE D 6 42.36 -14.07 16.54
N ALA D 7 42.45 -12.73 16.59
CA ALA D 7 41.26 -11.91 16.75
C ALA D 7 40.34 -12.09 15.54
N GLY D 8 39.03 -11.99 15.79
CA GLY D 8 38.10 -12.38 14.76
C GLY D 8 37.04 -11.38 14.33
N PHE D 9 36.92 -10.24 15.00
CA PHE D 9 35.83 -9.35 14.63
C PHE D 9 36.08 -8.64 13.32
N ILE D 10 37.27 -8.77 12.75
CA ILE D 10 37.58 -8.22 11.43
C ILE D 10 37.75 -9.33 10.40
N GLU D 11 38.30 -10.49 10.79
CA GLU D 11 38.45 -11.60 9.86
C GLU D 11 37.17 -12.43 9.77
N GLY D 12 36.78 -13.05 10.88
CA GLY D 12 35.60 -13.89 10.90
C GLY D 12 35.40 -14.47 12.29
N GLY D 13 34.18 -14.95 12.52
CA GLY D 13 33.84 -15.44 13.83
C GLY D 13 34.53 -16.74 14.17
N TRP D 14 34.55 -17.05 15.46
CA TRP D 14 35.11 -18.29 15.95
C TRP D 14 34.08 -19.42 15.78
N THR D 15 34.46 -20.62 16.23
CA THR D 15 33.56 -21.75 16.24
C THR D 15 33.36 -22.37 17.61
N GLY D 16 34.24 -22.10 18.57
CA GLY D 16 34.12 -22.62 19.91
C GLY D 16 33.30 -21.76 20.86
N MET D 17 32.66 -20.72 20.37
CA MET D 17 31.86 -19.81 21.17
C MET D 17 30.39 -20.18 21.00
N VAL D 18 29.77 -20.68 22.06
CA VAL D 18 28.40 -21.16 21.98
C VAL D 18 27.53 -20.46 23.02
N ASP D 19 28.15 -19.98 24.10
CA ASP D 19 27.39 -19.38 25.19
C ASP D 19 26.67 -18.11 24.74
N GLY D 20 27.36 -17.26 23.99
CA GLY D 20 26.78 -15.99 23.58
C GLY D 20 27.25 -15.58 22.20
N TRP D 21 26.67 -14.48 21.71
CA TRP D 21 27.04 -13.98 20.39
C TRP D 21 28.40 -13.31 20.41
N TYR D 22 28.54 -12.23 21.19
CA TYR D 22 29.79 -11.50 21.28
C TYR D 22 30.56 -11.98 22.50
N GLY D 23 31.85 -12.24 22.33
CA GLY D 23 32.64 -12.79 23.40
C GLY D 23 34.03 -12.21 23.54
N TYR D 24 34.91 -12.95 24.22
CA TYR D 24 36.27 -12.52 24.48
C TYR D 24 37.18 -13.72 24.27
N HIS D 25 38.44 -13.58 24.68
CA HIS D 25 39.37 -14.71 24.73
C HIS D 25 40.38 -14.41 25.83
N HIS D 26 40.14 -14.96 27.03
CA HIS D 26 40.97 -14.66 28.19
C HIS D 26 42.25 -15.50 28.17
N GLN D 27 43.03 -15.30 27.12
CA GLN D 27 44.31 -15.99 27.00
C GLN D 27 45.28 -15.50 28.06
N ASN D 28 45.74 -16.41 28.91
CA ASN D 28 46.66 -16.08 29.99
C ASN D 28 47.34 -17.37 30.42
N GLU D 29 48.45 -17.23 31.15
CA GLU D 29 49.12 -18.39 31.71
C GLU D 29 48.15 -19.18 32.59
N GLN D 30 48.11 -20.50 32.37
CA GLN D 30 47.16 -21.43 32.99
C GLN D 30 45.77 -20.83 33.12
N GLY D 31 45.31 -20.14 32.08
CA GLY D 31 44.00 -19.52 32.11
C GLY D 31 43.29 -19.52 30.77
N SER D 32 43.78 -20.32 29.82
CA SER D 32 43.19 -20.34 28.49
C SER D 32 41.76 -20.87 28.54
N GLY D 33 40.91 -20.31 27.69
CA GLY D 33 39.51 -20.68 27.65
C GLY D 33 38.61 -19.53 27.24
N TYR D 34 37.60 -19.83 26.42
CA TYR D 34 36.72 -18.78 25.92
C TYR D 34 35.85 -18.23 27.04
N ALA D 35 35.01 -17.25 26.69
CA ALA D 35 34.10 -16.63 27.63
C ALA D 35 32.98 -15.98 26.82
N ALA D 36 32.18 -15.14 27.48
CA ALA D 36 31.13 -14.42 26.80
C ALA D 36 30.78 -13.17 27.60
N ASP D 37 30.30 -12.16 26.91
CA ASP D 37 29.88 -10.91 27.54
C ASP D 37 28.40 -11.01 27.88
N GLN D 38 28.07 -10.77 29.14
CA GLN D 38 26.72 -10.98 29.65
C GLN D 38 25.87 -9.71 29.67
N LYS D 39 26.27 -8.68 28.96
CA LYS D 39 25.46 -7.47 28.92
C LYS D 39 25.08 -7.03 27.52
N SER D 40 25.99 -7.12 26.55
CA SER D 40 25.67 -6.70 25.19
C SER D 40 24.75 -7.71 24.50
N THR D 41 24.95 -9.00 24.77
CA THR D 41 24.11 -10.02 24.14
C THR D 41 22.66 -9.86 24.55
N GLN D 42 22.41 -9.53 25.82
CA GLN D 42 21.03 -9.36 26.27
C GLN D 42 20.36 -8.18 25.59
N ASN D 43 21.08 -7.06 25.41
CA ASN D 43 20.53 -5.92 24.70
C ASN D 43 20.23 -6.26 23.25
N ALA D 44 21.15 -6.98 22.59
CA ALA D 44 20.90 -7.40 21.22
C ALA D 44 19.67 -8.31 21.13
N ILE D 45 19.53 -9.22 22.10
CA ILE D 45 18.38 -10.11 22.11
C ILE D 45 17.09 -9.33 22.24
N ASN D 46 17.07 -8.35 23.16
CA ASN D 46 15.88 -7.54 23.34
C ASN D 46 15.53 -6.78 22.07
N GLN D 47 16.54 -6.17 21.44
CA GLN D 47 16.27 -5.40 20.22
C GLN D 47 15.73 -6.29 19.11
N ILE D 48 16.33 -7.46 18.91
CA ILE D 48 15.90 -8.34 17.83
C ILE D 48 14.49 -8.86 18.08
N THR D 49 14.20 -9.26 19.32
CA THR D 49 12.85 -9.70 19.64
C THR D 49 11.84 -8.60 19.38
N ASN D 50 12.16 -7.37 19.79
CA ASN D 50 11.24 -6.26 19.56
C ASN D 50 10.99 -6.05 18.08
N LYS D 51 12.07 -6.06 17.28
CA LYS D 51 11.93 -5.84 15.84
C LYS D 51 11.04 -6.90 15.20
N VAL D 52 11.33 -8.17 15.46
CA VAL D 52 10.59 -9.24 14.78
C VAL D 52 9.14 -9.27 15.26
N ASN D 53 8.92 -9.06 16.56
CA ASN D 53 7.54 -9.03 17.06
C ASN D 53 6.76 -7.88 16.45
N SER D 54 7.38 -6.71 16.31
CA SER D 54 6.70 -5.58 15.68
C SER D 54 6.38 -5.89 14.23
N VAL D 55 7.29 -6.58 13.52
CA VAL D 55 7.02 -6.95 12.14
C VAL D 55 5.83 -7.91 12.06
N ILE D 56 5.78 -8.88 12.96
CA ILE D 56 4.81 -9.98 12.82
C ILE D 56 3.42 -9.57 13.30
N GLU D 57 3.33 -9.04 14.52
CA GLU D 57 2.04 -8.98 15.22
C GLU D 57 1.22 -7.73 14.90
N LYS D 58 1.68 -6.84 14.02
CA LYS D 58 0.89 -5.66 13.71
C LYS D 58 -0.33 -5.95 12.84
N MET D 59 -0.45 -7.16 12.30
CA MET D 59 -1.53 -7.52 11.39
C MET D 59 -2.56 -8.36 12.11
N ASN D 60 -3.83 -7.99 11.97
CA ASN D 60 -4.94 -8.74 12.52
C ASN D 60 -5.76 -9.36 11.40
N THR D 61 -6.47 -10.44 11.73
CA THR D 61 -7.25 -11.20 10.77
C THR D 61 -8.67 -11.36 11.27
N GLN D 62 -9.59 -11.56 10.33
CA GLN D 62 -11.02 -11.62 10.66
C GLN D 62 -11.75 -12.46 9.62
N PHE D 63 -12.93 -12.92 10.02
CA PHE D 63 -13.71 -13.84 9.19
C PHE D 63 -14.24 -13.13 7.94
N THR D 64 -13.87 -13.66 6.77
CA THR D 64 -14.31 -13.13 5.50
C THR D 64 -14.40 -14.26 4.48
N ALA D 65 -14.72 -13.89 3.24
CA ALA D 65 -14.78 -14.82 2.13
C ALA D 65 -14.27 -14.12 0.88
N VAL D 66 -13.92 -14.92 -0.13
CA VAL D 66 -13.35 -14.42 -1.37
C VAL D 66 -14.20 -14.83 -2.58
N GLY D 67 -14.60 -16.09 -2.64
CA GLY D 67 -15.28 -16.61 -3.80
C GLY D 67 -16.64 -16.02 -4.10
N LYS D 68 -16.82 -15.49 -5.30
CA LYS D 68 -18.11 -15.03 -5.79
C LYS D 68 -18.29 -15.49 -7.23
N GLU D 69 -19.54 -15.75 -7.60
CA GLU D 69 -19.86 -16.23 -8.94
C GLU D 69 -20.97 -15.38 -9.54
N PHE D 70 -21.04 -15.37 -10.86
CA PHE D 70 -22.06 -14.64 -11.60
C PHE D 70 -22.52 -15.47 -12.79
N ASN D 71 -23.60 -15.03 -13.41
CA ASN D 71 -24.16 -15.71 -14.57
C ASN D 71 -23.56 -15.13 -15.85
N LYS D 72 -24.16 -15.48 -17.00
CA LYS D 72 -23.61 -15.04 -18.28
C LYS D 72 -23.68 -13.52 -18.43
N LEU D 73 -24.78 -12.91 -18.02
CA LEU D 73 -24.93 -11.47 -18.15
C LEU D 73 -24.22 -10.76 -16.99
N GLU D 74 -24.24 -9.43 -17.05
CA GLU D 74 -23.58 -8.59 -16.05
C GLU D 74 -22.10 -8.94 -15.91
N ARG D 75 -21.40 -8.93 -17.05
CA ARG D 75 -19.97 -9.21 -17.04
C ARG D 75 -19.17 -8.05 -16.47
N ARG D 76 -19.74 -6.85 -16.42
CA ARG D 76 -19.05 -5.70 -15.87
C ARG D 76 -18.72 -5.93 -14.39
N MET D 77 -19.64 -6.55 -13.65
CA MET D 77 -19.38 -6.84 -12.24
C MET D 77 -18.21 -7.79 -12.09
N GLU D 78 -18.14 -8.82 -12.93
CA GLU D 78 -17.02 -9.76 -12.86
C GLU D 78 -15.70 -9.07 -13.18
N ASN D 79 -15.71 -8.19 -14.21
CA ASN D 79 -14.49 -7.45 -14.53
C ASN D 79 -14.05 -6.58 -13.35
N LEU D 80 -15.00 -5.91 -12.71
CA LEU D 80 -14.66 -5.05 -11.57
C LEU D 80 -14.10 -5.86 -10.40
N ASN D 81 -14.71 -7.02 -10.13
CA ASN D 81 -14.22 -7.87 -9.04
C ASN D 81 -12.80 -8.35 -9.33
N LYS D 82 -12.54 -8.77 -10.56
CA LYS D 82 -11.18 -9.18 -10.92
C LYS D 82 -10.21 -8.02 -10.76
N LYS D 83 -10.61 -6.82 -11.17
CA LYS D 83 -9.73 -5.66 -11.07
C LYS D 83 -9.35 -5.38 -9.62
N VAL D 84 -10.34 -5.36 -8.71
CA VAL D 84 -10.04 -5.02 -7.32
C VAL D 84 -9.19 -6.12 -6.68
N ASP D 85 -9.50 -7.39 -6.98
CA ASP D 85 -8.69 -8.48 -6.43
C ASP D 85 -7.24 -8.38 -6.89
N ASP D 86 -7.03 -8.11 -8.18
CA ASP D 86 -5.66 -7.97 -8.69
C ASP D 86 -4.95 -6.78 -8.04
N GLY D 87 -5.68 -5.67 -7.85
CA GLY D 87 -5.05 -4.52 -7.21
C GLY D 87 -4.54 -4.82 -5.82
N PHE D 88 -5.38 -5.47 -5.00
CA PHE D 88 -4.92 -5.82 -3.66
C PHE D 88 -3.77 -6.83 -3.71
N LEU D 89 -3.89 -7.82 -4.60
CA LEU D 89 -2.85 -8.85 -4.71
C LEU D 89 -1.52 -8.27 -5.16
N ASP D 90 -1.54 -7.12 -5.85
CA ASP D 90 -0.29 -6.48 -6.24
C ASP D 90 0.27 -5.65 -5.09
N ILE D 91 -0.59 -4.84 -4.45
CA ILE D 91 -0.13 -3.95 -3.40
C ILE D 91 0.51 -4.73 -2.26
N TRP D 92 -0.13 -5.84 -1.85
CA TRP D 92 0.37 -6.56 -0.69
C TRP D 92 1.76 -7.14 -0.93
N THR D 93 1.99 -7.75 -2.10
CA THR D 93 3.31 -8.29 -2.39
C THR D 93 4.35 -7.18 -2.50
N TYR D 94 3.97 -6.05 -3.12
CA TYR D 94 4.96 -4.99 -3.25
C TYR D 94 5.36 -4.41 -1.90
N ASN D 95 4.45 -4.41 -0.93
CA ASN D 95 4.84 -3.98 0.42
C ASN D 95 5.69 -5.04 1.10
N ALA D 96 5.28 -6.31 1.01
CA ALA D 96 5.92 -7.37 1.77
C ALA D 96 7.35 -7.62 1.31
N GLU D 97 7.61 -7.47 0.02
CA GLU D 97 8.98 -7.65 -0.46
C GLU D 97 9.92 -6.60 0.16
N LEU D 98 9.54 -5.33 0.05
CA LEU D 98 10.43 -4.25 0.49
C LEU D 98 10.61 -4.24 2.01
N LEU D 99 9.58 -4.64 2.76
CA LEU D 99 9.73 -4.69 4.21
C LEU D 99 10.93 -5.53 4.63
N VAL D 100 10.95 -6.80 4.23
CA VAL D 100 12.06 -7.67 4.58
C VAL D 100 13.34 -7.23 3.89
N LEU D 101 13.24 -6.74 2.65
CA LEU D 101 14.45 -6.32 1.95
C LEU D 101 15.14 -5.16 2.63
N LEU D 102 14.43 -4.39 3.46
CA LEU D 102 15.08 -3.37 4.27
C LEU D 102 15.50 -3.88 5.64
N GLU D 103 14.71 -4.77 6.23
CA GLU D 103 15.04 -5.26 7.56
C GLU D 103 16.30 -6.11 7.57
N ASN D 104 16.49 -6.96 6.56
CA ASN D 104 17.70 -7.77 6.52
C ASN D 104 18.96 -6.96 6.30
N GLU D 105 18.84 -5.68 5.94
CA GLU D 105 19.99 -4.80 5.88
C GLU D 105 20.19 -4.05 7.19
N ARG D 106 19.10 -3.54 7.76
CA ARG D 106 19.22 -2.79 9.01
C ARG D 106 19.76 -3.67 10.13
N THR D 107 19.26 -4.91 10.23
CA THR D 107 19.72 -5.80 11.30
C THR D 107 21.20 -6.11 11.18
N LEU D 108 21.68 -6.40 9.97
CA LEU D 108 23.10 -6.69 9.78
C LEU D 108 23.96 -5.48 10.12
N ASP D 109 23.51 -4.28 9.73
CA ASP D 109 24.27 -3.08 10.06
C ASP D 109 24.38 -2.91 11.58
N PHE D 110 23.26 -3.12 12.29
CA PHE D 110 23.27 -2.98 13.75
C PHE D 110 24.21 -4.01 14.39
N HIS D 111 24.13 -5.26 13.93
CA HIS D 111 24.96 -6.31 14.52
C HIS D 111 26.44 -6.05 14.27
N ASP D 112 26.79 -5.53 13.10
CA ASP D 112 28.20 -5.27 12.82
C ASP D 112 28.69 -3.97 13.46
N SER D 113 27.78 -3.07 13.86
CA SER D 113 28.21 -1.90 14.62
C SER D 113 28.43 -2.20 16.11
N ASN D 114 27.64 -3.14 16.66
CA ASN D 114 27.73 -3.40 18.09
C ASN D 114 29.11 -3.92 18.49
N VAL D 115 29.70 -4.80 17.68
CA VAL D 115 30.99 -5.37 18.04
C VAL D 115 32.07 -4.30 18.04
N LYS D 116 32.06 -3.41 17.05
CA LYS D 116 33.05 -2.33 17.02
C LYS D 116 32.85 -1.39 18.21
N ASN D 117 31.59 -1.14 18.60
CA ASN D 117 31.36 -0.32 19.78
C ASN D 117 31.96 -0.99 21.02
N LEU D 118 31.78 -2.30 21.16
CA LEU D 118 32.38 -3.00 22.30
C LEU D 118 33.89 -2.93 22.27
N TYR D 119 34.49 -3.08 21.09
CA TYR D 119 35.94 -3.01 20.98
C TYR D 119 36.44 -1.63 21.40
N GLU D 120 35.77 -0.57 20.96
CA GLU D 120 36.19 0.78 21.35
C GLU D 120 36.02 0.98 22.86
N LYS D 121 34.94 0.42 23.43
CA LYS D 121 34.74 0.53 24.87
C LYS D 121 35.88 -0.14 25.64
N VAL D 122 36.32 -1.31 25.18
CA VAL D 122 37.40 -2.00 25.89
C VAL D 122 38.75 -1.34 25.59
N LYS D 123 38.85 -0.63 24.47
CA LYS D 123 40.09 0.07 24.14
C LYS D 123 40.26 1.32 24.99
N SER D 124 39.18 2.04 25.25
CA SER D 124 39.27 3.29 25.98
C SER D 124 39.83 3.08 27.38
N GLN D 125 39.41 2.01 28.06
CA GLN D 125 39.86 1.77 29.43
C GLN D 125 41.36 1.53 29.49
N LEU D 126 41.87 0.70 28.58
CA LEU D 126 43.31 0.43 28.50
C LEU D 126 43.97 1.58 27.75
N LYS D 127 44.31 2.63 28.50
CA LYS D 127 44.74 3.87 27.89
C LYS D 127 46.05 3.70 27.12
N ASN D 128 47.07 3.16 27.78
CA ASN D 128 48.38 3.00 27.13
C ASN D 128 49.06 1.67 27.41
N ASN D 129 48.62 0.90 28.40
CA ASN D 129 49.28 -0.35 28.73
C ASN D 129 49.12 -1.40 27.65
N ALA D 130 48.23 -1.20 26.69
CA ALA D 130 47.94 -2.19 25.65
C ALA D 130 48.68 -1.83 24.37
N LYS D 131 49.50 -2.75 23.89
CA LYS D 131 50.20 -2.59 22.61
C LYS D 131 49.29 -3.16 21.52
N GLU D 132 48.48 -2.31 20.92
CA GLU D 132 47.51 -2.75 19.92
C GLU D 132 48.21 -3.36 18.72
N ILE D 133 48.02 -4.66 18.53
CA ILE D 133 48.62 -5.35 17.39
C ILE D 133 48.05 -4.82 16.08
N GLY D 134 46.74 -4.51 16.08
CA GLY D 134 46.06 -4.01 14.91
C GLY D 134 45.27 -5.06 14.16
N ASN D 135 45.58 -6.34 14.36
CA ASN D 135 44.79 -7.40 13.76
C ASN D 135 43.42 -7.54 14.40
N GLY D 136 43.18 -6.89 15.53
CA GLY D 136 41.89 -6.95 16.17
C GLY D 136 41.92 -7.01 17.68
N CYS D 137 43.12 -7.06 18.28
CA CYS D 137 43.20 -7.14 19.74
C CYS D 137 44.57 -6.66 20.20
N PHE D 138 44.78 -6.72 21.52
CA PHE D 138 45.91 -6.10 22.20
C PHE D 138 46.90 -7.15 22.70
N GLU D 139 47.90 -6.68 23.43
CA GLU D 139 48.90 -7.56 24.04
C GLU D 139 49.50 -6.78 25.21
N PHE D 140 49.21 -7.24 26.43
CA PHE D 140 49.57 -6.49 27.63
C PHE D 140 51.08 -6.41 27.81
N TYR D 141 51.52 -5.34 28.45
CA TYR D 141 52.92 -5.17 28.85
C TYR D 141 53.17 -5.79 30.22
N HIS D 142 52.41 -5.36 31.22
CA HIS D 142 52.53 -5.91 32.56
C HIS D 142 51.94 -7.32 32.62
N LYS D 143 52.26 -8.04 33.69
CA LYS D 143 51.79 -9.40 33.90
C LYS D 143 50.96 -9.45 35.17
N CYS D 144 49.80 -10.09 35.09
CA CYS D 144 48.95 -10.29 36.26
C CYS D 144 48.04 -11.49 36.02
N ASN D 145 47.42 -11.94 37.10
CA ASN D 145 46.61 -13.16 37.07
C ASN D 145 45.24 -12.88 36.46
N ASN D 146 44.31 -13.83 36.62
CA ASN D 146 42.98 -13.71 36.05
C ASN D 146 42.18 -12.57 36.65
N GLU D 147 42.65 -11.96 37.74
CA GLU D 147 41.96 -10.82 38.31
C GLU D 147 41.86 -9.67 37.30
N CYS D 148 42.92 -9.43 36.54
CA CYS D 148 42.88 -8.39 35.52
C CYS D 148 41.86 -8.71 34.44
N MET D 149 41.82 -9.98 34.00
CA MET D 149 40.83 -10.40 33.02
C MET D 149 39.40 -10.22 33.54
N GLU D 150 39.16 -10.54 34.81
CA GLU D 150 37.83 -10.36 35.35
C GLU D 150 37.48 -8.88 35.51
N SER D 151 38.47 -8.05 35.85
CA SER D 151 38.22 -6.63 36.02
C SER D 151 37.93 -5.95 34.70
N VAL D 152 38.61 -6.37 33.62
CA VAL D 152 38.39 -5.73 32.33
C VAL D 152 36.96 -5.94 31.85
N LYS D 153 36.30 -7.00 32.31
CA LYS D 153 34.86 -7.13 32.10
C LYS D 153 34.08 -6.34 33.15
N ASN D 154 34.55 -6.36 34.40
CA ASN D 154 33.89 -5.61 35.46
C ASN D 154 34.00 -4.10 35.27
N GLY D 155 34.96 -3.64 34.48
CA GLY D 155 35.16 -2.22 34.27
C GLY D 155 35.87 -1.50 35.40
N THR D 156 36.51 -2.23 36.31
CA THR D 156 37.18 -1.65 37.46
C THR D 156 38.68 -1.49 37.26
N TYR D 157 39.20 -1.77 36.07
CA TYR D 157 40.63 -1.64 35.81
C TYR D 157 41.05 -0.18 35.93
N ASP D 158 42.27 0.04 36.42
CA ASP D 158 42.81 1.38 36.61
C ASP D 158 44.21 1.47 36.03
N TYR D 159 44.54 2.66 35.52
CA TYR D 159 45.83 2.96 34.93
C TYR D 159 46.93 3.21 35.97
N PRO D 160 46.73 4.13 36.92
CA PRO D 160 47.87 4.54 37.77
C PRO D 160 48.49 3.41 38.57
N LYS D 161 47.71 2.41 38.98
CA LYS D 161 48.23 1.34 39.81
C LYS D 161 49.29 0.53 39.07
N TYR D 162 49.04 0.21 37.80
CA TYR D 162 49.94 -0.61 37.01
C TYR D 162 50.86 0.20 36.11
N SER D 163 50.77 1.53 36.15
CA SER D 163 51.61 2.36 35.28
C SER D 163 53.08 2.20 35.61
N GLU D 164 53.41 2.02 36.89
CA GLU D 164 54.79 1.86 37.30
C GLU D 164 55.42 0.65 36.63
N GLU D 165 54.72 -0.48 36.63
CA GLU D 165 55.23 -1.67 35.96
C GLU D 165 55.14 -1.54 34.44
N SER D 166 54.18 -0.77 33.94
CA SER D 166 54.06 -0.57 32.50
C SER D 166 55.27 0.16 31.94
N LYS D 167 55.74 1.20 32.64
CA LYS D 167 56.83 2.01 32.10
C LYS D 167 58.14 1.22 32.04
N LEU D 168 58.38 0.33 33.00
CA LEU D 168 59.67 -0.34 33.09
C LEU D 168 59.96 -1.17 31.85
N ASN D 169 58.98 -1.93 31.38
CA ASN D 169 59.16 -2.81 30.23
C ASN D 169 58.71 -2.18 28.92
N ARG D 170 58.29 -0.92 28.94
CA ARG D 170 57.86 -0.25 27.72
C ARG D 170 59.05 0.33 26.97
N ASP E 1 54.97 13.35 -1.14
CA ASP E 1 55.05 13.29 0.31
C ASP E 1 53.66 13.14 0.94
N THR E 2 52.67 13.78 0.33
CA THR E 2 51.31 13.82 0.86
C THR E 2 50.43 12.91 0.02
N ILE E 3 49.93 11.84 0.65
CA ILE E 3 48.99 10.92 -0.03
C ILE E 3 47.60 11.37 0.39
N CYS E 4 47.03 12.27 -0.39
CA CYS E 4 45.77 12.90 -0.01
C CYS E 4 44.58 12.21 -0.64
N ILE E 5 43.48 12.16 0.10
CA ILE E 5 42.29 11.42 -0.28
C ILE E 5 41.20 12.39 -0.69
N GLY E 6 40.54 12.09 -1.81
CA GLY E 6 39.45 12.91 -2.29
C GLY E 6 38.42 12.04 -3.00
N TYR E 7 37.51 12.70 -3.70
CA TYR E 7 36.52 11.98 -4.48
C TYR E 7 36.18 12.77 -5.73
N HIS E 8 35.59 12.06 -6.70
CA HIS E 8 35.30 12.64 -8.00
C HIS E 8 34.24 13.72 -7.91
N ALA E 9 34.37 14.74 -8.74
CA ALA E 9 33.40 15.83 -8.80
C ALA E 9 33.49 16.50 -10.16
N ASN E 10 32.34 16.79 -10.76
CA ASN E 10 32.29 17.36 -12.10
C ASN E 10 31.27 18.49 -12.11
N ASN E 11 30.92 18.96 -13.32
CA ASN E 11 30.06 20.11 -13.50
C ASN E 11 28.61 19.75 -13.79
N SER E 12 28.24 18.48 -13.61
CA SER E 12 26.86 18.07 -13.87
C SER E 12 25.91 18.77 -12.91
N THR E 13 24.92 19.45 -13.46
CA THR E 13 23.97 20.24 -12.66
C THR E 13 22.61 19.56 -12.70
N ASP E 14 22.37 18.69 -11.73
CA ASP E 14 21.10 18.04 -11.53
C ASP E 14 20.55 18.35 -10.14
N THR E 15 19.33 17.91 -9.87
CA THR E 15 18.69 18.17 -8.59
C THR E 15 17.91 16.94 -8.14
N VAL E 16 18.12 16.54 -6.90
CA VAL E 16 17.34 15.48 -6.26
C VAL E 16 16.89 15.98 -4.90
N ASP E 17 15.85 15.34 -4.37
CA ASP E 17 15.25 15.73 -3.10
C ASP E 17 15.40 14.58 -2.11
N THR E 18 15.98 14.86 -0.96
CA THR E 18 16.16 13.88 0.11
C THR E 18 15.13 14.13 1.20
N VAL E 19 15.18 13.29 2.24
CA VAL E 19 14.25 13.47 3.35
C VAL E 19 14.76 14.50 4.35
N LEU E 20 16.03 14.90 4.26
CA LEU E 20 16.59 15.92 5.14
C LEU E 20 16.68 17.28 4.45
N GLU E 21 17.36 17.34 3.32
CA GLU E 21 17.55 18.59 2.58
C GLU E 21 16.77 18.53 1.27
N LYS E 22 16.48 19.72 0.73
CA LYS E 22 15.77 19.84 -0.53
C LYS E 22 16.64 20.56 -1.55
N ASN E 23 16.51 20.15 -2.82
CA ASN E 23 17.21 20.78 -3.94
C ASN E 23 18.72 20.71 -3.76
N VAL E 24 19.24 19.48 -3.76
CA VAL E 24 20.67 19.23 -3.66
C VAL E 24 21.16 18.71 -5.01
N THR E 25 22.41 19.01 -5.34
CA THR E 25 23.00 18.67 -6.63
C THR E 25 23.91 17.45 -6.50
N VAL E 26 23.83 16.55 -7.49
CA VAL E 26 24.60 15.32 -7.49
C VAL E 26 25.20 15.10 -8.88
N THR E 27 26.24 14.27 -8.93
CA THR E 27 26.97 14.06 -10.17
C THR E 27 26.15 13.26 -11.18
N HIS E 28 25.56 12.15 -10.76
CA HIS E 28 24.79 11.30 -11.65
C HIS E 28 23.39 11.10 -11.08
N SER E 29 22.49 10.59 -11.92
CA SER E 29 21.13 10.29 -11.50
C SER E 29 20.48 9.41 -12.56
N VAL E 30 19.39 8.76 -12.16
CA VAL E 30 18.57 7.96 -13.06
C VAL E 30 17.12 8.35 -12.85
N ASN E 31 16.39 8.55 -13.94
CA ASN E 31 15.03 9.06 -13.87
C ASN E 31 14.04 7.90 -13.94
N LEU E 32 13.09 7.88 -13.00
CA LEU E 32 12.10 6.81 -12.91
C LEU E 32 10.75 7.17 -13.53
N LEU E 33 10.64 8.34 -14.14
CA LEU E 33 9.37 8.79 -14.71
C LEU E 33 9.62 9.35 -16.10
N GLU E 34 8.65 9.18 -16.99
CA GLU E 34 8.74 9.74 -18.34
C GLU E 34 7.41 10.38 -18.70
N ASP E 35 7.48 11.46 -19.48
CA ASP E 35 6.31 12.15 -20.00
C ASP E 35 6.59 12.36 -21.49
N SER E 36 6.26 11.37 -22.30
CA SER E 36 6.52 11.44 -23.73
C SER E 36 5.58 10.50 -24.46
N HIS E 37 4.91 11.01 -25.49
CA HIS E 37 4.03 10.22 -26.32
C HIS E 37 4.37 10.46 -27.79
N ASN E 38 4.33 9.38 -28.58
CA ASN E 38 4.66 9.50 -30.00
C ASN E 38 3.69 10.43 -30.71
N GLY E 39 2.45 10.51 -30.25
CA GLY E 39 1.45 11.38 -30.85
C GLY E 39 0.55 10.72 -31.88
N LYS E 40 0.80 9.46 -32.23
CA LYS E 40 -0.05 8.76 -33.18
C LYS E 40 -0.11 7.29 -32.80
N LEU E 41 -1.16 6.63 -33.28
CA LEU E 41 -1.37 5.23 -32.97
C LEU E 41 -0.36 4.34 -33.69
N CYS E 42 0.01 3.24 -33.04
CA CYS E 42 0.92 2.26 -33.62
C CYS E 42 0.28 0.88 -33.56
N LEU E 43 1.05 -0.15 -33.87
CA LEU E 43 0.56 -1.53 -33.80
C LEU E 43 0.88 -2.12 -32.43
N LEU E 44 -0.15 -2.43 -31.66
CA LEU E 44 0.05 -3.14 -30.39
C LEU E 44 -0.04 -4.64 -30.69
N LYS E 45 1.09 -5.18 -31.12
CA LYS E 45 1.25 -6.61 -31.41
C LYS E 45 0.18 -7.02 -32.43
N GLY E 46 -0.22 -8.28 -32.43
CA GLY E 46 -1.33 -8.72 -33.26
C GLY E 46 -1.10 -8.42 -34.72
N ILE E 47 -2.10 -7.78 -35.34
CA ILE E 47 -2.02 -7.42 -36.75
C ILE E 47 -2.19 -5.91 -36.90
N ALA E 48 -3.35 -5.40 -36.52
CA ALA E 48 -3.68 -3.99 -36.70
C ALA E 48 -4.95 -3.69 -35.90
N PRO E 49 -5.19 -2.42 -35.58
CA PRO E 49 -6.46 -2.03 -34.97
C PRO E 49 -7.47 -1.57 -36.00
N LEU E 50 -8.74 -1.58 -35.56
CA LEU E 50 -9.81 -1.10 -36.42
C LEU E 50 -9.86 0.43 -36.42
N GLN E 51 -10.53 0.97 -37.44
CA GLN E 51 -10.68 2.42 -37.60
C GLN E 51 -12.15 2.69 -37.93
N LEU E 52 -12.96 2.86 -36.90
CA LEU E 52 -14.39 3.14 -37.08
C LEU E 52 -14.67 4.64 -37.13
N GLY E 53 -13.97 5.34 -38.03
CA GLY E 53 -14.19 6.77 -38.15
C GLY E 53 -15.58 7.07 -38.68
N ASN E 54 -16.21 8.09 -38.10
CA ASN E 54 -17.56 8.51 -38.46
C ASN E 54 -18.54 7.34 -38.39
N CYS E 55 -18.41 6.54 -37.33
CA CYS E 55 -19.26 5.37 -37.15
C CYS E 55 -19.28 5.04 -35.66
N SER E 56 -19.90 3.92 -35.31
CA SER E 56 -19.99 3.49 -33.92
C SER E 56 -20.19 2.00 -33.88
N VAL E 57 -19.94 1.41 -32.70
CA VAL E 57 -20.10 -0.03 -32.54
C VAL E 57 -21.54 -0.44 -32.75
N ALA E 58 -22.48 0.38 -32.27
CA ALA E 58 -23.89 0.10 -32.48
C ALA E 58 -24.33 0.27 -33.92
N GLY E 59 -23.49 0.83 -34.78
CA GLY E 59 -23.84 1.04 -36.16
C GLY E 59 -23.10 0.11 -37.10
N TRP E 60 -21.96 -0.41 -36.66
CA TRP E 60 -21.22 -1.36 -37.48
C TRP E 60 -21.87 -2.74 -37.44
N ILE E 61 -22.41 -3.14 -36.29
CA ILE E 61 -23.01 -4.46 -36.17
C ILE E 61 -24.23 -4.60 -37.08
N LEU E 62 -25.09 -3.59 -37.09
CA LEU E 62 -26.25 -3.62 -37.97
C LEU E 62 -25.93 -3.15 -39.39
N GLY E 63 -24.73 -2.61 -39.62
CA GLY E 63 -24.34 -2.22 -40.97
C GLY E 63 -25.08 -1.01 -41.50
N ASN E 64 -24.82 0.16 -40.93
CA ASN E 64 -25.46 1.38 -41.41
C ASN E 64 -25.02 1.63 -42.86
N PRO E 65 -25.96 1.96 -43.75
CA PRO E 65 -25.59 2.11 -45.17
C PRO E 65 -24.56 3.19 -45.44
N GLU E 66 -24.62 4.30 -44.70
CA GLU E 66 -23.67 5.40 -44.93
C GLU E 66 -22.35 5.20 -44.19
N CYS E 67 -22.22 4.12 -43.42
CA CYS E 67 -20.93 3.75 -42.84
C CYS E 67 -20.18 2.76 -43.71
N GLU E 68 -20.89 1.91 -44.45
CA GLU E 68 -20.31 0.95 -45.39
C GLU E 68 -19.28 0.05 -44.69
N LEU E 69 -19.63 -0.41 -43.49
CA LEU E 69 -18.80 -1.33 -42.73
C LEU E 69 -17.40 -0.74 -42.60
N LEU E 70 -16.37 -1.55 -42.85
CA LEU E 70 -14.99 -1.07 -42.95
C LEU E 70 -14.31 -1.77 -44.12
N ILE E 71 -15.02 -1.81 -45.26
CA ILE E 71 -14.61 -2.54 -46.46
C ILE E 71 -14.64 -4.03 -46.16
N SER E 72 -13.71 -4.50 -45.34
CA SER E 72 -13.68 -5.88 -44.90
C SER E 72 -12.74 -6.00 -43.71
N LYS E 73 -13.14 -6.82 -42.74
CA LYS E 73 -12.33 -7.03 -41.54
C LYS E 73 -12.27 -8.52 -41.24
N GLU E 74 -11.14 -8.97 -40.74
CA GLU E 74 -10.92 -10.38 -40.41
C GLU E 74 -10.44 -10.59 -38.98
N SER E 75 -9.59 -9.70 -38.47
CA SER E 75 -9.11 -9.79 -37.10
C SER E 75 -8.58 -8.42 -36.69
N TRP E 76 -8.52 -8.21 -35.38
CA TRP E 76 -8.02 -6.95 -34.85
C TRP E 76 -7.60 -7.14 -33.40
N SER E 77 -6.77 -6.22 -32.92
CA SER E 77 -6.29 -6.25 -31.55
C SER E 77 -7.14 -5.39 -30.62
N TYR E 78 -7.57 -4.22 -31.08
CA TYR E 78 -8.39 -3.33 -30.28
C TYR E 78 -9.18 -2.41 -31.19
N ILE E 79 -10.23 -1.81 -30.63
CA ILE E 79 -11.14 -0.98 -31.39
C ILE E 79 -10.75 0.49 -31.21
N VAL E 80 -10.99 1.29 -32.25
CA VAL E 80 -10.81 2.74 -32.19
C VAL E 80 -12.11 3.39 -32.63
N GLU E 81 -12.64 4.29 -31.82
CA GLU E 81 -13.92 4.94 -32.09
C GLU E 81 -13.80 6.44 -31.88
N THR E 82 -14.37 7.20 -32.81
CA THR E 82 -14.40 8.65 -32.66
C THR E 82 -15.25 9.04 -31.45
N PRO E 83 -14.78 9.94 -30.60
CA PRO E 83 -15.53 10.27 -29.38
C PRO E 83 -16.91 10.86 -29.64
N ASN E 84 -17.14 11.44 -30.83
CA ASN E 84 -18.44 11.99 -31.20
C ASN E 84 -18.92 11.32 -32.48
N PRO E 85 -19.62 10.21 -32.37
CA PRO E 85 -20.07 9.49 -33.57
C PRO E 85 -21.41 10.00 -34.09
N GLU E 86 -21.48 10.29 -35.40
CA GLU E 86 -22.74 10.72 -36.00
C GLU E 86 -23.62 9.53 -36.34
N ASN E 87 -23.13 8.63 -37.18
CA ASN E 87 -23.92 7.51 -37.68
C ASN E 87 -24.03 6.44 -36.61
N GLY E 88 -25.20 6.33 -35.99
CA GLY E 88 -25.48 5.26 -35.06
C GLY E 88 -26.52 4.31 -35.62
N THR E 89 -27.77 4.46 -35.20
CA THR E 89 -28.90 3.74 -35.76
C THR E 89 -29.74 4.74 -36.53
N CYS E 90 -29.84 4.56 -37.85
CA CYS E 90 -30.61 5.48 -38.67
C CYS E 90 -32.09 5.47 -38.28
N TYR E 91 -32.68 4.29 -38.23
CA TYR E 91 -34.05 4.14 -37.77
C TYR E 91 -34.10 4.31 -36.26
N PRO E 92 -34.90 5.23 -35.73
CA PRO E 92 -34.88 5.45 -34.27
C PRO E 92 -35.25 4.19 -33.52
N GLY E 93 -34.60 3.97 -32.40
CA GLY E 93 -34.82 2.76 -31.66
C GLY E 93 -34.15 2.78 -30.30
N TYR E 94 -33.99 1.58 -29.74
CA TYR E 94 -33.45 1.43 -28.40
C TYR E 94 -32.80 0.05 -28.32
N PHE E 95 -31.46 0.02 -28.40
CA PHE E 95 -30.72 -1.23 -28.40
C PHE E 95 -30.73 -1.83 -26.99
N ALA E 96 -31.36 -3.00 -26.85
CA ALA E 96 -31.52 -3.60 -25.53
C ALA E 96 -30.21 -4.21 -25.05
N ASP E 97 -29.83 -3.89 -23.82
CA ASP E 97 -28.61 -4.40 -23.19
C ASP E 97 -27.38 -4.09 -24.04
N TYR E 98 -27.34 -2.87 -24.59
CA TYR E 98 -26.25 -2.48 -25.49
C TYR E 98 -24.93 -2.38 -24.76
N GLU E 99 -24.95 -2.05 -23.48
CA GLU E 99 -23.71 -1.77 -22.75
C GLU E 99 -22.84 -3.02 -22.64
N GLU E 100 -23.44 -4.18 -22.42
CA GLU E 100 -22.66 -5.40 -22.26
C GLU E 100 -22.14 -5.92 -23.59
N LEU E 101 -22.79 -5.54 -24.70
CA LEU E 101 -22.30 -5.92 -26.01
C LEU E 101 -20.93 -5.33 -26.30
N ARG E 102 -20.63 -4.15 -25.75
CA ARG E 102 -19.29 -3.60 -25.88
C ARG E 102 -18.27 -4.47 -25.15
N GLU E 103 -18.64 -4.99 -23.98
CA GLU E 103 -17.76 -5.92 -23.26
C GLU E 103 -17.53 -7.20 -24.06
N GLN E 104 -18.59 -7.71 -24.70
CA GLN E 104 -18.44 -8.96 -25.46
C GLN E 104 -17.55 -8.77 -26.68
N LEU E 105 -17.59 -7.59 -27.30
CA LEU E 105 -16.81 -7.32 -28.50
C LEU E 105 -15.52 -6.58 -28.20
N SER E 106 -15.14 -6.46 -26.93
CA SER E 106 -13.87 -5.81 -26.60
C SER E 106 -12.69 -6.65 -27.06
N SER E 107 -12.77 -7.97 -26.90
CA SER E 107 -11.66 -8.88 -27.20
C SER E 107 -12.20 -10.08 -27.97
N VAL E 108 -11.99 -10.08 -29.29
CA VAL E 108 -12.36 -11.19 -30.15
C VAL E 108 -11.19 -11.51 -31.06
N SER E 109 -11.24 -12.70 -31.67
CA SER E 109 -10.20 -13.15 -32.58
C SER E 109 -10.69 -13.29 -34.02
N SER E 110 -11.76 -14.05 -34.25
CA SER E 110 -12.27 -14.30 -35.58
C SER E 110 -13.65 -13.70 -35.74
N PHE E 111 -13.97 -13.29 -36.97
CA PHE E 111 -15.22 -12.61 -37.26
C PHE E 111 -15.84 -13.13 -38.54
N GLU E 112 -15.87 -14.45 -38.70
CA GLU E 112 -16.49 -15.07 -39.88
C GLU E 112 -17.98 -14.75 -39.94
N ARG E 113 -18.39 -13.98 -40.95
CA ARG E 113 -19.77 -13.57 -41.11
C ARG E 113 -20.41 -14.39 -42.24
N PHE E 114 -21.53 -15.04 -41.93
CA PHE E 114 -22.22 -15.89 -42.89
C PHE E 114 -23.72 -15.64 -42.78
N GLU E 115 -24.49 -16.43 -43.53
CA GLU E 115 -25.93 -16.24 -43.66
C GLU E 115 -26.67 -17.34 -42.90
N ILE E 116 -27.45 -16.95 -41.91
CA ILE E 116 -28.33 -17.91 -41.24
C ILE E 116 -29.45 -18.35 -42.18
N PHE E 117 -30.10 -17.39 -42.82
CA PHE E 117 -31.20 -17.64 -43.73
C PHE E 117 -30.86 -17.16 -45.13
N PRO E 118 -31.44 -17.76 -46.17
CA PRO E 118 -31.27 -17.23 -47.52
C PRO E 118 -32.38 -16.26 -47.88
N LYS E 119 -31.99 -15.19 -48.58
CA LYS E 119 -32.97 -14.16 -48.93
C LYS E 119 -34.01 -14.66 -49.91
N GLU E 120 -33.58 -15.43 -50.92
CA GLU E 120 -34.45 -15.81 -52.02
C GLU E 120 -35.20 -17.13 -51.81
N SER E 121 -34.88 -17.87 -50.75
CA SER E 121 -35.41 -19.21 -50.58
C SER E 121 -36.39 -19.33 -49.42
N SER E 122 -35.98 -18.93 -48.22
CA SER E 122 -36.73 -19.26 -47.01
C SER E 122 -38.03 -18.47 -46.86
N TRP E 123 -38.25 -17.44 -47.65
CA TRP E 123 -39.47 -16.61 -47.56
C TRP E 123 -40.14 -16.58 -48.92
N PRO E 124 -40.87 -17.63 -49.29
CA PRO E 124 -41.55 -17.64 -50.59
C PRO E 124 -42.87 -16.88 -50.60
N ASN E 125 -43.60 -16.92 -49.49
CA ASN E 125 -44.92 -16.32 -49.41
C ASN E 125 -44.93 -14.93 -48.78
N HIS E 126 -43.76 -14.38 -48.47
CA HIS E 126 -43.65 -13.09 -47.80
C HIS E 126 -42.88 -12.11 -48.67
N THR E 127 -43.34 -10.86 -48.70
CA THR E 127 -42.59 -9.82 -49.38
C THR E 127 -41.23 -9.65 -48.72
N VAL E 128 -40.18 -9.61 -49.54
CA VAL E 128 -38.81 -9.61 -49.06
C VAL E 128 -38.18 -8.24 -49.12
N THR E 129 -38.92 -7.22 -49.54
CA THR E 129 -38.39 -5.87 -49.66
C THR E 129 -38.95 -4.99 -48.55
N GLY E 130 -38.11 -4.06 -48.09
CA GLY E 130 -38.53 -3.05 -47.13
C GLY E 130 -37.61 -1.85 -47.15
N VAL E 131 -38.17 -0.65 -47.30
CA VAL E 131 -37.39 0.57 -47.38
C VAL E 131 -38.05 1.64 -46.51
N SER E 132 -37.27 2.66 -46.19
CA SER E 132 -37.78 3.81 -45.45
C SER E 132 -36.85 4.99 -45.69
N ALA E 133 -37.43 6.18 -45.79
CA ALA E 133 -36.65 7.38 -46.10
C ALA E 133 -35.73 7.78 -44.96
N SER E 134 -35.97 7.28 -43.74
CA SER E 134 -35.13 7.67 -42.61
C SER E 134 -33.69 7.19 -42.79
N CYS E 135 -33.52 5.98 -43.33
CA CYS E 135 -32.18 5.42 -43.56
C CYS E 135 -31.75 5.72 -45.00
N SER E 136 -31.42 6.99 -45.22
CA SER E 136 -31.05 7.44 -46.55
C SER E 136 -29.67 6.93 -46.95
N HIS E 137 -29.51 6.65 -48.24
CA HIS E 137 -28.22 6.22 -48.80
C HIS E 137 -28.06 6.90 -50.15
N ASN E 138 -27.35 8.03 -50.16
CA ASN E 138 -27.10 8.79 -51.38
C ASN E 138 -28.41 9.15 -52.09
N GLY E 139 -29.40 9.56 -51.31
CA GLY E 139 -30.70 9.89 -51.84
C GLY E 139 -31.68 8.73 -51.88
N LYS E 140 -31.25 7.60 -52.44
CA LYS E 140 -32.10 6.43 -52.51
C LYS E 140 -32.36 5.88 -51.12
N SER E 141 -33.59 5.44 -50.88
CA SER E 141 -34.00 4.91 -49.58
C SER E 141 -33.63 3.43 -49.50
N SER E 142 -32.95 3.05 -48.42
CA SER E 142 -32.53 1.68 -48.20
C SER E 142 -32.66 1.35 -46.72
N PHE E 143 -32.29 0.12 -46.37
CA PHE E 143 -32.37 -0.36 -44.99
C PHE E 143 -30.99 -0.87 -44.56
N TYR E 144 -30.95 -1.48 -43.38
CA TYR E 144 -29.70 -2.00 -42.86
C TYR E 144 -29.18 -3.13 -43.75
N ARG E 145 -27.92 -3.48 -43.54
CA ARG E 145 -27.24 -4.48 -44.36
C ARG E 145 -27.21 -5.86 -43.71
N ASN E 146 -27.75 -6.01 -42.49
CA ASN E 146 -27.77 -7.30 -41.82
C ASN E 146 -29.17 -7.68 -41.35
N LEU E 147 -30.19 -6.88 -41.66
CA LEU E 147 -31.55 -7.15 -41.26
C LEU E 147 -32.43 -7.19 -42.50
N LEU E 148 -33.59 -7.84 -42.37
CA LEU E 148 -34.47 -8.09 -43.51
C LEU E 148 -35.90 -7.82 -43.08
N TRP E 149 -36.43 -6.67 -43.47
CA TRP E 149 -37.79 -6.31 -43.10
C TRP E 149 -38.78 -7.16 -43.89
N LEU E 150 -39.83 -7.63 -43.22
CA LEU E 150 -40.86 -8.44 -43.84
C LEU E 150 -42.21 -7.73 -43.77
N THR E 151 -42.94 -7.78 -44.88
CA THR E 151 -44.29 -7.25 -44.95
C THR E 151 -45.20 -8.29 -45.59
N GLY E 152 -46.48 -8.25 -45.25
CA GLY E 152 -47.43 -9.16 -45.85
C GLY E 152 -47.65 -8.85 -47.32
N LYS E 153 -48.00 -9.89 -48.07
CA LYS E 153 -48.25 -9.77 -49.50
C LYS E 153 -49.61 -10.37 -49.83
N ASN E 154 -50.23 -9.84 -50.88
CA ASN E 154 -51.58 -10.22 -51.31
C ASN E 154 -52.60 -10.07 -50.20
N GLY E 155 -52.36 -9.16 -49.26
CA GLY E 155 -53.26 -8.97 -48.14
C GLY E 155 -53.14 -9.99 -47.02
N LEU E 156 -52.20 -10.94 -47.13
CA LEU E 156 -52.06 -12.02 -46.17
C LEU E 156 -50.66 -12.03 -45.58
N TYR E 157 -50.58 -12.23 -44.27
CA TYR E 157 -49.32 -12.40 -43.56
C TYR E 157 -49.43 -13.67 -42.71
N PRO E 158 -49.25 -14.83 -43.32
CA PRO E 158 -49.39 -16.08 -42.56
C PRO E 158 -48.32 -16.19 -41.49
N ASN E 159 -48.66 -16.89 -40.41
CA ASN E 159 -47.71 -17.10 -39.34
C ASN E 159 -46.55 -17.98 -39.82
N LEU E 160 -45.33 -17.58 -39.46
CA LEU E 160 -44.14 -18.27 -39.91
C LEU E 160 -43.42 -18.89 -38.72
N SER E 161 -42.61 -19.91 -39.02
CA SER E 161 -41.83 -20.59 -37.99
C SER E 161 -40.58 -21.16 -38.67
N LYS E 162 -39.47 -20.45 -38.54
CA LYS E 162 -38.19 -20.87 -39.11
C LYS E 162 -37.21 -21.13 -37.98
N SER E 163 -36.60 -22.31 -38.00
CA SER E 163 -35.65 -22.72 -36.97
C SER E 163 -34.24 -22.69 -37.53
N TYR E 164 -33.27 -23.00 -36.66
CA TYR E 164 -31.87 -23.05 -37.05
C TYR E 164 -31.11 -23.88 -36.03
N VAL E 165 -30.12 -24.61 -36.52
CA VAL E 165 -29.25 -25.43 -35.68
C VAL E 165 -27.82 -24.93 -35.87
N ASN E 166 -27.14 -24.66 -34.76
CA ASN E 166 -25.77 -24.16 -34.80
C ASN E 166 -24.84 -25.32 -35.15
N ASN E 167 -24.66 -25.55 -36.45
CA ASN E 167 -23.84 -26.66 -36.90
C ASN E 167 -22.35 -26.37 -36.81
N LYS E 168 -21.96 -25.11 -36.65
CA LYS E 168 -20.55 -24.76 -36.54
C LYS E 168 -20.01 -25.13 -35.15
N GLU E 169 -18.73 -24.83 -34.93
CA GLU E 169 -18.09 -25.06 -33.64
C GLU E 169 -17.85 -23.77 -32.89
N LYS E 170 -18.46 -22.67 -33.33
CA LYS E 170 -18.20 -21.35 -32.77
C LYS E 170 -19.51 -20.70 -32.35
N GLU E 171 -19.41 -19.79 -31.39
CA GLU E 171 -20.60 -19.07 -30.94
C GLU E 171 -21.17 -18.21 -32.06
N VAL E 172 -22.48 -18.05 -32.05
CA VAL E 172 -23.20 -17.29 -33.07
C VAL E 172 -23.95 -16.16 -32.40
N LEU E 173 -23.77 -14.95 -32.91
CA LEU E 173 -24.41 -13.75 -32.39
C LEU E 173 -25.46 -13.32 -33.40
N VAL E 174 -26.74 -13.55 -33.07
CA VAL E 174 -27.84 -13.31 -34.00
C VAL E 174 -28.69 -12.17 -33.45
N LEU E 175 -28.91 -11.14 -34.26
CA LEU E 175 -29.71 -9.99 -33.89
C LEU E 175 -31.02 -10.01 -34.66
N TRP E 176 -32.10 -9.58 -34.00
CA TRP E 176 -33.39 -9.42 -34.64
C TRP E 176 -34.00 -8.13 -34.12
N GLY E 177 -35.28 -7.91 -34.43
CA GLY E 177 -35.93 -6.69 -34.01
C GLY E 177 -37.42 -6.89 -33.86
N VAL E 178 -38.06 -5.84 -33.34
CA VAL E 178 -39.52 -5.77 -33.28
C VAL E 178 -39.92 -4.38 -33.77
N HIS E 179 -41.05 -4.30 -34.46
CA HIS E 179 -41.49 -3.05 -35.06
C HIS E 179 -42.75 -2.57 -34.35
N HIS E 180 -42.69 -1.36 -33.79
CA HIS E 180 -43.84 -0.76 -33.15
C HIS E 180 -44.43 0.28 -34.10
N PRO E 181 -45.60 0.04 -34.67
CA PRO E 181 -46.18 1.01 -35.60
C PRO E 181 -46.61 2.27 -34.87
N PRO E 182 -46.73 3.40 -35.58
CA PRO E 182 -47.09 4.64 -34.91
C PRO E 182 -48.55 4.68 -34.47
N ASN E 183 -49.43 4.07 -35.25
CA ASN E 183 -50.85 4.05 -34.93
C ASN E 183 -51.46 2.77 -35.49
N ILE E 184 -52.66 2.45 -35.00
CA ILE E 184 -53.34 1.23 -35.40
C ILE E 184 -53.66 1.22 -36.89
N GLY E 185 -53.81 2.39 -37.51
CA GLY E 185 -54.03 2.44 -38.95
C GLY E 185 -52.89 1.83 -39.74
N ASN E 186 -51.66 2.18 -39.37
CA ASN E 186 -50.51 1.56 -40.01
C ASN E 186 -50.48 0.06 -39.77
N GLN E 187 -50.89 -0.37 -38.58
CA GLN E 187 -50.92 -1.79 -38.27
C GLN E 187 -51.86 -2.54 -39.20
N ARG E 188 -53.09 -2.04 -39.36
CA ARG E 188 -54.01 -2.71 -40.28
C ARG E 188 -53.51 -2.65 -41.71
N ALA E 189 -52.97 -1.49 -42.12
CA ALA E 189 -52.52 -1.34 -43.50
C ALA E 189 -51.39 -2.32 -43.83
N LEU E 190 -50.45 -2.50 -42.90
CA LEU E 190 -49.29 -3.33 -43.18
C LEU E 190 -49.58 -4.81 -42.93
N TYR E 191 -49.92 -5.18 -41.71
CA TYR E 191 -49.93 -6.59 -41.31
C TYR E 191 -51.33 -7.21 -41.31
N HIS E 192 -52.37 -6.45 -41.64
CA HIS E 192 -53.73 -6.98 -41.77
C HIS E 192 -54.18 -7.70 -40.50
N THR E 193 -53.88 -7.13 -39.34
CA THR E 193 -54.26 -7.74 -38.08
C THR E 193 -54.34 -6.66 -37.01
N GLU E 194 -54.98 -7.03 -35.90
CA GLU E 194 -55.10 -6.14 -34.74
C GLU E 194 -54.02 -6.37 -33.71
N ASN E 195 -53.75 -7.64 -33.35
CA ASN E 195 -52.77 -7.99 -32.36
C ASN E 195 -51.79 -8.99 -32.94
N ALA E 196 -50.55 -8.93 -32.45
CA ALA E 196 -49.51 -9.84 -32.91
C ALA E 196 -48.53 -10.09 -31.78
N TYR E 197 -47.81 -11.19 -31.88
CA TYR E 197 -46.85 -11.60 -30.86
C TYR E 197 -45.61 -12.15 -31.54
N VAL E 198 -44.45 -11.80 -30.99
CA VAL E 198 -43.17 -12.29 -31.48
C VAL E 198 -42.51 -13.09 -30.36
N SER E 199 -42.12 -14.31 -30.66
CA SER E 199 -41.52 -15.20 -29.67
C SER E 199 -40.27 -15.85 -30.23
N VAL E 200 -39.23 -15.93 -29.41
CA VAL E 200 -38.00 -16.64 -29.74
C VAL E 200 -37.69 -17.59 -28.61
N VAL E 201 -37.42 -18.85 -28.94
CA VAL E 201 -37.19 -19.89 -27.96
C VAL E 201 -35.89 -20.61 -28.32
N SER E 202 -35.07 -20.88 -27.32
CA SER E 202 -33.81 -21.60 -27.51
C SER E 202 -33.61 -22.50 -26.31
N SER E 203 -32.38 -22.99 -26.14
CA SER E 203 -32.08 -23.93 -25.06
C SER E 203 -32.33 -23.30 -23.69
N HIS E 204 -31.90 -22.05 -23.50
CA HIS E 204 -32.06 -21.38 -22.22
C HIS E 204 -32.78 -20.04 -22.32
N TYR E 205 -33.15 -19.60 -23.51
CA TYR E 205 -33.74 -18.29 -23.74
C TYR E 205 -35.22 -18.43 -24.09
N SER E 206 -36.01 -17.44 -23.68
CA SER E 206 -37.42 -17.42 -24.02
C SER E 206 -37.98 -16.03 -23.73
N ARG E 207 -38.82 -15.54 -24.63
CA ARG E 207 -39.47 -14.25 -24.46
C ARG E 207 -40.69 -14.20 -25.36
N ARG E 208 -41.58 -13.26 -25.06
CA ARG E 208 -42.78 -13.05 -25.87
C ARG E 208 -43.03 -11.55 -25.95
N PHE E 209 -42.51 -10.93 -27.00
CA PHE E 209 -42.70 -9.50 -27.19
C PHE E 209 -44.08 -9.22 -27.77
N THR E 210 -44.55 -8.00 -27.55
CA THR E 210 -45.83 -7.55 -28.10
C THR E 210 -45.70 -6.13 -28.63
N PRO E 211 -45.96 -5.90 -29.91
CA PRO E 211 -45.92 -4.53 -30.43
C PRO E 211 -46.96 -3.65 -29.77
N GLU E 212 -46.50 -2.60 -29.10
CA GLU E 212 -47.37 -1.72 -28.31
C GLU E 212 -47.68 -0.48 -29.14
N ILE E 213 -48.93 -0.39 -29.60
CA ILE E 213 -49.35 0.71 -30.46
C ILE E 213 -49.69 1.92 -29.59
N ALA E 214 -49.01 3.04 -29.82
CA ALA E 214 -49.27 4.27 -29.09
C ALA E 214 -48.63 5.43 -29.83
N LYS E 215 -49.26 6.59 -29.72
CA LYS E 215 -48.72 7.81 -30.34
C LYS E 215 -47.45 8.26 -29.62
N ARG E 216 -46.46 8.66 -30.41
CA ARG E 216 -45.15 9.03 -29.88
C ARG E 216 -44.69 10.33 -30.52
N PRO E 217 -43.86 11.11 -29.82
CA PRO E 217 -43.35 12.34 -30.41
C PRO E 217 -42.35 12.05 -31.52
N LYS E 218 -42.25 13.01 -32.45
CA LYS E 218 -41.40 12.82 -33.62
C LYS E 218 -39.94 12.94 -33.25
N VAL E 219 -39.14 11.95 -33.65
CA VAL E 219 -37.69 11.99 -33.54
C VAL E 219 -37.11 11.54 -34.87
N ARG E 220 -36.14 12.32 -35.38
CA ARG E 220 -35.54 12.06 -36.69
C ARG E 220 -36.60 11.96 -37.78
N ASP E 221 -37.61 12.81 -37.68
CA ASP E 221 -38.73 12.85 -38.62
C ASP E 221 -39.39 11.47 -38.73
N GLN E 222 -39.57 10.81 -37.59
CA GLN E 222 -40.16 9.48 -37.56
C GLN E 222 -41.09 9.36 -36.36
N GLU E 223 -42.16 8.59 -36.52
CA GLU E 223 -43.11 8.35 -35.44
C GLU E 223 -43.12 6.91 -34.95
N GLY E 224 -42.74 5.95 -35.78
CA GLY E 224 -42.59 4.58 -35.34
C GLY E 224 -41.26 4.36 -34.65
N ARG E 225 -41.12 3.18 -34.07
CA ARG E 225 -39.90 2.83 -33.36
C ARG E 225 -39.56 1.37 -33.65
N ILE E 226 -38.38 0.96 -33.18
CA ILE E 226 -37.87 -0.39 -33.36
C ILE E 226 -37.03 -0.75 -32.15
N ASN E 227 -37.15 -1.99 -31.68
CA ASN E 227 -36.35 -2.48 -30.58
C ASN E 227 -35.44 -3.59 -31.09
N TYR E 228 -34.14 -3.44 -30.89
CA TYR E 228 -33.16 -4.43 -31.30
C TYR E 228 -32.75 -5.27 -30.11
N TYR E 229 -32.76 -6.58 -30.27
CA TYR E 229 -32.29 -7.51 -29.26
C TYR E 229 -31.10 -8.29 -29.81
N TRP E 230 -30.52 -9.13 -28.97
CA TRP E 230 -29.38 -9.95 -29.38
C TRP E 230 -29.24 -11.12 -28.43
N THR E 231 -28.54 -12.15 -28.87
CA THR E 231 -28.31 -13.33 -28.04
C THR E 231 -27.10 -14.09 -28.55
N LEU E 232 -26.62 -15.00 -27.72
CA LEU E 232 -25.48 -15.86 -28.05
C LEU E 232 -25.93 -17.31 -28.01
N LEU E 233 -25.62 -18.07 -29.05
CA LEU E 233 -25.94 -19.48 -29.12
C LEU E 233 -24.66 -20.29 -28.96
N GLU E 234 -24.62 -21.16 -27.95
CA GLU E 234 -23.51 -22.06 -27.80
C GLU E 234 -23.55 -23.13 -28.89
N PRO E 235 -22.41 -23.72 -29.22
CA PRO E 235 -22.40 -24.76 -30.25
C PRO E 235 -23.29 -25.94 -29.86
N GLY E 236 -24.00 -26.47 -30.85
CA GLY E 236 -24.93 -27.56 -30.64
C GLY E 236 -26.33 -27.17 -30.24
N ASP E 237 -26.58 -25.88 -29.98
CA ASP E 237 -27.89 -25.43 -29.58
C ASP E 237 -28.73 -25.02 -30.79
N THR E 238 -30.02 -24.79 -30.55
CA THR E 238 -30.96 -24.43 -31.59
C THR E 238 -31.73 -23.18 -31.18
N ILE E 239 -32.24 -22.48 -32.17
CA ILE E 239 -33.03 -21.26 -31.97
C ILE E 239 -34.24 -21.34 -32.89
N ILE E 240 -35.39 -20.88 -32.39
CA ILE E 240 -36.65 -20.95 -33.12
C ILE E 240 -37.31 -19.59 -33.10
N PHE E 241 -37.68 -19.08 -34.27
CA PHE E 241 -38.43 -17.84 -34.41
C PHE E 241 -39.87 -18.18 -34.76
N GLU E 242 -40.80 -17.80 -33.88
CA GLU E 242 -42.21 -17.98 -34.12
C GLU E 242 -42.90 -16.64 -33.95
N ALA E 243 -43.57 -16.17 -35.01
CA ALA E 243 -44.22 -14.88 -34.97
C ALA E 243 -45.33 -14.85 -36.00
N ASN E 244 -46.23 -13.89 -35.85
CA ASN E 244 -47.32 -13.69 -36.79
C ASN E 244 -47.50 -12.23 -37.16
N GLY E 245 -46.51 -11.39 -36.82
CA GLY E 245 -46.57 -9.98 -37.18
C GLY E 245 -45.54 -9.14 -36.47
N ASN E 246 -45.15 -8.03 -37.09
CA ASN E 246 -44.21 -7.07 -36.49
C ASN E 246 -42.88 -7.76 -36.13
N LEU E 247 -42.20 -8.26 -37.16
CA LEU E 247 -40.93 -8.92 -36.98
C LEU E 247 -39.93 -8.39 -38.01
N ILE E 248 -38.66 -8.38 -37.61
CA ILE E 248 -37.55 -8.04 -38.50
C ILE E 248 -36.55 -9.19 -38.37
N ALA E 249 -36.66 -10.17 -39.27
CA ALA E 249 -35.88 -11.40 -39.15
C ALA E 249 -34.40 -11.13 -39.38
N PRO E 250 -33.54 -11.94 -38.79
CA PRO E 250 -32.11 -11.79 -39.05
C PRO E 250 -31.75 -12.27 -40.45
N TRP E 251 -30.62 -11.77 -40.94
CA TRP E 251 -30.11 -12.14 -42.25
C TRP E 251 -28.66 -12.60 -42.21
N TYR E 252 -27.84 -12.08 -41.31
CA TYR E 252 -26.44 -12.47 -41.19
C TYR E 252 -26.10 -12.60 -39.72
N ALA E 253 -25.04 -13.36 -39.45
CA ALA E 253 -24.55 -13.54 -38.09
C ALA E 253 -23.04 -13.48 -38.11
N PHE E 254 -22.47 -13.18 -36.94
CA PHE E 254 -21.03 -13.00 -36.79
C PHE E 254 -20.51 -14.13 -35.90
N ALA E 255 -20.05 -15.21 -36.53
CA ALA E 255 -19.55 -16.39 -35.82
C ALA E 255 -18.20 -16.06 -35.20
N LEU E 256 -18.24 -15.43 -34.03
CA LEU E 256 -17.04 -14.95 -33.37
C LEU E 256 -16.51 -15.97 -32.36
N SER E 257 -15.22 -15.86 -32.05
CA SER E 257 -14.57 -16.70 -31.05
C SER E 257 -13.65 -15.81 -30.22
N ARG E 258 -13.96 -15.69 -28.93
CA ARG E 258 -13.17 -14.84 -28.04
C ARG E 258 -11.78 -15.42 -27.82
N GLY E 263 -9.15 -4.20 -25.91
CA GLY E 263 -9.98 -3.16 -25.33
C GLY E 263 -10.51 -2.19 -26.36
N ILE E 264 -11.22 -1.15 -25.89
CA ILE E 264 -11.77 -0.11 -26.74
C ILE E 264 -11.33 1.25 -26.20
N ILE E 265 -10.83 2.10 -27.07
CA ILE E 265 -10.36 3.43 -26.72
C ILE E 265 -11.02 4.44 -27.65
N THR E 266 -10.77 5.72 -27.38
CA THR E 266 -11.42 6.80 -28.14
C THR E 266 -10.44 7.95 -28.29
N SER E 267 -10.08 8.27 -29.53
CA SER E 267 -9.16 9.36 -29.81
C SER E 267 -9.24 9.71 -31.28
N ASN E 268 -8.90 10.95 -31.60
CA ASN E 268 -8.90 11.45 -32.97
C ASN E 268 -7.54 11.38 -33.63
N ALA E 269 -6.53 10.82 -32.95
CA ALA E 269 -5.20 10.78 -33.51
C ALA E 269 -5.13 9.81 -34.68
N PRO E 270 -4.25 10.08 -35.67
CA PRO E 270 -4.13 9.17 -36.81
C PRO E 270 -3.38 7.88 -36.44
N MET E 271 -3.13 7.04 -37.43
CA MET E 271 -2.49 5.76 -37.21
C MET E 271 -1.22 5.65 -38.07
N ASP E 272 -0.29 4.82 -37.61
CA ASP E 272 0.96 4.61 -38.31
C ASP E 272 1.37 3.14 -38.13
N GLU E 273 2.20 2.66 -39.05
CA GLU E 273 2.64 1.26 -39.04
C GLU E 273 3.68 0.95 -37.96
N CYS E 274 3.94 1.87 -37.04
CA CYS E 274 4.90 1.62 -35.97
C CYS E 274 4.39 0.53 -35.04
N ASP E 275 5.26 0.10 -34.12
CA ASP E 275 4.92 -0.89 -33.11
C ASP E 275 5.36 -0.39 -31.74
N ALA E 276 4.57 -0.71 -30.72
CA ALA E 276 4.83 -0.25 -29.37
C ALA E 276 4.30 -1.28 -28.38
N LYS E 277 4.79 -1.18 -27.15
CA LYS E 277 4.41 -2.13 -26.10
C LYS E 277 2.98 -1.91 -25.63
N CYS E 278 2.52 -0.66 -25.57
CA CYS E 278 1.15 -0.35 -25.19
C CYS E 278 0.75 0.95 -25.87
N GLN E 279 -0.41 1.47 -25.51
CA GLN E 279 -0.91 2.68 -26.13
C GLN E 279 -1.80 3.45 -25.17
N THR E 280 -2.05 4.70 -25.53
CA THR E 280 -2.84 5.66 -24.79
C THR E 280 -3.62 6.48 -25.81
N PRO E 281 -4.80 6.99 -25.44
CA PRO E 281 -5.53 7.85 -26.37
C PRO E 281 -4.71 9.02 -26.91
N GLN E 282 -3.81 9.59 -26.10
CA GLN E 282 -2.97 10.67 -26.59
C GLN E 282 -1.90 10.19 -27.56
N GLY E 283 -1.56 8.92 -27.52
CA GLY E 283 -0.58 8.37 -28.43
C GLY E 283 0.08 7.14 -27.84
N ALA E 284 1.14 6.69 -28.50
CA ALA E 284 1.88 5.52 -28.07
C ALA E 284 2.98 5.90 -27.09
N ILE E 285 3.52 4.89 -26.40
CA ILE E 285 4.57 5.08 -25.42
C ILE E 285 5.71 4.11 -25.74
N ASN E 286 6.94 4.62 -25.73
CA ASN E 286 8.11 3.84 -26.10
C ASN E 286 9.03 3.51 -24.93
N SER E 287 8.82 4.11 -23.76
CA SER E 287 9.71 3.90 -22.64
C SER E 287 9.36 2.64 -21.86
N SER E 288 10.27 2.26 -20.95
CA SER E 288 10.09 1.07 -20.13
C SER E 288 10.35 1.37 -18.66
N LEU E 289 10.24 2.63 -18.26
CA LEU E 289 10.42 3.00 -16.86
C LEU E 289 9.25 2.49 -16.03
N PRO E 290 9.45 2.30 -14.73
CA PRO E 290 8.40 1.68 -13.91
C PRO E 290 7.30 2.64 -13.45
N PHE E 291 7.21 3.82 -14.06
CA PHE E 291 6.17 4.78 -13.70
C PHE E 291 5.84 5.63 -14.91
N GLN E 292 4.69 6.30 -14.82
CA GLN E 292 4.25 7.22 -15.87
C GLN E 292 3.22 8.17 -15.27
N ASN E 293 3.01 9.30 -15.95
CA ASN E 293 2.01 10.25 -15.50
C ASN E 293 1.23 10.88 -16.64
N VAL E 294 1.34 10.37 -17.87
CA VAL E 294 0.69 11.00 -19.00
C VAL E 294 -0.83 10.81 -18.93
N HIS E 295 -1.28 9.58 -18.63
CA HIS E 295 -2.71 9.28 -18.62
C HIS E 295 -2.98 7.94 -17.96
N PRO E 296 -4.09 7.78 -17.24
CA PRO E 296 -4.39 6.50 -16.61
C PRO E 296 -4.97 5.47 -17.56
N VAL E 297 -5.76 5.91 -18.54
CA VAL E 297 -6.36 5.00 -19.50
C VAL E 297 -5.27 4.43 -20.40
N THR E 298 -5.21 3.11 -20.48
CA THR E 298 -4.14 2.45 -21.21
C THR E 298 -4.64 1.08 -21.67
N ILE E 299 -4.05 0.58 -22.74
CA ILE E 299 -4.26 -0.81 -23.16
C ILE E 299 -2.89 -1.39 -23.51
N GLY E 300 -2.58 -2.55 -22.94
CA GLY E 300 -1.28 -3.16 -23.16
C GLY E 300 -0.49 -3.33 -21.86
N GLU E 301 0.84 -3.38 -21.97
CA GLU E 301 1.72 -3.52 -20.81
C GLU E 301 2.49 -2.22 -20.62
N CYS E 302 2.10 -1.44 -19.61
CA CYS E 302 2.74 -0.18 -19.30
C CYS E 302 2.59 0.08 -17.81
N PRO E 303 3.45 0.94 -17.23
CA PRO E 303 3.44 1.11 -15.77
C PRO E 303 2.21 1.83 -15.23
N LYS E 304 2.21 2.06 -13.91
CA LYS E 304 1.05 2.60 -13.21
C LYS E 304 0.91 4.09 -13.49
N TYR E 305 -0.02 4.73 -12.80
CA TYR E 305 -0.27 6.16 -12.92
C TYR E 305 0.07 6.84 -11.61
N VAL E 306 0.82 7.94 -11.68
CA VAL E 306 1.27 8.66 -10.50
C VAL E 306 1.12 10.15 -10.75
N ARG E 307 0.51 10.86 -9.80
CA ARG E 307 0.27 12.30 -9.95
C ARG E 307 1.49 13.15 -9.65
N SER E 308 2.55 12.58 -9.09
CA SER E 308 3.72 13.37 -8.71
C SER E 308 4.37 13.98 -9.94
N ALA E 309 4.81 15.24 -9.81
CA ALA E 309 5.35 15.97 -10.94
C ALA E 309 6.60 15.30 -11.50
N LYS E 310 7.66 15.26 -10.71
CA LYS E 310 8.92 14.68 -11.16
C LYS E 310 9.64 14.06 -9.97
N LEU E 311 10.16 12.85 -10.17
CA LEU E 311 10.93 12.17 -9.15
C LEU E 311 12.09 11.45 -9.82
N ARG E 312 13.25 11.46 -9.15
CA ARG E 312 14.44 10.82 -9.70
C ARG E 312 15.30 10.30 -8.55
N MET E 313 16.10 9.29 -8.87
CA MET E 313 16.96 8.63 -7.90
C MET E 313 18.39 9.12 -8.07
N VAL E 314 19.17 9.02 -6.99
CA VAL E 314 20.54 9.52 -6.96
C VAL E 314 21.50 8.33 -6.82
N THR E 315 22.47 8.26 -7.72
CA THR E 315 23.49 7.22 -7.70
C THR E 315 24.87 7.85 -7.82
N GLY E 316 25.12 8.92 -7.07
CA GLY E 316 26.40 9.60 -7.16
C GLY E 316 26.91 10.10 -5.82
N LEU E 317 27.55 11.26 -5.83
CA LEU E 317 28.12 11.87 -4.64
C LEU E 317 27.59 13.30 -4.51
N ARG E 318 28.15 14.03 -3.55
CA ARG E 318 27.85 15.45 -3.42
C ARG E 318 28.76 16.24 -4.35
N ASN E 319 28.16 17.12 -5.15
CA ASN E 319 28.88 17.82 -6.22
C ASN E 319 29.29 19.20 -5.72
N ILE E 320 30.46 19.27 -5.11
CA ILE E 320 31.09 20.53 -4.72
C ILE E 320 32.41 20.64 -5.47
N PRO E 321 32.48 21.49 -6.50
CA PRO E 321 33.67 21.52 -7.35
C PRO E 321 34.87 22.20 -6.71
N SER E 322 34.76 22.55 -5.42
CA SER E 322 35.85 23.16 -4.67
C SER E 322 36.33 24.45 -5.32
N GLY F 4 49.47 22.80 -3.30
CA GLY F 4 48.20 23.08 -3.93
C GLY F 4 47.28 21.89 -4.01
N ALA F 5 47.79 20.72 -3.59
CA ALA F 5 47.02 19.48 -3.61
C ALA F 5 46.25 19.31 -2.30
N ILE F 6 45.31 20.24 -2.07
CA ILE F 6 44.52 20.20 -0.85
C ILE F 6 43.62 18.98 -0.87
N ALA F 7 43.62 18.21 0.22
CA ALA F 7 42.73 17.08 0.34
C ALA F 7 41.29 17.55 0.35
N GLY F 8 40.41 16.76 -0.25
CA GLY F 8 39.06 17.22 -0.50
C GLY F 8 37.91 16.39 0.01
N PHE F 9 38.17 15.40 0.86
CA PHE F 9 37.06 14.57 1.32
C PHE F 9 36.23 15.25 2.41
N ILE F 10 36.62 16.46 2.82
CA ILE F 10 35.80 17.30 3.69
C ILE F 10 35.37 18.58 2.98
N GLU F 11 36.30 19.22 2.27
CA GLU F 11 35.96 20.46 1.55
C GLU F 11 35.09 20.17 0.34
N GLY F 12 35.62 19.44 -0.62
CA GLY F 12 34.89 19.12 -1.84
C GLY F 12 35.77 18.33 -2.78
N GLY F 13 35.10 17.67 -3.72
CA GLY F 13 35.79 16.80 -4.63
C GLY F 13 36.68 17.55 -5.61
N TRP F 14 37.60 16.81 -6.22
CA TRP F 14 38.46 17.38 -7.23
C TRP F 14 37.79 17.33 -8.60
N THR F 15 38.53 17.76 -9.62
CA THR F 15 38.06 17.72 -10.99
C THR F 15 38.88 16.81 -11.89
N GLY F 16 40.21 16.79 -11.72
CA GLY F 16 41.08 16.05 -12.61
C GLY F 16 40.91 14.55 -12.60
N MET F 17 40.27 13.98 -11.58
CA MET F 17 40.00 12.55 -11.56
C MET F 17 38.85 12.23 -12.49
N VAL F 18 39.03 11.21 -13.33
CA VAL F 18 38.03 10.79 -14.29
C VAL F 18 37.56 9.36 -14.03
N ASP F 19 38.50 8.43 -13.90
CA ASP F 19 38.18 7.03 -13.69
C ASP F 19 38.14 6.73 -12.19
N GLY F 20 36.99 6.26 -11.73
CA GLY F 20 36.85 5.92 -10.32
C GLY F 20 36.30 7.06 -9.50
N TRP F 21 35.51 6.70 -8.48
CA TRP F 21 34.94 7.72 -7.60
C TRP F 21 35.95 8.16 -6.54
N TYR F 22 36.40 7.23 -5.71
CA TYR F 22 37.35 7.54 -4.65
C TYR F 22 38.77 7.24 -5.14
N GLY F 23 39.66 8.18 -4.93
CA GLY F 23 41.03 8.01 -5.38
C GLY F 23 42.00 8.80 -4.52
N TYR F 24 43.23 8.32 -4.47
CA TYR F 24 44.29 8.98 -3.72
C TYR F 24 44.85 10.15 -4.52
N HIS F 25 45.97 10.71 -4.05
CA HIS F 25 46.76 11.67 -4.81
C HIS F 25 48.21 11.32 -4.49
N HIS F 26 48.81 10.50 -5.35
CA HIS F 26 50.15 9.95 -5.09
C HIS F 26 51.23 10.98 -5.40
N GLN F 27 51.16 12.10 -4.70
CA GLN F 27 52.16 13.14 -4.87
C GLN F 27 53.51 12.68 -4.35
N ASN F 28 54.57 13.10 -5.03
CA ASN F 28 55.94 12.76 -4.68
C ASN F 28 56.85 13.66 -5.51
N GLU F 29 58.15 13.50 -5.32
CA GLU F 29 59.11 14.19 -6.16
C GLU F 29 59.05 13.63 -7.58
N GLN F 30 58.96 14.53 -8.56
CA GLN F 30 58.81 14.20 -9.98
C GLN F 30 57.87 13.02 -10.21
N GLY F 31 56.77 12.98 -9.46
CA GLY F 31 55.81 11.90 -9.59
C GLY F 31 54.37 12.34 -9.42
N SER F 32 54.11 13.63 -9.61
CA SER F 32 52.77 14.16 -9.44
C SER F 32 51.82 13.55 -10.46
N GLY F 33 50.57 13.34 -10.05
CA GLY F 33 49.57 12.73 -10.90
C GLY F 33 48.54 11.95 -10.14
N TYR F 34 47.28 12.11 -10.49
CA TYR F 34 46.20 11.47 -9.74
C TYR F 34 46.22 9.97 -9.94
N ALA F 35 45.37 9.28 -9.18
CA ALA F 35 45.21 7.85 -9.28
C ALA F 35 43.77 7.51 -8.88
N ALA F 36 43.52 6.22 -8.63
CA ALA F 36 42.21 5.79 -8.19
C ALA F 36 42.33 4.45 -7.50
N ASP F 37 41.65 4.30 -6.37
CA ASP F 37 41.66 3.02 -5.66
C ASP F 37 40.91 1.98 -6.48
N GLN F 38 41.46 0.77 -6.52
CA GLN F 38 40.99 -0.26 -7.44
C GLN F 38 39.99 -1.21 -6.82
N LYS F 39 39.62 -1.03 -5.55
CA LYS F 39 38.75 -1.98 -4.87
C LYS F 39 37.45 -1.35 -4.38
N SER F 40 37.52 -0.21 -3.69
CA SER F 40 36.32 0.35 -3.10
C SER F 40 35.32 0.80 -4.17
N THR F 41 35.82 1.31 -5.29
CA THR F 41 34.93 1.75 -6.36
C THR F 41 34.10 0.59 -6.89
N GLN F 42 34.71 -0.59 -7.03
CA GLN F 42 33.96 -1.75 -7.53
C GLN F 42 32.87 -2.16 -6.56
N ASN F 43 33.16 -2.14 -5.26
CA ASN F 43 32.14 -2.47 -4.28
C ASN F 43 30.99 -1.46 -4.30
N ALA F 44 31.32 -0.18 -4.42
CA ALA F 44 30.27 0.84 -4.51
C ALA F 44 29.42 0.64 -5.76
N ILE F 45 30.06 0.31 -6.88
CA ILE F 45 29.34 0.08 -8.13
C ILE F 45 28.38 -1.09 -7.98
N ASN F 46 28.86 -2.19 -7.38
CA ASN F 46 28.00 -3.34 -7.17
C ASN F 46 26.82 -2.99 -6.27
N GLN F 47 27.07 -2.24 -5.19
CA GLN F 47 26.00 -1.86 -4.28
C GLN F 47 24.94 -1.02 -4.98
N ILE F 48 25.37 -0.02 -5.75
CA ILE F 48 24.42 0.87 -6.42
C ILE F 48 23.62 0.11 -7.46
N THR F 49 24.29 -0.75 -8.25
CA THR F 49 23.56 -1.53 -9.24
C THR F 49 22.54 -2.44 -8.58
N ASN F 50 22.90 -3.08 -7.47
CA ASN F 50 21.95 -3.94 -6.77
C ASN F 50 20.75 -3.15 -6.26
N LYS F 51 21.00 -1.97 -5.68
CA LYS F 51 19.89 -1.17 -5.16
C LYS F 51 18.93 -0.77 -6.28
N VAL F 52 19.47 -0.27 -7.40
CA VAL F 52 18.59 0.20 -8.47
C VAL F 52 17.86 -0.97 -9.12
N ASN F 53 18.53 -2.12 -9.28
CA ASN F 53 17.87 -3.30 -9.84
C ASN F 53 16.73 -3.75 -8.95
N SER F 54 16.96 -3.80 -7.63
CA SER F 54 15.91 -4.21 -6.71
C SER F 54 14.74 -3.25 -6.75
N VAL F 55 15.01 -1.95 -6.88
CA VAL F 55 13.93 -0.98 -6.95
C VAL F 55 13.13 -1.15 -8.24
N ILE F 56 13.81 -1.36 -9.37
CA ILE F 56 13.13 -1.30 -10.67
C ILE F 56 12.43 -2.63 -10.98
N GLU F 57 13.17 -3.74 -10.97
CA GLU F 57 12.69 -4.99 -11.54
C GLU F 57 11.76 -5.77 -10.62
N LYS F 58 11.16 -5.14 -9.62
CA LYS F 58 10.31 -5.83 -8.67
C LYS F 58 8.83 -5.80 -9.03
N MET F 59 8.47 -5.25 -10.19
CA MET F 59 7.09 -5.04 -10.56
C MET F 59 6.79 -5.64 -11.92
N ASN F 60 5.53 -6.03 -12.11
CA ASN F 60 5.04 -6.52 -13.39
C ASN F 60 3.61 -6.02 -13.57
N THR F 61 3.20 -5.91 -14.84
CA THR F 61 1.90 -5.34 -15.19
C THR F 61 1.12 -6.31 -16.08
N GLN F 62 -0.20 -6.09 -16.13
CA GLN F 62 -1.09 -6.97 -16.88
C GLN F 62 -1.96 -6.19 -17.86
N PHE F 63 -2.95 -6.85 -18.45
CA PHE F 63 -3.76 -6.29 -19.52
C PHE F 63 -5.09 -5.80 -18.96
N THR F 64 -5.12 -4.55 -18.50
CA THR F 64 -6.34 -3.89 -18.03
C THR F 64 -5.99 -2.46 -17.69
N ALA F 65 -7.02 -1.62 -17.55
CA ALA F 65 -6.85 -0.25 -17.10
C ALA F 65 -8.21 0.36 -16.82
N VAL F 66 -8.18 1.59 -16.28
CA VAL F 66 -9.39 2.31 -15.93
C VAL F 66 -10.23 2.58 -17.18
N GLY F 67 -11.56 2.60 -17.00
CA GLY F 67 -12.45 3.05 -18.05
C GLY F 67 -13.46 2.03 -18.52
N LYS F 68 -14.72 2.22 -18.10
CA LYS F 68 -15.85 1.45 -18.60
C LYS F 68 -17.01 2.41 -18.79
N GLU F 69 -17.94 2.01 -19.65
CA GLU F 69 -19.09 2.85 -19.97
C GLU F 69 -20.33 2.35 -19.25
N PHE F 70 -21.21 3.27 -18.89
CA PHE F 70 -22.47 2.95 -18.21
C PHE F 70 -23.57 3.87 -18.73
N ASN F 71 -24.80 3.43 -18.52
CA ASN F 71 -25.98 4.20 -18.89
C ASN F 71 -26.41 5.08 -17.72
N LYS F 72 -27.61 5.65 -17.81
CA LYS F 72 -28.10 6.60 -16.82
C LYS F 72 -28.75 5.92 -15.60
N LEU F 73 -28.83 4.58 -15.59
CA LEU F 73 -29.47 3.88 -14.50
C LEU F 73 -28.50 3.16 -13.57
N GLU F 74 -27.22 3.07 -13.93
CA GLU F 74 -26.23 2.35 -13.14
C GLU F 74 -25.30 3.29 -12.38
N ARG F 75 -25.84 4.37 -11.81
CA ARG F 75 -25.00 5.40 -11.21
C ARG F 75 -24.22 4.85 -10.01
N ARG F 76 -24.80 3.93 -9.26
CA ARG F 76 -24.11 3.37 -8.10
C ARG F 76 -22.82 2.65 -8.52
N MET F 77 -22.88 1.87 -9.60
CA MET F 77 -21.70 1.18 -10.08
C MET F 77 -20.63 2.16 -10.54
N GLU F 78 -21.04 3.25 -11.19
CA GLU F 78 -20.07 4.26 -11.61
C GLU F 78 -19.39 4.90 -10.41
N ASN F 79 -20.16 5.21 -9.37
CA ASN F 79 -19.56 5.78 -8.16
C ASN F 79 -18.57 4.80 -7.53
N LEU F 80 -18.94 3.52 -7.48
CA LEU F 80 -18.03 2.51 -6.91
C LEU F 80 -16.74 2.40 -7.72
N ASN F 81 -16.86 2.38 -9.05
CA ASN F 81 -15.67 2.29 -9.90
C ASN F 81 -14.77 3.50 -9.70
N LYS F 82 -15.35 4.71 -9.65
CA LYS F 82 -14.54 5.88 -9.39
C LYS F 82 -13.84 5.80 -8.04
N LYS F 83 -14.55 5.31 -7.01
CA LYS F 83 -13.96 5.20 -5.69
C LYS F 83 -12.76 4.28 -5.68
N VAL F 84 -12.89 3.08 -6.28
CA VAL F 84 -11.78 2.13 -6.24
C VAL F 84 -10.60 2.65 -7.06
N ASP F 85 -10.88 3.24 -8.22
CA ASP F 85 -9.79 3.78 -9.04
C ASP F 85 -9.03 4.87 -8.31
N ASP F 86 -9.76 5.78 -7.65
CA ASP F 86 -9.09 6.85 -6.91
C ASP F 86 -8.28 6.27 -5.74
N GLY F 87 -8.80 5.25 -5.07
CA GLY F 87 -8.05 4.65 -3.98
C GLY F 87 -6.71 4.10 -4.44
N PHE F 88 -6.72 3.34 -5.52
CA PHE F 88 -5.46 2.81 -6.04
C PHE F 88 -4.53 3.94 -6.49
N LEU F 89 -5.09 4.93 -7.18
CA LEU F 89 -4.30 6.06 -7.67
C LEU F 89 -3.69 6.88 -6.55
N ASP F 90 -4.26 6.82 -5.34
CA ASP F 90 -3.64 7.50 -4.20
C ASP F 90 -2.55 6.63 -3.57
N ILE F 91 -2.86 5.35 -3.37
CA ILE F 91 -1.91 4.46 -2.69
C ILE F 91 -0.60 4.41 -3.46
N TRP F 92 -0.67 4.27 -4.78
CA TRP F 92 0.55 4.10 -5.57
C TRP F 92 1.45 5.33 -5.48
N THR F 93 0.87 6.52 -5.60
CA THR F 93 1.67 7.74 -5.52
C THR F 93 2.33 7.87 -4.15
N TYR F 94 1.57 7.60 -3.09
CA TYR F 94 2.15 7.71 -1.75
C TYR F 94 3.34 6.75 -1.59
N ASN F 95 3.15 5.50 -2.02
CA ASN F 95 4.22 4.52 -1.88
C ASN F 95 5.46 4.93 -2.65
N ALA F 96 5.29 5.35 -3.91
CA ALA F 96 6.44 5.71 -4.73
C ALA F 96 7.19 6.91 -4.15
N GLU F 97 6.43 7.94 -3.74
CA GLU F 97 7.07 9.13 -3.20
C GLU F 97 7.90 8.81 -1.97
N LEU F 98 7.31 8.06 -1.02
CA LEU F 98 8.05 7.76 0.20
C LEU F 98 9.23 6.85 -0.08
N LEU F 99 9.09 5.93 -1.05
CA LEU F 99 10.21 5.03 -1.37
C LEU F 99 11.41 5.81 -1.88
N VAL F 100 11.22 6.68 -2.87
CA VAL F 100 12.36 7.40 -3.41
C VAL F 100 12.92 8.37 -2.37
N LEU F 101 12.04 9.02 -1.60
CA LEU F 101 12.49 9.96 -0.59
C LEU F 101 13.33 9.27 0.48
N LEU F 102 13.01 8.01 0.80
CA LEU F 102 13.79 7.30 1.80
C LEU F 102 15.12 6.81 1.22
N GLU F 103 15.12 6.35 -0.03
CA GLU F 103 16.36 5.80 -0.59
C GLU F 103 17.40 6.88 -0.86
N ASN F 104 16.95 8.08 -1.25
CA ASN F 104 17.88 9.14 -1.64
C ASN F 104 18.76 9.61 -0.49
N GLU F 105 18.40 9.29 0.75
CA GLU F 105 19.23 9.65 1.90
C GLU F 105 20.18 8.53 2.29
N ARG F 106 19.69 7.29 2.27
CA ARG F 106 20.53 6.15 2.61
C ARG F 106 21.70 6.03 1.64
N THR F 107 21.46 6.20 0.34
CA THR F 107 22.56 6.05 -0.61
C THR F 107 23.63 7.13 -0.39
N LEU F 108 23.21 8.37 -0.12
CA LEU F 108 24.18 9.43 0.13
C LEU F 108 24.97 9.19 1.40
N ASP F 109 24.31 8.70 2.46
CA ASP F 109 25.03 8.40 3.69
C ASP F 109 26.06 7.30 3.46
N PHE F 110 25.70 6.27 2.70
CA PHE F 110 26.66 5.19 2.41
C PHE F 110 27.86 5.73 1.63
N HIS F 111 27.60 6.56 0.62
CA HIS F 111 28.70 7.08 -0.20
C HIS F 111 29.60 8.00 0.61
N ASP F 112 29.03 8.73 1.57
CA ASP F 112 29.87 9.62 2.37
C ASP F 112 30.51 8.92 3.57
N SER F 113 30.10 7.69 3.89
CA SER F 113 30.80 6.92 4.91
C SER F 113 31.94 6.08 4.33
N ASN F 114 31.83 5.67 3.07
CA ASN F 114 32.89 4.86 2.48
C ASN F 114 34.22 5.58 2.45
N VAL F 115 34.22 6.87 2.11
CA VAL F 115 35.47 7.61 2.01
C VAL F 115 36.12 7.73 3.38
N LYS F 116 35.33 8.00 4.42
CA LYS F 116 35.89 8.09 5.76
C LYS F 116 36.46 6.75 6.21
N ASN F 117 35.78 5.65 5.85
CA ASN F 117 36.33 4.33 6.17
C ASN F 117 37.68 4.11 5.49
N LEU F 118 37.79 4.50 4.22
CA LEU F 118 39.06 4.36 3.51
C LEU F 118 40.15 5.21 4.15
N TYR F 119 39.83 6.44 4.54
CA TYR F 119 40.82 7.29 5.19
C TYR F 119 41.27 6.69 6.52
N GLU F 120 40.33 6.15 7.29
CA GLU F 120 40.70 5.52 8.55
C GLU F 120 41.60 4.33 8.33
N LYS F 121 41.33 3.53 7.29
CA LYS F 121 42.20 2.41 6.98
C LYS F 121 43.62 2.88 6.66
N VAL F 122 43.73 3.88 5.78
CA VAL F 122 45.06 4.33 5.37
C VAL F 122 45.77 5.02 6.53
N LYS F 123 45.02 5.56 7.49
CA LYS F 123 45.64 6.14 8.68
C LYS F 123 46.15 5.05 9.62
N SER F 124 45.34 4.00 9.81
CA SER F 124 45.75 2.90 10.68
C SER F 124 46.98 2.20 10.14
N GLN F 125 47.09 2.10 8.81
CA GLN F 125 48.27 1.46 8.22
C GLN F 125 49.54 2.21 8.56
N LEU F 126 49.51 3.55 8.47
CA LEU F 126 50.66 4.39 8.82
C LEU F 126 50.55 4.73 10.30
N LYS F 127 51.26 3.98 11.14
CA LYS F 127 51.08 4.08 12.58
C LYS F 127 51.43 5.46 13.10
N ASN F 128 52.70 5.86 12.96
CA ASN F 128 53.14 7.14 13.51
C ASN F 128 54.00 7.98 12.58
N ASN F 129 54.50 7.44 11.47
CA ASN F 129 55.35 8.24 10.59
C ASN F 129 54.60 9.38 9.91
N ALA F 130 53.27 9.36 9.92
CA ALA F 130 52.47 10.38 9.27
C ALA F 130 52.24 11.55 10.20
N LYS F 131 52.56 12.76 9.73
CA LYS F 131 52.29 13.98 10.47
C LYS F 131 50.98 14.56 9.95
N GLU F 132 49.88 14.00 10.44
CA GLU F 132 48.55 14.37 9.97
C GLU F 132 48.29 15.85 10.16
N ILE F 133 48.17 16.59 9.06
CA ILE F 133 47.89 18.02 9.13
C ILE F 133 46.49 18.26 9.66
N GLY F 134 45.53 17.41 9.31
CA GLY F 134 44.15 17.58 9.69
C GLY F 134 43.27 18.14 8.59
N ASN F 135 43.86 18.77 7.58
CA ASN F 135 43.09 19.26 6.44
C ASN F 135 42.56 18.12 5.58
N GLY F 136 43.02 16.89 5.81
CA GLY F 136 42.51 15.76 5.09
C GLY F 136 43.55 14.72 4.69
N CYS F 137 44.83 15.03 4.89
CA CYS F 137 45.87 14.09 4.48
C CYS F 137 47.15 14.34 5.26
N PHE F 138 48.14 13.48 5.03
CA PHE F 138 49.33 13.37 5.83
C PHE F 138 50.52 14.07 5.16
N GLU F 139 51.70 13.93 5.76
CA GLU F 139 52.93 14.45 5.19
C GLU F 139 54.07 13.63 5.80
N PHE F 140 54.69 12.78 4.98
CA PHE F 140 55.67 11.82 5.48
C PHE F 140 56.91 12.51 6.02
N TYR F 141 57.53 11.88 7.01
CA TYR F 141 58.82 12.34 7.51
C TYR F 141 59.96 11.82 6.63
N HIS F 142 60.09 10.50 6.53
CA HIS F 142 61.12 9.91 5.70
C HIS F 142 60.77 10.05 4.22
N LYS F 143 61.81 9.97 3.38
CA LYS F 143 61.67 10.09 1.94
C LYS F 143 61.70 8.70 1.31
N CYS F 144 60.73 8.42 0.44
CA CYS F 144 60.68 7.16 -0.27
C CYS F 144 60.07 7.38 -1.65
N ASN F 145 60.41 6.49 -2.58
CA ASN F 145 60.12 6.68 -4.00
C ASN F 145 58.70 6.21 -4.33
N ASN F 146 58.40 6.07 -5.62
CA ASN F 146 57.06 5.66 -6.05
C ASN F 146 56.71 4.27 -5.54
N GLU F 147 57.72 3.42 -5.28
CA GLU F 147 57.44 2.13 -4.67
C GLU F 147 56.80 2.29 -3.30
N CYS F 148 57.17 3.34 -2.57
CA CYS F 148 56.54 3.64 -1.29
C CYS F 148 55.05 3.87 -1.45
N MET F 149 54.67 4.71 -2.43
CA MET F 149 53.25 4.96 -2.70
C MET F 149 52.55 3.70 -3.17
N GLU F 150 53.20 2.89 -4.00
CA GLU F 150 52.59 1.64 -4.45
C GLU F 150 52.34 0.71 -3.27
N SER F 151 53.28 0.65 -2.33
CA SER F 151 53.10 -0.18 -1.15
C SER F 151 51.97 0.33 -0.27
N VAL F 152 51.93 1.64 -0.03
CA VAL F 152 50.91 2.18 0.86
C VAL F 152 49.52 2.04 0.23
N LYS F 153 49.44 2.07 -1.09
CA LYS F 153 48.18 1.78 -1.75
C LYS F 153 47.83 0.29 -1.61
N ASN F 154 48.80 -0.58 -1.89
CA ASN F 154 48.57 -2.02 -1.83
C ASN F 154 48.30 -2.48 -0.40
N GLY F 155 49.06 -1.97 0.56
CA GLY F 155 48.88 -2.36 1.95
C GLY F 155 50.00 -3.21 2.50
N THR F 156 51.22 -2.95 2.04
CA THR F 156 52.40 -3.68 2.49
C THR F 156 53.39 -2.83 3.26
N TYR F 157 53.10 -1.55 3.49
CA TYR F 157 53.98 -0.69 4.27
C TYR F 157 54.11 -1.21 5.70
N ASP F 158 55.30 -1.07 6.27
CA ASP F 158 55.57 -1.55 7.61
C ASP F 158 56.35 -0.53 8.42
N TYR F 159 56.24 -0.65 9.75
CA TYR F 159 57.00 0.22 10.64
C TYR F 159 58.47 -0.18 10.79
N PRO F 160 58.81 -1.42 11.17
CA PRO F 160 60.18 -1.69 11.62
C PRO F 160 61.27 -1.36 10.61
N LYS F 161 61.01 -1.58 9.32
CA LYS F 161 62.02 -1.32 8.31
C LYS F 161 62.34 0.18 8.21
N TYR F 162 61.30 1.02 8.22
CA TYR F 162 61.46 2.46 8.10
C TYR F 162 61.39 3.18 9.44
N SER F 163 61.39 2.44 10.57
CA SER F 163 61.24 3.07 11.86
C SER F 163 62.44 3.96 12.20
N GLU F 164 63.64 3.53 11.85
CA GLU F 164 64.84 4.23 12.28
C GLU F 164 64.90 5.64 11.71
N GLU F 165 64.59 5.81 10.43
CA GLU F 165 64.69 7.12 9.80
C GLU F 165 63.64 8.09 10.31
N SER F 166 62.55 7.59 10.89
CA SER F 166 61.50 8.49 11.39
C SER F 166 61.99 9.34 12.54
N LYS F 167 62.72 8.75 13.49
CA LYS F 167 63.10 9.47 14.70
C LYS F 167 64.21 10.47 14.44
N LEU F 168 65.05 10.23 13.43
CA LEU F 168 66.19 11.11 13.18
C LEU F 168 65.73 12.52 12.81
N ASN F 169 64.70 12.62 11.96
CA ASN F 169 64.17 13.92 11.54
C ASN F 169 62.91 14.31 12.31
N ARG F 170 62.51 13.52 13.31
CA ARG F 170 61.33 13.85 14.09
C ARG F 170 61.62 14.95 15.09
N VAL G 2 -2.08 -21.29 31.46
CA VAL G 2 -2.12 -22.17 30.30
C VAL G 2 -1.15 -23.34 30.48
N GLN G 3 -1.64 -24.55 30.25
CA GLN G 3 -0.84 -25.76 30.41
C GLN G 3 -0.29 -26.19 29.06
N LEU G 4 1.02 -26.43 29.00
CA LEU G 4 1.67 -26.78 27.75
C LEU G 4 1.44 -28.25 27.43
N VAL G 5 0.75 -28.52 26.31
CA VAL G 5 0.42 -29.88 25.91
C VAL G 5 1.69 -30.59 25.47
N GLN G 6 1.65 -31.92 25.45
CA GLN G 6 2.82 -32.72 25.12
C GLN G 6 2.41 -33.86 24.19
N SER G 7 3.42 -34.57 23.69
CA SER G 7 3.17 -35.66 22.75
C SER G 7 2.50 -36.85 23.42
N GLY G 8 3.03 -37.28 24.56
CA GLY G 8 2.56 -38.46 25.23
C GLY G 8 3.68 -39.46 25.43
N ALA G 9 3.29 -40.68 25.82
CA ALA G 9 4.26 -41.73 26.08
C ALA G 9 5.11 -42.02 24.85
N GLU G 10 6.43 -42.09 25.06
CA GLU G 10 7.38 -42.31 23.97
C GLU G 10 8.45 -43.31 24.40
N VAL G 11 8.03 -44.42 25.00
CA VAL G 11 8.98 -45.46 25.38
C VAL G 11 9.63 -46.04 24.13
N LYS G 12 10.95 -46.13 24.14
CA LYS G 12 11.72 -46.57 22.98
C LYS G 12 12.76 -47.59 23.41
N LYS G 13 13.03 -48.56 22.54
CA LYS G 13 14.04 -49.57 22.82
C LYS G 13 15.43 -48.94 22.77
N PRO G 14 16.37 -49.48 23.56
CA PRO G 14 17.76 -48.99 23.57
C PRO G 14 18.43 -49.00 22.20
N SER G 17 17.88 -42.99 19.40
CA SER G 17 17.22 -41.74 19.05
C SER G 17 15.89 -41.61 19.78
N VAL G 18 15.52 -40.37 20.10
CA VAL G 18 14.24 -40.09 20.74
C VAL G 18 13.85 -38.66 20.38
N LYS G 19 12.55 -38.40 20.30
CA LYS G 19 12.06 -37.09 19.92
C LYS G 19 10.81 -36.78 20.75
N VAL G 20 11.01 -36.13 21.90
CA VAL G 20 9.91 -35.60 22.69
C VAL G 20 9.40 -34.35 21.98
N SER G 21 8.22 -33.87 22.35
CA SER G 21 7.68 -32.65 21.77
C SER G 21 6.87 -31.92 22.82
N CYS G 22 6.71 -30.62 22.62
CA CYS G 22 5.97 -29.79 23.56
C CYS G 22 5.37 -28.63 22.77
N LYS G 23 4.05 -28.46 22.88
CA LYS G 23 3.32 -27.49 22.09
C LYS G 23 2.80 -26.38 22.99
N ALA G 24 2.77 -25.17 22.46
CA ALA G 24 2.25 -24.01 23.18
C ALA G 24 0.77 -23.85 22.87
N SER G 25 -0.07 -23.94 23.89
CA SER G 25 -1.51 -23.87 23.75
C SER G 25 -2.06 -22.78 24.67
N GLY G 26 -3.11 -22.11 24.21
CA GLY G 26 -3.74 -21.06 24.98
C GLY G 26 -3.12 -19.69 24.82
N PHE G 27 -1.80 -19.61 24.85
CA PHE G 27 -1.07 -18.37 24.65
C PHE G 27 -0.31 -18.46 23.34
N THR G 28 -0.43 -17.42 22.51
CA THR G 28 0.30 -17.38 21.26
C THR G 28 1.79 -17.22 21.54
N PHE G 29 2.62 -17.75 20.65
CA PHE G 29 4.05 -17.74 20.87
C PHE G 29 4.59 -16.31 20.76
N GLY G 30 5.28 -15.87 21.80
CA GLY G 30 5.79 -14.50 21.86
C GLY G 30 7.13 -14.40 22.54
N ARG G 31 7.23 -13.47 23.50
CA ARG G 31 8.47 -13.25 24.26
C ARG G 31 8.56 -14.30 25.37
N ASP G 32 8.89 -15.52 24.97
CA ASP G 32 8.98 -16.65 25.87
C ASP G 32 10.30 -17.38 25.66
N SER G 33 10.71 -18.15 26.67
CA SER G 33 11.95 -18.92 26.62
C SER G 33 11.69 -20.31 27.17
N ILE G 34 11.48 -21.27 26.27
CA ILE G 34 11.25 -22.65 26.69
C ILE G 34 12.50 -23.21 27.36
N SER G 35 12.31 -24.01 28.40
CA SER G 35 13.40 -24.65 29.09
C SER G 35 12.95 -26.03 29.55
N TRP G 36 13.89 -26.98 29.57
CA TRP G 36 13.57 -28.38 29.81
C TRP G 36 14.34 -28.89 31.02
N VAL G 37 13.63 -29.61 31.89
CA VAL G 37 14.21 -30.13 33.13
C VAL G 37 13.99 -31.64 33.18
N ARG G 38 15.04 -32.37 33.54
CA ARG G 38 15.01 -33.82 33.63
C ARG G 38 14.95 -34.24 35.09
N GLN G 39 13.84 -34.89 35.48
CA GLN G 39 13.62 -35.31 36.86
C GLN G 39 14.01 -36.76 37.02
N ALA G 40 15.18 -37.00 37.62
CA ALA G 40 15.64 -38.35 37.87
C ALA G 40 14.70 -39.06 38.85
N PRO G 41 14.62 -40.39 38.78
CA PRO G 41 13.67 -41.11 39.66
C PRO G 41 13.92 -40.88 41.15
N GLY G 42 15.18 -40.74 41.56
CA GLY G 42 15.48 -40.57 42.97
C GLY G 42 16.55 -39.54 43.25
N GLN G 43 16.78 -38.64 42.30
CA GLN G 43 17.76 -37.58 42.45
C GLN G 43 17.11 -36.22 42.22
N GLY G 44 17.83 -35.17 42.59
CA GLY G 44 17.33 -33.83 42.35
C GLY G 44 17.30 -33.50 40.88
N LEU G 45 16.52 -32.49 40.53
CA LEU G 45 16.35 -32.11 39.13
C LEU G 45 17.68 -31.63 38.54
N GLU G 46 17.79 -31.75 37.22
CA GLU G 46 18.98 -31.33 36.49
C GLU G 46 18.54 -30.49 35.30
N TRP G 47 19.42 -29.59 34.88
CA TRP G 47 19.12 -28.67 33.78
C TRP G 47 19.54 -29.26 32.44
N MET G 48 18.75 -28.96 31.41
CA MET G 48 19.01 -29.49 30.07
C MET G 48 19.38 -28.41 29.06
N GLY G 49 18.54 -27.39 28.89
CA GLY G 49 18.84 -26.37 27.92
C GLY G 49 17.89 -25.20 28.05
N VAL G 50 17.94 -24.32 27.06
CA VAL G 50 17.05 -23.15 27.01
C VAL G 50 17.04 -22.60 25.59
N ILE G 51 15.87 -22.13 25.15
CA ILE G 51 15.70 -21.60 23.80
C ILE G 51 15.01 -20.24 23.90
N ILE G 52 15.20 -19.43 22.87
CA ILE G 52 14.33 -18.28 22.60
C ILE G 52 13.85 -18.48 21.18
N PRO G 53 12.81 -19.29 20.96
CA PRO G 53 12.50 -19.77 19.60
C PRO G 53 12.26 -18.66 18.59
N LEU G 54 11.72 -17.53 19.03
CA LEU G 54 11.47 -16.43 18.12
C LEU G 54 12.77 -15.85 17.55
N VAL G 55 13.88 -16.04 18.25
CA VAL G 55 15.19 -15.64 17.75
C VAL G 55 16.01 -16.82 17.23
N GLY G 56 15.90 -17.99 17.86
CA GLY G 56 16.67 -19.15 17.46
C GLY G 56 17.89 -19.43 18.33
N ILE G 57 18.16 -18.60 19.33
CA ILE G 57 19.33 -18.83 20.19
C ILE G 57 19.12 -20.09 21.03
N THR G 58 20.17 -20.88 21.15
CA THR G 58 20.16 -22.05 22.01
C THR G 58 21.34 -21.95 22.97
N ASN G 59 21.20 -22.62 24.11
CA ASN G 59 22.23 -22.56 25.15
C ASN G 59 22.08 -23.79 26.03
N TYR G 60 23.05 -24.70 25.97
CA TYR G 60 22.95 -25.99 26.62
C TYR G 60 23.79 -26.03 27.88
N ALA G 61 23.52 -27.02 28.72
CA ALA G 61 24.21 -27.17 29.99
C ALA G 61 25.68 -27.53 29.76
N GLU G 62 26.44 -27.51 30.87
CA GLU G 62 27.87 -27.72 30.77
C GLU G 62 28.21 -29.16 30.36
N LYS G 63 27.59 -30.13 31.03
CA LYS G 63 27.91 -31.53 30.77
C LYS G 63 27.27 -32.05 29.49
N PHE G 64 26.06 -31.58 29.17
CA PHE G 64 25.23 -32.18 28.12
C PHE G 64 25.43 -31.51 26.77
N GLN G 65 26.62 -30.96 26.52
CA GLN G 65 26.84 -30.30 25.23
C GLN G 65 26.82 -31.29 24.08
N GLY G 66 27.36 -32.49 24.28
CA GLY G 66 27.56 -33.41 23.17
C GLY G 66 26.36 -34.23 22.75
N ARG G 67 25.30 -34.26 23.56
CA ARG G 67 24.18 -35.17 23.28
C ARG G 67 22.89 -34.44 22.91
N VAL G 68 22.39 -33.55 23.78
CA VAL G 68 21.08 -32.95 23.53
C VAL G 68 21.20 -31.91 22.43
N THR G 69 20.14 -31.80 21.62
CA THR G 69 20.11 -30.80 20.55
C THR G 69 18.69 -30.25 20.48
N ILE G 70 18.44 -29.17 21.19
CA ILE G 70 17.12 -28.56 21.25
C ILE G 70 16.92 -27.65 20.04
N THR G 71 15.84 -27.87 19.31
CA THR G 71 15.52 -27.05 18.14
C THR G 71 14.12 -26.49 18.32
N ALA G 72 13.81 -25.46 17.53
CA ALA G 72 12.53 -24.78 17.61
C ALA G 72 11.91 -24.65 16.22
N ASP G 73 10.59 -24.58 16.19
CA ASP G 73 9.82 -24.42 14.96
C ASP G 73 8.69 -23.44 15.25
N THR G 74 8.86 -22.19 14.81
CA THR G 74 7.87 -21.15 15.09
C THR G 74 6.59 -21.32 14.28
N SER G 75 6.58 -22.20 13.28
CA SER G 75 5.36 -22.38 12.48
C SER G 75 4.24 -22.96 13.31
N THR G 76 4.53 -23.96 14.15
CA THR G 76 3.52 -24.64 14.95
C THR G 76 3.72 -24.48 16.45
N ASN G 77 4.63 -23.61 16.87
CA ASN G 77 4.88 -23.31 18.28
C ASN G 77 5.27 -24.59 19.04
N THR G 78 6.40 -25.17 18.64
CA THR G 78 6.87 -26.43 19.21
C THR G 78 8.33 -26.29 19.63
N ALA G 79 8.84 -27.36 20.24
CA ALA G 79 10.23 -27.45 20.65
C ALA G 79 10.53 -28.89 21.00
N TYR G 80 11.63 -29.43 20.46
CA TYR G 80 11.93 -30.85 20.58
C TYR G 80 13.32 -31.06 21.16
N MET G 81 13.62 -32.32 21.47
CA MET G 81 14.99 -32.77 21.67
C MET G 81 15.35 -33.75 20.56
N ASP G 82 16.48 -33.51 19.90
CA ASP G 82 17.08 -34.51 19.03
C ASP G 82 18.12 -35.33 19.80
N LEU G 83 17.71 -35.86 20.95
CA LEU G 83 18.62 -36.58 21.82
C LEU G 83 19.13 -37.84 21.14
N SER G 84 20.43 -38.08 21.25
CA SER G 84 21.08 -39.19 20.57
C SER G 84 21.94 -39.98 21.55
N SER G 85 22.30 -41.20 21.14
CA SER G 85 23.12 -42.11 21.94
C SER G 85 22.50 -42.34 23.31
N LEU G 86 21.27 -42.85 23.28
CA LEU G 86 20.54 -43.11 24.51
C LEU G 86 21.19 -44.24 25.30
N ARG G 87 21.13 -44.14 26.62
CA ARG G 87 21.67 -45.13 27.53
C ARG G 87 20.56 -45.66 28.43
N SER G 88 20.95 -46.51 29.38
CA SER G 88 20.01 -47.09 30.33
C SER G 88 19.89 -46.30 31.62
N GLU G 89 20.70 -45.26 31.80
CA GLU G 89 20.68 -44.45 33.01
C GLU G 89 19.97 -43.11 32.81
N ASP G 90 19.31 -42.92 31.67
CA ASP G 90 18.62 -41.68 31.37
C ASP G 90 17.12 -41.78 31.55
N THR G 91 16.62 -42.87 32.13
CA THR G 91 15.18 -43.06 32.30
C THR G 91 14.63 -42.04 33.30
N ALA G 92 13.91 -41.04 32.80
CA ALA G 92 13.40 -39.98 33.66
C ALA G 92 12.31 -39.24 32.90
N VAL G 93 11.51 -38.47 33.65
CA VAL G 93 10.42 -37.69 33.09
C VAL G 93 10.97 -36.35 32.60
N TYR G 94 10.53 -35.93 31.42
CA TYR G 94 10.97 -34.67 30.81
C TYR G 94 9.79 -33.71 30.75
N TYR G 95 9.96 -32.53 31.35
CA TYR G 95 8.91 -31.51 31.40
C TYR G 95 9.09 -30.52 30.25
N CYS G 96 8.33 -29.42 30.31
CA CYS G 96 8.47 -28.32 29.36
C CYS G 96 8.16 -27.03 30.13
N ALA G 97 9.20 -26.38 30.64
CA ALA G 97 9.04 -25.21 31.49
C ALA G 97 9.28 -23.93 30.70
N ARG G 98 8.58 -22.87 31.11
CA ARG G 98 8.67 -21.57 30.46
C ARG G 98 9.35 -20.57 31.39
N GLY G 99 10.29 -19.80 30.84
CA GLY G 99 11.00 -18.81 31.62
C GLY G 99 10.70 -17.39 31.20
N ASP G 100 11.73 -16.57 31.01
CA ASP G 100 11.56 -15.19 30.59
C ASP G 100 12.59 -14.87 29.51
N SER G 101 12.25 -13.89 28.67
CA SER G 101 13.11 -13.51 27.55
C SER G 101 14.05 -12.35 27.90
N THR G 102 13.55 -11.35 28.63
CA THR G 102 14.37 -10.21 29.01
C THR G 102 15.46 -10.56 30.03
N SER G 103 15.41 -11.77 30.60
CA SER G 103 16.38 -12.18 31.60
C SER G 103 17.00 -13.51 31.18
N PHE G 104 17.49 -13.59 29.95
CA PHE G 104 17.95 -14.84 29.36
C PHE G 104 19.07 -15.49 30.16
N TYR G 105 19.79 -14.74 30.98
CA TYR G 105 20.86 -15.31 31.80
C TYR G 105 20.44 -15.54 33.25
N HIS G 106 19.34 -14.95 33.71
CA HIS G 106 18.77 -15.22 35.03
C HIS G 106 17.32 -15.64 34.81
N ASN G 107 17.07 -16.96 34.79
CA ASN G 107 15.75 -17.47 34.46
C ASN G 107 15.22 -18.33 35.60
N TRP G 108 13.93 -18.12 35.92
CA TRP G 108 13.20 -18.94 36.88
C TRP G 108 11.98 -19.54 36.19
N PHE G 109 11.71 -20.81 36.48
CA PHE G 109 10.68 -21.55 35.76
C PHE G 109 9.31 -21.25 36.37
N ASP G 110 8.39 -20.76 35.54
CA ASP G 110 7.05 -20.40 35.99
C ASP G 110 6.03 -21.51 35.74
N VAL G 111 5.84 -21.90 34.48
CA VAL G 111 4.85 -22.89 34.10
C VAL G 111 5.56 -24.21 33.86
N TRP G 112 4.83 -25.31 34.02
CA TRP G 112 5.38 -26.64 33.81
C TRP G 112 4.39 -27.49 33.02
N GLY G 113 4.92 -28.53 32.39
CA GLY G 113 4.11 -29.43 31.61
C GLY G 113 3.70 -30.67 32.38
N PRO G 114 2.66 -31.37 31.90
CA PRO G 114 2.17 -32.53 32.66
C PRO G 114 3.21 -33.62 32.86
N GLY G 115 4.06 -33.86 31.86
CA GLY G 115 5.08 -34.88 31.99
C GLY G 115 5.04 -35.94 30.90
N VAL G 116 6.21 -36.34 30.42
CA VAL G 116 6.35 -37.38 29.42
C VAL G 116 7.40 -38.38 29.91
N LEU G 117 7.02 -39.65 29.97
CA LEU G 117 7.94 -40.67 30.45
C LEU G 117 8.81 -41.19 29.32
N VAL G 118 10.09 -41.39 29.61
CA VAL G 118 11.03 -41.94 28.65
C VAL G 118 11.91 -42.96 29.36
N THR G 119 12.03 -44.14 28.76
CA THR G 119 12.83 -45.21 29.34
C THR G 119 14.14 -45.39 28.58
N VAL H 2 -1.43 37.57 4.72
CA VAL H 2 -2.22 36.85 5.71
C VAL H 2 -2.32 37.64 7.00
N GLN H 3 -3.50 37.63 7.61
CA GLN H 3 -3.77 38.37 8.83
C GLN H 3 -3.95 37.40 9.99
N LEU H 4 -3.20 37.63 11.07
CA LEU H 4 -3.22 36.75 12.23
C LEU H 4 -4.34 37.19 13.16
N VAL H 5 -5.42 36.42 13.20
CA VAL H 5 -6.59 36.74 14.02
C VAL H 5 -6.23 36.55 15.49
N GLN H 6 -7.01 37.16 16.39
CA GLN H 6 -6.75 37.08 17.82
C GLN H 6 -8.04 36.82 18.57
N SER H 7 -7.90 36.48 19.85
CA SER H 7 -9.06 36.16 20.68
C SER H 7 -9.95 37.39 20.90
N GLY H 8 -9.34 38.50 21.31
CA GLY H 8 -10.05 39.71 21.63
C GLY H 8 -9.67 40.23 23.00
N ALA H 9 -10.47 41.16 23.51
CA ALA H 9 -10.18 41.78 24.79
C ALA H 9 -10.19 40.75 25.91
N GLU H 10 -9.20 40.85 26.79
CA GLU H 10 -9.05 39.93 27.93
C GLU H 10 -8.77 40.71 29.20
N VAL H 11 -9.52 41.79 29.43
CA VAL H 11 -9.36 42.57 30.65
C VAL H 11 -9.84 41.76 31.84
N LYS H 12 -8.99 41.66 32.87
CA LYS H 12 -9.31 40.87 34.04
C LYS H 12 -8.71 41.52 35.27
N LYS H 13 -9.31 41.23 36.42
CA LYS H 13 -8.86 41.79 37.68
C LYS H 13 -7.50 41.21 38.07
N PRO H 14 -6.67 41.99 38.79
CA PRO H 14 -5.35 41.54 39.26
C PRO H 14 -5.43 40.26 40.09
N SER H 17 -3.86 35.03 36.25
CA SER H 17 -3.44 34.35 35.02
C SER H 17 -4.23 34.86 33.82
N VAL H 18 -3.51 35.18 32.74
CA VAL H 18 -4.10 35.65 31.50
C VAL H 18 -3.65 34.73 30.38
N LYS H 19 -4.60 34.29 29.55
CA LYS H 19 -4.32 33.39 28.45
C LYS H 19 -4.73 34.06 27.14
N VAL H 20 -3.84 34.86 26.58
CA VAL H 20 -4.04 35.36 25.24
C VAL H 20 -3.93 34.22 24.24
N SER H 21 -4.53 34.40 23.07
CA SER H 21 -4.47 33.40 22.02
C SER H 21 -4.18 34.08 20.68
N CYS H 22 -3.56 33.33 19.78
CA CYS H 22 -3.26 33.80 18.45
C CYS H 22 -3.61 32.70 17.46
N LYS H 23 -4.14 33.10 16.31
CA LYS H 23 -4.62 32.13 15.32
C LYS H 23 -3.98 32.42 13.98
N ALA H 24 -3.80 31.36 13.20
CA ALA H 24 -3.21 31.44 11.87
C ALA H 24 -4.25 31.14 10.81
N SER H 25 -4.32 31.98 9.79
CA SER H 25 -5.30 31.83 8.73
C SER H 25 -4.67 32.15 7.39
N GLY H 26 -4.94 31.31 6.40
CA GLY H 26 -4.48 31.56 5.04
C GLY H 26 -3.07 31.13 4.74
N PHE H 27 -2.34 30.56 5.70
CA PHE H 27 -0.98 30.12 5.45
C PHE H 27 -0.68 28.89 6.29
N THR H 28 0.31 28.12 5.83
CA THR H 28 0.70 26.89 6.51
C THR H 28 1.38 27.18 7.83
N PHE H 29 1.18 26.29 8.80
CA PHE H 29 1.67 26.47 10.15
C PHE H 29 2.89 25.59 10.45
N GLY H 30 3.75 25.34 9.47
CA GLY H 30 4.86 24.44 9.69
C GLY H 30 6.23 24.94 9.28
N ARG H 31 6.29 26.06 8.56
CA ARG H 31 7.54 26.54 8.00
C ARG H 31 7.99 27.86 8.59
N ASP H 32 7.24 28.42 9.54
CA ASP H 32 7.52 29.73 10.09
C ASP H 32 7.42 29.72 11.60
N SER H 33 8.20 30.57 12.25
CA SER H 33 8.16 30.70 13.70
C SER H 33 7.04 31.67 14.10
N ILE H 34 7.01 32.00 15.39
CA ILE H 34 6.06 32.96 15.94
C ILE H 34 6.74 33.67 17.11
N SER H 35 6.68 34.99 17.13
CA SER H 35 7.29 35.78 18.18
C SER H 35 6.27 36.77 18.71
N TRP H 36 6.39 37.11 20.00
CA TRP H 36 5.45 37.97 20.67
C TRP H 36 6.18 39.22 21.17
N VAL H 37 5.59 40.38 20.94
CA VAL H 37 6.19 41.66 21.31
C VAL H 37 5.21 42.44 22.16
N ARG H 38 5.69 42.98 23.28
CA ARG H 38 4.87 43.76 24.20
C ARG H 38 5.18 45.25 24.02
N GLN H 39 4.13 46.03 23.76
CA GLN H 39 4.26 47.46 23.52
C GLN H 39 3.82 48.22 24.77
N ALA H 40 4.78 48.69 25.55
CA ALA H 40 4.46 49.47 26.74
C ALA H 40 3.81 50.79 26.34
N PRO H 41 2.94 51.34 27.20
CA PRO H 41 2.23 52.57 26.83
C PRO H 41 3.13 53.74 26.49
N GLY H 42 4.27 53.87 27.17
CA GLY H 42 5.15 55.00 26.93
C GLY H 42 6.61 54.63 26.76
N GLN H 43 6.89 53.34 26.59
CA GLN H 43 8.25 52.85 26.40
C GLN H 43 8.36 52.14 25.07
N GLY H 44 9.61 51.90 24.65
CA GLY H 44 9.84 51.16 23.43
C GLY H 44 9.46 49.70 23.57
N LEU H 45 9.34 49.03 22.42
CA LEU H 45 8.93 47.64 22.41
C LEU H 45 9.96 46.77 23.10
N GLU H 46 9.49 45.62 23.59
CA GLU H 46 10.34 44.63 24.23
C GLU H 46 10.10 43.28 23.60
N TRP H 47 10.92 42.30 23.96
CA TRP H 47 10.85 40.96 23.40
C TRP H 47 10.37 39.99 24.46
N MET H 48 9.54 39.02 24.05
CA MET H 48 8.89 38.10 24.97
C MET H 48 9.34 36.65 24.79
N GLY H 49 9.19 36.09 23.58
CA GLY H 49 9.54 34.71 23.35
C GLY H 49 9.58 34.40 21.87
N VAL H 50 9.64 33.10 21.57
CA VAL H 50 9.63 32.62 20.20
C VAL H 50 9.29 31.14 20.21
N ILE H 51 8.54 30.69 19.21
CA ILE H 51 8.11 29.30 19.09
C ILE H 51 8.34 28.83 17.66
N ILE H 52 8.70 27.56 17.53
CA ILE H 52 8.61 26.86 16.25
C ILE H 52 7.59 25.74 16.41
N PRO H 53 6.48 25.75 15.66
CA PRO H 53 5.35 24.87 16.01
C PRO H 53 5.65 23.39 15.94
N LEU H 54 6.18 22.89 14.82
CA LEU H 54 6.26 21.44 14.63
C LEU H 54 7.24 20.79 15.60
N VAL H 55 8.32 21.47 15.95
CA VAL H 55 9.35 20.87 16.78
C VAL H 55 9.11 21.26 18.23
N GLY H 56 8.42 22.37 18.44
CA GLY H 56 8.08 22.79 19.79
C GLY H 56 9.18 23.48 20.56
N ILE H 57 10.27 23.89 19.90
CA ILE H 57 11.33 24.59 20.60
C ILE H 57 10.80 25.91 21.14
N THR H 58 11.22 26.25 22.36
CA THR H 58 10.91 27.54 22.94
C THR H 58 12.21 28.21 23.36
N ASN H 59 12.18 29.53 23.42
CA ASN H 59 13.38 30.30 23.74
C ASN H 59 12.91 31.65 24.27
N TYR H 60 13.17 31.92 25.54
CA TYR H 60 12.58 33.05 26.25
C TYR H 60 13.63 34.12 26.50
N ALA H 61 13.16 35.35 26.71
CA ALA H 61 14.05 36.46 26.94
C ALA H 61 14.76 36.33 28.29
N GLU H 62 15.76 37.19 28.51
CA GLU H 62 16.56 37.10 29.72
C GLU H 62 15.72 37.38 30.97
N LYS H 63 14.84 38.38 30.91
CA LYS H 63 14.09 38.77 32.09
C LYS H 63 12.85 37.92 32.30
N PHE H 64 12.14 37.60 31.21
CA PHE H 64 10.81 37.02 31.30
C PHE H 64 10.83 35.50 31.38
N GLN H 65 11.93 34.91 31.81
CA GLN H 65 11.98 33.46 31.97
C GLN H 65 11.17 33.02 33.19
N GLY H 66 11.24 33.80 34.26
CA GLY H 66 10.60 33.39 35.51
C GLY H 66 9.09 33.29 35.43
N ARG H 67 8.45 34.18 34.68
CA ARG H 67 6.99 34.24 34.65
C ARG H 67 6.39 33.76 33.34
N VAL H 68 6.82 34.33 32.22
CA VAL H 68 6.16 34.10 30.94
C VAL H 68 6.51 32.71 30.42
N THR H 69 5.49 31.91 30.11
CA THR H 69 5.67 30.56 29.58
C THR H 69 4.74 30.40 28.38
N ILE H 70 5.28 30.55 27.18
CA ILE H 70 4.50 30.47 25.94
C ILE H 70 4.73 29.11 25.29
N THR H 71 3.65 28.52 24.76
CA THR H 71 3.69 27.19 24.18
C THR H 71 2.83 27.15 22.93
N ALA H 72 3.05 26.14 22.10
CA ALA H 72 2.33 26.02 20.85
C ALA H 72 1.24 24.96 20.94
N ASP H 73 0.44 24.89 19.88
CA ASP H 73 -0.60 23.86 19.75
C ASP H 73 -0.87 23.68 18.26
N THR H 74 -0.34 22.62 17.68
CA THR H 74 -0.42 22.40 16.24
C THR H 74 -1.78 21.85 15.80
N SER H 75 -2.66 21.54 16.75
CA SER H 75 -3.98 21.00 16.39
C SER H 75 -4.78 22.01 15.58
N THR H 76 -4.77 23.28 15.99
CA THR H 76 -5.56 24.31 15.34
C THR H 76 -4.75 25.55 15.01
N ASN H 77 -3.42 25.41 14.90
CA ASN H 77 -2.52 26.50 14.51
C ASN H 77 -2.66 27.70 15.45
N THR H 78 -2.30 27.47 16.72
CA THR H 78 -2.45 28.47 17.76
C THR H 78 -1.16 28.61 18.55
N ALA H 79 -1.13 29.61 19.42
CA ALA H 79 0.02 29.84 20.30
C ALA H 79 -0.43 30.78 21.42
N TYR H 80 -0.25 30.36 22.67
CA TYR H 80 -0.76 31.09 23.82
C TYR H 80 0.37 31.59 24.71
N MET H 81 0.01 32.45 25.66
CA MET H 81 0.81 32.71 26.84
C MET H 81 0.12 32.12 28.06
N ASP H 82 0.85 31.32 28.83
CA ASP H 82 0.40 30.96 30.17
C ASP H 82 0.98 31.92 31.20
N LEU H 83 0.79 33.22 30.97
CA LEU H 83 1.37 34.23 31.83
C LEU H 83 0.77 34.14 33.23
N SER H 84 1.63 34.24 34.24
CA SER H 84 1.22 34.07 35.62
C SER H 84 1.80 35.19 36.47
N SER H 85 1.20 35.38 37.65
CA SER H 85 1.62 36.39 38.62
C SER H 85 1.62 37.79 37.99
N LEU H 86 0.43 38.18 37.54
CA LEU H 86 0.27 39.49 36.92
C LEU H 86 0.51 40.61 37.93
N ARG H 87 1.10 41.71 37.45
CA ARG H 87 1.37 42.89 38.25
C ARG H 87 0.58 44.07 37.69
N SER H 88 0.83 45.25 38.27
CA SER H 88 0.17 46.47 37.81
C SER H 88 0.99 47.25 36.81
N GLU H 89 2.19 46.77 36.45
CA GLU H 89 3.07 47.46 35.52
C GLU H 89 3.16 46.77 34.16
N ASP H 90 2.34 45.75 33.93
CA ASP H 90 2.36 45.01 32.68
C ASP H 90 1.21 45.37 31.75
N THR H 91 0.46 46.42 32.08
CA THR H 91 -0.67 46.84 31.24
C THR H 91 -0.16 47.34 29.90
N ALA H 92 -0.32 46.54 28.86
CA ALA H 92 0.22 46.87 27.55
C ALA H 92 -0.42 45.95 26.51
N VAL H 93 -0.20 46.30 25.25
CA VAL H 93 -0.75 45.50 24.16
C VAL H 93 0.19 44.34 23.84
N TYR H 94 -0.37 43.25 23.32
CA TYR H 94 0.39 42.05 22.99
C TYR H 94 0.07 41.64 21.57
N TYR H 95 1.04 41.77 20.66
CA TYR H 95 0.86 41.44 19.26
C TYR H 95 1.14 39.96 19.01
N CYS H 96 1.15 39.56 17.74
CA CYS H 96 1.50 38.20 17.34
C CYS H 96 2.29 38.30 16.04
N ALA H 97 3.62 38.36 16.15
CA ALA H 97 4.48 38.63 15.01
C ALA H 97 5.12 37.35 14.49
N ARG H 98 5.12 37.20 13.17
CA ARG H 98 5.75 36.07 12.51
C ARG H 98 7.20 36.36 12.18
N GLY H 99 8.00 35.31 12.14
CA GLY H 99 9.42 35.41 11.84
C GLY H 99 9.82 34.42 10.76
N ASP H 100 10.98 33.79 10.95
CA ASP H 100 11.50 32.80 10.03
C ASP H 100 12.06 31.62 10.80
N SER H 101 12.07 30.46 10.15
CA SER H 101 12.53 29.22 10.76
C SER H 101 13.98 28.88 10.42
N THR H 102 14.43 29.18 9.21
CA THR H 102 15.80 28.91 8.81
C THR H 102 16.80 29.85 9.50
N SER H 103 16.33 30.87 10.18
CA SER H 103 17.15 31.87 10.86
C SER H 103 16.71 32.03 12.31
N PHE H 104 16.60 30.90 13.00
CA PHE H 104 16.02 30.88 14.34
C PHE H 104 16.76 31.78 15.33
N TYR H 105 18.02 32.11 15.07
CA TYR H 105 18.77 32.97 15.96
C TYR H 105 18.87 34.41 15.46
N HIS H 106 18.59 34.66 14.18
CA HIS H 106 18.55 35.99 13.60
C HIS H 106 17.17 36.17 12.97
N ASN H 107 16.24 36.78 13.71
CA ASN H 107 14.85 36.85 13.27
C ASN H 107 14.40 38.31 13.19
N TRP H 108 13.69 38.63 12.11
CA TRP H 108 13.07 39.94 11.92
C TRP H 108 11.57 39.75 11.72
N PHE H 109 10.78 40.63 12.32
CA PHE H 109 9.33 40.48 12.35
C PHE H 109 8.73 41.05 11.07
N ASP H 110 8.06 40.20 10.29
CA ASP H 110 7.45 40.61 9.02
C ASP H 110 5.97 40.95 9.18
N VAL H 111 5.16 40.00 9.62
CA VAL H 111 3.72 40.17 9.78
C VAL H 111 3.42 40.51 11.23
N TRP H 112 2.39 41.32 11.44
CA TRP H 112 1.99 41.71 12.79
C TRP H 112 0.48 41.54 12.95
N GLY H 113 0.06 41.31 14.19
CA GLY H 113 -1.34 41.14 14.50
C GLY H 113 -2.01 42.45 14.89
N PRO H 114 -3.34 42.45 14.96
CA PRO H 114 -4.06 43.69 15.24
C PRO H 114 -3.77 44.27 16.61
N GLY H 115 -3.98 43.49 17.66
CA GLY H 115 -3.72 43.95 19.02
C GLY H 115 -4.76 43.43 20.01
N VAL H 116 -4.30 43.15 21.23
CA VAL H 116 -5.17 42.69 22.30
C VAL H 116 -4.79 43.45 23.57
N LEU H 117 -5.78 44.06 24.22
CA LEU H 117 -5.52 44.76 25.47
C LEU H 117 -5.40 43.78 26.63
N VAL H 118 -4.51 44.12 27.56
CA VAL H 118 -4.33 43.35 28.78
C VAL H 118 -3.99 44.33 29.91
N THR H 119 -4.67 44.17 31.04
CA THR H 119 -4.42 45.02 32.20
C THR H 119 -4.77 44.30 33.50
N ILE I 2 28.89 -24.95 41.75
CA ILE I 2 27.86 -24.46 42.65
C ILE I 2 27.03 -25.64 43.17
N VAL I 3 26.65 -25.58 44.45
CA VAL I 3 25.91 -26.67 45.08
C VAL I 3 25.12 -26.08 46.24
N MET I 4 23.88 -26.55 46.39
CA MET I 4 22.99 -26.11 47.47
C MET I 4 22.64 -27.31 48.34
N THR I 5 22.61 -27.08 49.66
CA THR I 5 22.29 -28.12 50.62
C THR I 5 21.06 -27.73 51.42
N GLN I 6 20.16 -28.68 51.62
CA GLN I 6 18.90 -28.42 52.32
C GLN I 6 19.03 -28.72 53.81
N SER I 7 18.15 -28.10 54.60
CA SER I 7 18.11 -28.31 56.03
C SER I 7 17.23 -29.51 56.34
N PRO I 8 17.74 -30.54 57.04
CA PRO I 8 16.95 -31.73 57.38
C PRO I 8 15.81 -31.42 58.33
N ALA I 19 6.47 -23.12 60.89
CA ALA I 19 7.69 -23.89 60.64
C ALA I 19 8.72 -23.05 59.89
N THR I 20 10.00 -23.45 59.99
CA THR I 20 11.08 -22.76 59.31
C THR I 20 11.91 -23.76 58.54
N LEU I 21 12.38 -23.34 57.36
CA LEU I 21 13.24 -24.16 56.53
C LEU I 21 14.31 -23.27 55.90
N SER I 22 15.41 -23.89 55.50
CA SER I 22 16.54 -23.14 54.97
C SER I 22 17.32 -24.01 54.00
N CYS I 23 18.10 -23.34 53.15
CA CYS I 23 18.99 -24.00 52.21
C CYS I 23 20.36 -23.33 52.29
N ARG I 24 21.40 -24.14 52.43
CA ARG I 24 22.76 -23.63 52.56
C ARG I 24 23.40 -23.46 51.18
N ALA I 25 24.11 -22.35 50.98
CA ALA I 25 24.77 -22.05 49.72
C ALA I 25 26.28 -22.02 49.94
N SER I 26 27.01 -22.67 49.04
CA SER I 26 28.46 -22.75 49.13
C SER I 26 29.16 -21.61 48.39
N GLN I 27 28.41 -20.66 47.85
CA GLN I 27 28.97 -19.53 47.13
C GLN I 27 28.01 -18.35 47.27
N SER I 28 28.52 -17.16 46.97
CA SER I 28 27.67 -15.98 46.99
C SER I 28 26.55 -16.11 45.98
N VAL I 29 25.32 -15.81 46.41
CA VAL I 29 24.15 -15.93 45.55
C VAL I 29 23.42 -14.59 45.53
N SER I 30 23.74 -13.72 46.49
CA SER I 30 23.14 -12.39 46.63
C SER I 30 21.65 -12.59 46.86
N SER I 31 20.78 -12.00 46.04
CA SER I 31 19.33 -12.11 46.21
C SER I 31 18.71 -12.82 45.02
N TYR I 32 19.33 -13.90 44.56
CA TYR I 32 18.88 -14.65 43.39
C TYR I 32 18.50 -16.07 43.85
N LEU I 33 17.26 -16.24 44.26
CA LEU I 33 16.78 -17.54 44.70
C LEU I 33 15.30 -17.67 44.36
N ALA I 34 14.77 -18.87 44.60
CA ALA I 34 13.35 -19.16 44.43
C ALA I 34 13.07 -20.52 45.06
N TRP I 35 11.93 -20.63 45.73
CA TRP I 35 11.54 -21.85 46.43
C TRP I 35 10.39 -22.52 45.71
N TYR I 36 10.56 -23.80 45.38
CA TYR I 36 9.60 -24.55 44.59
C TYR I 36 8.83 -25.51 45.46
N GLN I 37 7.50 -25.50 45.34
CA GLN I 37 6.61 -26.36 46.10
C GLN I 37 5.90 -27.31 45.14
N GLN I 38 5.94 -28.61 45.46
CA GLN I 38 5.25 -29.61 44.66
C GLN I 38 4.60 -30.63 45.58
N LYS I 39 3.39 -31.03 45.20
CA LYS I 39 2.75 -32.18 45.83
C LYS I 39 3.16 -33.45 45.07
N PRO I 40 3.17 -34.60 45.74
CA PRO I 40 3.61 -35.83 45.08
C PRO I 40 2.77 -36.14 43.85
N GLY I 41 3.44 -36.55 42.78
CA GLY I 41 2.79 -36.92 41.54
C GLY I 41 2.47 -35.77 40.61
N GLN I 42 2.79 -34.53 40.98
CA GLN I 42 2.45 -33.36 40.19
C GLN I 42 3.69 -32.48 39.97
N ALA I 43 3.61 -31.67 38.91
CA ALA I 43 4.68 -30.74 38.61
C ALA I 43 4.72 -29.62 39.65
N PRO I 44 5.91 -29.08 39.92
CA PRO I 44 6.03 -28.04 40.95
C PRO I 44 5.33 -26.74 40.54
N ARG I 45 5.31 -25.80 41.49
CA ARG I 45 4.80 -24.46 41.26
C ARG I 45 5.69 -23.47 42.00
N LEU I 46 5.66 -22.22 41.52
CA LEU I 46 6.54 -21.18 42.03
C LEU I 46 5.92 -20.50 43.24
N LEU I 47 6.65 -20.50 44.36
CA LEU I 47 6.18 -19.89 45.60
C LEU I 47 6.68 -18.46 45.78
N VAL I 48 7.98 -18.27 45.84
CA VAL I 48 8.58 -16.99 46.20
C VAL I 48 9.99 -16.93 45.61
N TYR I 49 10.33 -15.77 45.05
CA TYR I 49 11.67 -15.55 44.53
C TYR I 49 12.27 -14.24 45.04
N ARG I 54 6.56 -11.35 45.40
CA ARG I 54 6.15 -12.74 45.54
C ARG I 54 5.26 -13.16 44.38
N ALA I 55 5.02 -14.46 44.25
CA ALA I 55 4.21 -14.97 43.18
C ALA I 55 2.72 -14.78 43.48
N THR I 56 1.91 -14.90 42.44
CA THR I 56 0.46 -14.77 42.58
C THR I 56 -0.15 -16.07 43.06
N GLY I 57 -1.41 -15.99 43.48
CA GLY I 57 -2.12 -17.16 43.99
C GLY I 57 -1.49 -17.75 45.24
N ILE I 58 -1.06 -16.89 46.17
CA ILE I 58 -0.37 -17.34 47.38
C ILE I 58 -1.14 -16.81 48.60
N PRO I 59 -1.40 -17.65 49.60
CA PRO I 59 -2.11 -17.18 50.79
C PRO I 59 -1.21 -16.45 51.77
N ASP I 60 -0.01 -16.09 51.32
CA ASP I 60 0.99 -15.34 52.12
C ASP I 60 1.17 -15.92 53.51
N ARG I 61 0.94 -17.23 53.66
CA ARG I 61 1.22 -17.90 54.93
C ARG I 61 2.72 -18.08 55.16
N PHE I 62 3.50 -18.14 54.08
CA PHE I 62 4.93 -18.38 54.15
C PHE I 62 5.68 -17.35 53.32
N SER I 63 6.91 -17.05 53.76
CA SER I 63 7.73 -16.04 53.09
C SER I 63 9.20 -16.34 53.37
N GLY I 64 10.06 -15.77 52.52
CA GLY I 64 11.49 -15.94 52.66
C GLY I 64 12.16 -14.71 53.27
N SER I 65 13.40 -14.90 53.70
CA SER I 65 14.17 -13.84 54.32
C SER I 65 15.65 -14.11 54.12
N GLY I 66 16.45 -13.05 54.27
CA GLY I 66 17.88 -13.15 54.17
C GLY I 66 18.37 -13.12 52.73
N SER I 67 19.66 -12.87 52.58
CA SER I 67 20.30 -12.80 51.28
C SER I 67 21.81 -12.89 51.47
N GLY I 68 22.52 -13.06 50.36
CA GLY I 68 23.97 -13.10 50.38
C GLY I 68 24.56 -14.48 50.53
N THR I 69 24.43 -15.07 51.73
CA THR I 69 25.04 -16.36 52.01
C THR I 69 24.07 -17.41 52.52
N GLU I 70 23.12 -17.04 53.38
CA GLU I 70 22.19 -18.01 53.96
C GLU I 70 20.78 -17.45 53.87
N PHE I 71 19.84 -18.32 53.52
CA PHE I 71 18.45 -17.93 53.32
C PHE I 71 17.54 -18.78 54.20
N THR I 72 16.46 -18.16 54.67
CA THR I 72 15.48 -18.84 55.50
C THR I 72 14.09 -18.67 54.88
N LEU I 73 13.30 -19.74 54.97
CA LEU I 73 11.91 -19.74 54.50
C LEU I 73 11.00 -20.01 55.69
N THR I 74 10.34 -18.97 56.18
CA THR I 74 9.45 -19.09 57.32
C THR I 74 8.03 -19.42 56.86
N ILE I 75 7.40 -20.35 57.58
CA ILE I 75 6.03 -20.73 57.29
C ILE I 75 5.16 -20.52 58.53
N ASP I 82 -0.14 -28.03 52.64
CA ASP I 82 1.23 -27.67 52.33
C ASP I 82 2.20 -28.73 52.83
N VAL I 83 2.02 -29.96 52.36
CA VAL I 83 2.88 -31.08 52.72
C VAL I 83 3.41 -31.72 51.45
N GLY I 84 4.68 -32.09 51.46
CA GLY I 84 5.31 -32.66 50.28
C GLY I 84 6.82 -32.52 50.30
N VAL I 85 7.40 -32.01 49.22
CA VAL I 85 8.83 -31.78 49.12
C VAL I 85 9.06 -30.38 48.55
N PHE I 86 9.99 -29.64 49.14
CA PHE I 86 10.30 -28.28 48.73
C PHE I 86 11.67 -28.25 48.06
N PHE I 87 11.78 -27.50 46.97
CA PHE I 87 13.03 -27.36 46.23
C PHE I 87 13.47 -25.90 46.26
N CYS I 88 14.75 -25.67 46.55
CA CYS I 88 15.34 -24.35 46.50
C CYS I 88 16.26 -24.28 45.29
N GLN I 89 16.02 -23.30 44.43
CA GLN I 89 16.71 -23.18 43.16
C GLN I 89 17.41 -21.83 43.05
N GLN I 90 18.66 -21.84 42.59
CA GLN I 90 19.45 -20.64 42.40
C GLN I 90 19.69 -20.41 40.92
N TYR I 91 19.72 -19.15 40.51
CA TYR I 91 19.96 -18.79 39.11
C TYR I 91 20.97 -17.68 38.99
N ASN I 92 22.02 -17.72 39.81
CA ASN I 92 23.09 -16.72 39.69
C ASN I 92 24.02 -17.03 38.53
N ILE I 93 24.43 -18.30 38.39
CA ILE I 93 25.26 -18.74 37.27
C ILE I 93 24.65 -20.03 36.75
N TRP I 94 24.12 -19.99 35.53
CA TRP I 94 23.37 -21.10 34.93
C TRP I 94 22.20 -21.41 35.86
N VAL I 95 21.82 -22.68 36.02
CA VAL I 95 20.71 -23.08 36.88
C VAL I 95 21.03 -24.44 37.47
N THR I 96 20.81 -24.58 38.77
CA THR I 96 20.97 -25.87 39.43
C THR I 96 20.00 -25.97 40.59
N PHE I 97 19.58 -27.18 40.91
CA PHE I 97 18.62 -27.42 41.97
C PHE I 97 19.30 -28.10 43.16
N GLY I 98 18.60 -28.12 44.29
CA GLY I 98 19.08 -28.78 45.49
C GLY I 98 18.63 -30.22 45.57
N GLY I 99 19.09 -30.89 46.63
CA GLY I 99 18.73 -32.29 46.83
C GLY I 99 17.24 -32.48 47.08
N GLY I 100 16.67 -31.63 47.94
CA GLY I 100 15.27 -31.67 48.26
C GLY I 100 15.02 -31.67 49.75
N THR I 101 13.73 -31.56 50.09
CA THR I 101 13.28 -31.53 51.47
C THR I 101 12.70 -32.88 51.86
N LYS I 102 13.02 -33.34 53.06
CA LYS I 102 12.58 -34.66 53.53
C LYS I 102 11.20 -34.65 54.14
N VAL I 103 10.56 -33.48 54.29
CA VAL I 103 9.24 -33.40 54.90
C VAL I 103 8.19 -34.01 53.97
N VAL J 2 21.59 -12.77 -28.10
CA VAL J 2 20.99 -11.46 -28.35
C VAL J 2 21.85 -10.66 -29.32
N GLN J 3 21.20 -10.00 -30.27
CA GLN J 3 21.87 -9.22 -31.30
C GLN J 3 21.61 -7.74 -31.06
N LEU J 4 22.68 -6.95 -31.00
CA LEU J 4 22.59 -5.52 -30.74
C LEU J 4 22.46 -4.80 -32.08
N VAL J 5 21.25 -4.33 -32.37
CA VAL J 5 20.98 -3.62 -33.63
C VAL J 5 21.64 -2.24 -33.56
N GLN J 6 21.75 -1.58 -34.72
CA GLN J 6 22.42 -0.28 -34.81
C GLN J 6 21.58 0.63 -35.69
N SER J 7 22.15 1.80 -36.01
CA SER J 7 21.43 2.79 -36.80
C SER J 7 21.49 2.49 -38.29
N GLY J 8 22.69 2.45 -38.85
CA GLY J 8 22.89 2.23 -40.26
C GLY J 8 24.04 3.08 -40.77
N ALA J 9 24.07 3.26 -42.09
CA ALA J 9 25.15 4.01 -42.72
C ALA J 9 25.18 5.45 -42.20
N GLU J 10 26.38 5.96 -41.97
CA GLU J 10 26.60 7.29 -41.44
C GLU J 10 27.67 8.02 -42.23
N VAL J 11 27.55 8.00 -43.57
CA VAL J 11 28.49 8.72 -44.41
C VAL J 11 28.13 10.20 -44.40
N LYS J 12 29.12 11.04 -44.12
CA LYS J 12 28.88 12.48 -44.02
C LYS J 12 30.15 13.23 -44.36
N LYS J 13 29.98 14.51 -44.68
CA LYS J 13 31.10 15.36 -45.02
C LYS J 13 31.94 15.68 -43.78
N PRO J 14 33.24 15.93 -43.95
CA PRO J 14 34.12 16.29 -42.84
C PRO J 14 33.69 17.59 -42.15
N SER J 17 30.69 16.51 -36.43
CA SER J 17 29.83 15.79 -35.49
C SER J 17 29.31 14.49 -36.09
N VAL J 18 29.22 13.46 -35.26
CA VAL J 18 28.70 12.17 -35.69
C VAL J 18 28.05 11.51 -34.47
N LYS J 19 26.90 10.87 -34.70
CA LYS J 19 26.14 10.25 -33.63
C LYS J 19 25.73 8.84 -34.06
N VAL J 20 26.60 7.86 -33.78
CA VAL J 20 26.25 6.46 -33.93
C VAL J 20 25.27 6.12 -32.82
N SER J 21 24.61 4.97 -32.92
CA SER J 21 23.66 4.57 -31.90
C SER J 21 23.68 3.05 -31.75
N CYS J 22 23.29 2.59 -30.56
CA CYS J 22 23.17 1.18 -30.24
C CYS J 22 21.86 0.97 -29.51
N LYS J 23 21.33 -0.25 -29.60
CA LYS J 23 20.06 -0.57 -28.98
C LYS J 23 20.08 -1.98 -28.44
N ALA J 24 19.38 -2.19 -27.33
CA ALA J 24 19.26 -3.51 -26.73
C ALA J 24 18.08 -4.25 -27.33
N SER J 25 18.30 -5.52 -27.64
CA SER J 25 17.27 -6.36 -28.24
C SER J 25 17.42 -7.78 -27.73
N GLY J 26 16.30 -8.39 -27.37
CA GLY J 26 16.27 -9.75 -26.85
C GLY J 26 16.46 -9.85 -25.35
N PHE J 27 17.33 -9.01 -24.78
CA PHE J 27 17.58 -8.96 -23.35
C PHE J 27 17.22 -7.57 -22.85
N THR J 28 16.46 -7.52 -21.75
CA THR J 28 16.15 -6.24 -21.13
C THR J 28 17.41 -5.65 -20.51
N PHE J 29 17.45 -4.32 -20.42
CA PHE J 29 18.65 -3.66 -19.92
C PHE J 29 18.83 -3.91 -18.44
N GLY J 30 20.03 -4.37 -18.06
CA GLY J 30 20.33 -4.70 -16.69
C GLY J 30 21.80 -4.48 -16.37
N ARG J 31 22.42 -5.46 -15.71
CA ARG J 31 23.85 -5.36 -15.42
C ARG J 31 24.67 -5.51 -16.69
N ASP J 32 24.99 -4.39 -17.34
CA ASP J 32 25.74 -4.39 -18.58
C ASP J 32 26.83 -3.34 -18.53
N SER J 33 27.86 -3.55 -19.33
CA SER J 33 29.04 -2.68 -19.39
C SER J 33 29.38 -2.36 -20.83
N ILE J 34 28.37 -1.91 -21.58
CA ILE J 34 28.50 -1.66 -23.02
C ILE J 34 29.80 -0.92 -23.31
N SER J 35 30.59 -1.47 -24.21
CA SER J 35 31.88 -0.90 -24.59
C SER J 35 31.96 -0.83 -26.11
N TRP J 36 32.77 0.09 -26.62
CA TRP J 36 32.80 0.40 -28.03
C TRP J 36 34.24 0.25 -28.54
N VAL J 37 34.39 -0.46 -29.65
CA VAL J 37 35.71 -0.75 -30.22
C VAL J 37 35.73 -0.32 -31.67
N ARG J 38 36.80 0.39 -32.07
CA ARG J 38 36.96 0.93 -33.41
C ARG J 38 37.96 0.08 -34.18
N GLN J 39 37.54 -0.44 -35.33
CA GLN J 39 38.38 -1.31 -36.16
C GLN J 39 38.93 -0.51 -37.33
N ALA J 40 40.22 -0.19 -37.27
CA ALA J 40 40.87 0.52 -38.36
C ALA J 40 40.89 -0.35 -39.62
N PRO J 41 40.91 0.28 -40.80
CA PRO J 41 40.83 -0.52 -42.05
C PRO J 41 41.95 -1.55 -42.19
N GLY J 42 43.16 -1.24 -41.74
CA GLY J 42 44.26 -2.15 -41.91
C GLY J 42 45.11 -2.34 -40.66
N GLN J 43 44.64 -1.82 -39.53
CA GLN J 43 45.33 -1.95 -38.26
C GLN J 43 44.50 -2.80 -37.31
N GLY J 44 45.14 -3.19 -36.20
CA GLY J 44 44.43 -3.93 -35.17
C GLY J 44 43.39 -3.09 -34.47
N LEU J 45 42.50 -3.76 -33.76
CA LEU J 45 41.44 -3.06 -33.05
C LEU J 45 42.02 -2.18 -31.94
N GLU J 46 41.42 -1.01 -31.76
CA GLU J 46 41.75 -0.13 -30.65
C GLU J 46 40.65 -0.19 -29.60
N TRP J 47 40.79 0.61 -28.55
CA TRP J 47 39.78 0.71 -27.52
C TRP J 47 39.31 2.17 -27.44
N MET J 48 38.03 2.35 -27.13
CA MET J 48 37.40 3.66 -27.24
C MET J 48 36.72 4.15 -25.97
N GLY J 49 36.08 3.27 -25.21
CA GLY J 49 35.41 3.69 -23.98
C GLY J 49 34.67 2.55 -23.34
N VAL J 50 33.93 2.89 -22.28
CA VAL J 50 33.12 1.92 -21.56
C VAL J 50 32.12 2.70 -20.72
N ILE J 51 30.91 2.17 -20.61
CA ILE J 51 29.83 2.83 -19.88
C ILE J 51 28.99 1.77 -19.18
N ILE J 52 28.58 2.08 -17.97
CA ILE J 52 27.59 1.27 -17.26
C ILE J 52 26.30 2.08 -17.24
N PRO J 53 25.44 1.95 -18.25
CA PRO J 53 24.30 2.89 -18.39
C PRO J 53 23.36 2.92 -17.19
N LEU J 54 23.24 1.81 -16.46
CA LEU J 54 22.31 1.75 -15.35
C LEU J 54 22.70 2.69 -14.21
N VAL J 55 23.98 3.06 -14.12
CA VAL J 55 24.43 4.04 -13.15
C VAL J 55 24.95 5.32 -13.79
N GLY J 56 25.40 5.28 -15.04
CA GLY J 56 25.95 6.46 -15.69
C GLY J 56 27.43 6.66 -15.52
N ILE J 57 28.15 5.67 -15.02
CA ILE J 57 29.59 5.79 -14.80
C ILE J 57 30.30 5.62 -16.13
N THR J 58 30.97 6.66 -16.59
CA THR J 58 31.70 6.61 -17.85
C THR J 58 33.20 6.50 -17.58
N ASN J 59 33.92 6.04 -18.61
CA ASN J 59 35.36 5.90 -18.52
C ASN J 59 35.95 5.77 -19.92
N TYR J 60 36.85 6.67 -20.30
CA TYR J 60 37.37 6.74 -21.66
C TYR J 60 38.85 6.36 -21.67
N ALA J 61 39.33 6.01 -22.85
CA ALA J 61 40.71 5.59 -23.01
C ALA J 61 41.66 6.75 -22.77
N GLU J 62 42.96 6.43 -22.74
CA GLU J 62 43.97 7.44 -22.42
C GLU J 62 44.09 8.48 -23.52
N LYS J 63 44.18 8.04 -24.78
CA LYS J 63 44.40 8.98 -25.88
C LYS J 63 43.13 9.73 -26.26
N PHE J 64 41.97 9.08 -26.14
CA PHE J 64 40.71 9.60 -26.68
C PHE J 64 39.86 10.28 -25.60
N GLN J 65 40.49 10.96 -24.65
CA GLN J 65 39.75 11.66 -23.62
C GLN J 65 39.09 12.92 -24.19
N GLY J 66 39.84 13.69 -24.99
CA GLY J 66 39.38 15.01 -25.37
C GLY J 66 38.31 15.05 -26.44
N ARG J 67 38.04 13.93 -27.11
CA ARG J 67 37.10 13.92 -28.23
C ARG J 67 35.84 13.11 -27.94
N VAL J 68 35.99 11.84 -27.58
CA VAL J 68 34.85 10.94 -27.49
C VAL J 68 34.14 11.12 -26.15
N THR J 69 32.82 11.31 -26.20
CA THR J 69 32.00 11.47 -25.00
C THR J 69 30.83 10.49 -25.07
N ILE J 70 31.04 9.28 -24.55
CA ILE J 70 29.98 8.28 -24.54
C ILE J 70 28.95 8.62 -23.49
N THR J 71 27.68 8.60 -23.88
CA THR J 71 26.58 8.90 -22.96
C THR J 71 25.56 7.78 -23.06
N ALA J 72 24.75 7.65 -22.02
CA ALA J 72 23.76 6.59 -21.93
C ALA J 72 22.35 7.17 -22.02
N ASP J 73 21.37 6.28 -22.10
CA ASP J 73 19.96 6.65 -22.12
C ASP J 73 19.16 5.47 -21.60
N THR J 74 18.74 5.54 -20.33
CA THR J 74 18.07 4.41 -19.69
C THR J 74 16.68 4.18 -20.28
N SER J 75 16.02 5.24 -20.76
CA SER J 75 14.63 5.11 -21.20
C SER J 75 14.51 4.16 -22.39
N THR J 76 15.30 4.40 -23.44
CA THR J 76 15.21 3.61 -24.67
C THR J 76 16.27 2.52 -24.77
N ASN J 77 17.06 2.32 -23.72
CA ASN J 77 18.09 1.26 -23.68
C ASN J 77 19.10 1.44 -24.82
N THR J 78 19.71 2.62 -24.87
CA THR J 78 20.62 2.98 -25.94
C THR J 78 21.93 3.50 -25.37
N ALA J 79 22.87 3.78 -26.26
CA ALA J 79 24.18 4.34 -25.88
C ALA J 79 24.80 4.95 -27.13
N TYR J 80 25.10 6.23 -27.09
CA TYR J 80 25.57 6.96 -28.26
C TYR J 80 27.04 7.34 -28.16
N MET J 81 27.54 7.95 -29.23
CA MET J 81 28.73 8.77 -29.19
C MET J 81 28.37 10.20 -29.54
N ASP J 82 29.27 11.12 -29.18
CA ASP J 82 29.22 12.51 -29.60
C ASP J 82 30.58 12.94 -30.12
N LEU J 83 31.19 12.08 -30.93
CA LEU J 83 32.54 12.33 -31.43
C LEU J 83 32.59 13.64 -32.20
N SER J 84 33.44 14.56 -31.75
CA SER J 84 33.52 15.91 -32.29
C SER J 84 34.88 16.14 -32.94
N SER J 85 34.92 17.15 -33.81
CA SER J 85 36.14 17.52 -34.54
C SER J 85 36.68 16.31 -35.31
N LEU J 86 35.86 15.82 -36.24
CA LEU J 86 36.22 14.65 -37.01
C LEU J 86 37.41 14.94 -37.92
N ARG J 87 38.22 13.92 -38.15
CA ARG J 87 39.40 14.00 -39.00
C ARG J 87 39.22 13.11 -40.24
N SER J 88 40.25 13.09 -41.08
CA SER J 88 40.26 12.25 -42.27
C SER J 88 40.88 10.89 -42.05
N GLU J 89 41.41 10.63 -40.85
CA GLU J 89 42.06 9.37 -40.55
C GLU J 89 41.25 8.50 -39.60
N ASP J 90 40.00 8.87 -39.33
CA ASP J 90 39.14 8.12 -38.42
C ASP J 90 38.16 7.22 -39.14
N THR J 91 38.27 7.08 -40.46
CA THR J 91 37.36 6.24 -41.22
C THR J 91 37.51 4.79 -40.82
N ALA J 92 36.52 4.25 -40.12
CA ALA J 92 36.61 2.90 -39.58
C ALA J 92 35.23 2.45 -39.14
N VAL J 93 35.10 1.14 -38.93
CA VAL J 93 33.85 0.54 -38.48
C VAL J 93 33.77 0.65 -36.97
N TYR J 94 32.57 0.91 -36.45
CA TYR J 94 32.34 1.12 -35.03
C TYR J 94 31.37 0.06 -34.53
N TYR J 95 31.85 -0.88 -33.73
CA TYR J 95 31.02 -1.95 -33.21
C TYR J 95 30.29 -1.51 -31.95
N CYS J 96 29.64 -2.46 -31.28
CA CYS J 96 28.95 -2.20 -30.02
C CYS J 96 29.03 -3.48 -29.18
N ALA J 97 30.04 -3.56 -28.32
CA ALA J 97 30.37 -4.79 -27.61
C ALA J 97 29.91 -4.73 -26.17
N ARG J 98 29.30 -5.83 -25.71
CA ARG J 98 28.87 -5.94 -24.32
C ARG J 98 30.07 -6.30 -23.43
N GLY J 99 29.80 -6.57 -22.16
CA GLY J 99 30.85 -6.92 -21.22
C GLY J 99 30.30 -7.43 -19.90
N ASP J 100 30.97 -7.10 -18.80
CA ASP J 100 30.54 -7.50 -17.47
C ASP J 100 30.58 -6.31 -16.52
N SER J 101 29.62 -6.27 -15.60
CA SER J 101 29.48 -5.17 -14.66
C SER J 101 30.16 -5.44 -13.32
N THR J 102 30.30 -6.69 -12.92
CA THR J 102 30.98 -7.04 -11.68
C THR J 102 32.49 -6.99 -11.80
N SER J 103 33.02 -6.75 -13.00
CA SER J 103 34.45 -6.71 -13.28
C SER J 103 34.76 -5.48 -14.11
N PHE J 104 34.31 -4.32 -13.63
CA PHE J 104 34.38 -3.08 -14.40
C PHE J 104 35.79 -2.71 -14.81
N TYR J 105 36.82 -3.18 -14.10
CA TYR J 105 38.19 -2.88 -14.47
C TYR J 105 38.89 -4.05 -15.17
N HIS J 106 38.26 -5.22 -15.25
CA HIS J 106 38.76 -6.36 -16.02
C HIS J 106 37.59 -6.84 -16.88
N ASN J 107 37.50 -6.33 -18.11
CA ASN J 107 36.37 -6.62 -18.98
C ASN J 107 36.84 -7.29 -20.26
N TRP J 108 36.13 -8.35 -20.66
CA TRP J 108 36.35 -9.02 -21.93
C TRP J 108 35.05 -8.98 -22.73
N PHE J 109 35.18 -8.71 -24.02
CA PHE J 109 34.01 -8.51 -24.88
C PHE J 109 33.43 -9.84 -25.30
N ASP J 110 32.12 -10.01 -25.11
CA ASP J 110 31.43 -11.26 -25.41
C ASP J 110 30.56 -11.15 -26.66
N VAL J 111 29.63 -10.20 -26.68
CA VAL J 111 28.70 -10.02 -27.80
C VAL J 111 29.16 -8.82 -28.62
N TRP J 112 28.97 -8.90 -29.93
CA TRP J 112 29.36 -7.83 -30.83
C TRP J 112 28.20 -7.48 -31.76
N GLY J 113 28.18 -6.22 -32.19
CA GLY J 113 27.19 -5.75 -33.13
C GLY J 113 27.64 -5.94 -34.56
N PRO J 114 26.69 -5.79 -35.50
CA PRO J 114 27.02 -6.03 -36.92
C PRO J 114 28.09 -5.09 -37.46
N GLY J 115 27.87 -3.79 -37.38
CA GLY J 115 28.82 -2.80 -37.86
C GLY J 115 28.16 -1.59 -38.48
N VAL J 116 28.82 -0.44 -38.33
CA VAL J 116 28.34 0.83 -38.88
C VAL J 116 29.53 1.55 -39.51
N LEU J 117 29.39 1.94 -40.77
CA LEU J 117 30.44 2.69 -41.44
C LEU J 117 30.42 4.16 -40.99
N VAL J 118 31.63 4.71 -40.86
CA VAL J 118 31.79 6.13 -40.55
C VAL J 118 33.01 6.64 -41.32
N THR J 119 32.85 7.78 -41.98
CA THR J 119 33.93 8.37 -42.74
C THR J 119 33.77 9.88 -42.85
N ILE K 2 49.43 -1.87 -23.47
CA ILE K 2 50.65 -2.66 -23.42
C ILE K 2 50.92 -3.30 -24.77
N VAL K 3 52.13 -3.09 -25.30
CA VAL K 3 52.47 -3.60 -26.62
C VAL K 3 52.53 -5.13 -26.59
N MET K 4 52.05 -5.74 -27.67
CA MET K 4 52.08 -7.19 -27.83
C MET K 4 52.66 -7.53 -29.20
N THR K 5 53.21 -8.74 -29.31
CA THR K 5 53.82 -9.22 -30.54
C THR K 5 53.17 -10.52 -30.96
N GLN K 6 52.98 -10.72 -32.28
CA GLN K 6 52.23 -11.93 -32.72
C GLN K 6 53.19 -13.05 -33.18
N SER K 7 52.63 -14.22 -33.46
CA SER K 7 53.46 -15.36 -33.95
C SER K 7 53.24 -15.53 -35.45
N PRO K 8 54.23 -15.22 -36.30
CA PRO K 8 54.07 -15.32 -37.74
C PRO K 8 53.63 -16.73 -38.14
N ARG K 18 47.41 -29.40 -35.31
CA ARG K 18 48.71 -29.15 -34.71
C ARG K 18 49.20 -27.74 -35.06
N ALA K 19 48.41 -26.74 -34.70
CA ALA K 19 48.78 -25.35 -34.91
C ALA K 19 49.08 -24.68 -33.58
N THR K 20 50.21 -23.97 -33.52
CA THR K 20 50.66 -23.30 -32.30
C THR K 20 50.81 -21.82 -32.58
N LEU K 21 50.07 -20.99 -31.87
CA LEU K 21 50.18 -19.54 -31.94
C LEU K 21 50.54 -18.99 -30.57
N SER K 22 51.35 -17.93 -30.57
CA SER K 22 51.79 -17.33 -29.32
C SER K 22 51.70 -15.81 -29.44
N CYS K 23 51.55 -15.16 -28.30
CA CYS K 23 51.48 -13.69 -28.23
C CYS K 23 52.40 -13.25 -27.09
N ARG K 24 53.58 -12.75 -27.45
CA ARG K 24 54.52 -12.27 -26.45
C ARG K 24 53.98 -11.03 -25.75
N ALA K 25 54.17 -10.97 -24.44
CA ALA K 25 53.75 -9.83 -23.63
C ALA K 25 54.98 -9.13 -23.08
N SER K 26 55.09 -7.83 -23.35
CA SER K 26 56.23 -7.04 -22.89
C SER K 26 56.15 -6.69 -21.41
N GLN K 27 55.00 -6.91 -20.79
CA GLN K 27 54.81 -6.63 -19.37
C GLN K 27 54.12 -7.83 -18.74
N SER K 28 54.34 -8.03 -17.44
CA SER K 28 53.72 -9.13 -16.73
C SER K 28 52.20 -9.04 -16.84
N VAL K 29 51.57 -10.18 -17.13
CA VAL K 29 50.13 -10.26 -17.33
C VAL K 29 49.48 -11.30 -16.44
N SER K 30 50.22 -12.29 -15.96
CA SER K 30 49.70 -13.40 -15.16
C SER K 30 48.76 -14.20 -16.05
N SER K 31 47.50 -14.39 -15.69
CA SER K 31 46.59 -15.23 -16.46
C SER K 31 45.42 -14.43 -17.03
N TYR K 32 45.68 -13.18 -17.42
CA TYR K 32 44.62 -12.31 -17.93
C TYR K 32 44.77 -12.09 -19.43
N LEU K 33 44.28 -13.06 -20.21
CA LEU K 33 44.05 -12.86 -21.64
C LEU K 33 42.73 -13.50 -22.06
N ALA K 34 42.45 -13.36 -23.34
CA ALA K 34 41.37 -14.06 -24.03
C ALA K 34 41.67 -14.02 -25.52
N TRP K 35 41.38 -15.11 -26.21
CA TRP K 35 41.73 -15.27 -27.62
C TRP K 35 40.50 -15.07 -28.49
N TYR K 36 40.61 -14.16 -29.47
CA TYR K 36 39.51 -13.83 -30.35
C TYR K 36 39.78 -14.37 -31.74
N GLN K 37 38.78 -15.03 -32.32
CA GLN K 37 38.86 -15.56 -33.68
C GLN K 37 37.69 -15.04 -34.49
N GLN K 38 37.98 -14.52 -35.69
CA GLN K 38 36.97 -13.98 -36.58
C GLN K 38 37.23 -14.42 -38.01
N LYS K 39 36.14 -14.72 -38.72
CA LYS K 39 36.17 -14.94 -40.15
C LYS K 39 36.11 -13.61 -40.89
N PRO K 40 36.64 -13.54 -42.11
CA PRO K 40 36.63 -12.26 -42.83
C PRO K 40 35.22 -11.80 -43.14
N GLY K 41 34.92 -10.54 -42.78
CA GLY K 41 33.65 -9.92 -43.07
C GLY K 41 32.68 -9.88 -41.91
N GLN K 42 32.94 -10.62 -40.84
CA GLN K 42 32.03 -10.72 -39.71
C GLN K 42 32.70 -10.23 -38.43
N ALA K 43 31.86 -9.88 -37.46
CA ALA K 43 32.35 -9.48 -36.15
C ALA K 43 32.98 -10.67 -35.42
N PRO K 44 34.03 -10.43 -34.65
CA PRO K 44 34.72 -11.54 -33.98
C PRO K 44 33.85 -12.22 -32.93
N ARG K 45 34.33 -13.39 -32.50
CA ARG K 45 33.69 -14.17 -31.44
C ARG K 45 34.77 -14.65 -30.47
N LEU K 46 34.38 -14.79 -29.21
CA LEU K 46 35.33 -15.14 -28.15
C LEU K 46 35.53 -16.65 -28.10
N LEU K 47 36.79 -17.08 -28.00
CA LEU K 47 37.13 -18.50 -27.98
C LEU K 47 37.38 -19.01 -26.57
N VAL K 48 38.34 -18.40 -25.86
CA VAL K 48 38.74 -18.85 -24.54
C VAL K 48 39.23 -17.64 -23.76
N TYR K 49 39.00 -17.65 -22.44
CA TYR K 49 39.48 -16.57 -21.58
C TYR K 49 40.14 -17.16 -20.34
N GLY K 50 41.11 -16.42 -19.81
CA GLY K 50 41.91 -16.88 -18.70
C GLY K 50 43.07 -17.77 -19.09
N ALA K 51 43.19 -18.13 -20.38
CA ALA K 51 44.25 -18.96 -20.92
C ALA K 51 44.17 -20.39 -20.42
N SER K 52 43.22 -20.66 -19.52
CA SER K 52 43.01 -22.01 -19.00
C SER K 52 41.56 -22.43 -18.90
N THR K 53 40.62 -21.48 -18.82
CA THR K 53 39.20 -21.78 -18.61
C THR K 53 38.50 -21.74 -19.97
N ARG K 54 38.06 -22.91 -20.44
CA ARG K 54 37.37 -22.99 -21.72
C ARG K 54 36.03 -22.29 -21.65
N ALA K 55 35.64 -21.65 -22.75
CA ALA K 55 34.39 -20.94 -22.85
C ALA K 55 33.35 -21.77 -23.60
N THR K 56 32.16 -21.19 -23.74
CA THR K 56 31.08 -21.86 -24.44
C THR K 56 31.26 -21.78 -25.95
N GLY K 57 30.51 -22.61 -26.67
CA GLY K 57 30.60 -22.64 -28.12
C GLY K 57 31.94 -23.08 -28.64
N ILE K 58 32.53 -24.11 -28.02
CA ILE K 58 33.86 -24.58 -28.38
C ILE K 58 33.81 -26.08 -28.67
N PRO K 59 34.38 -26.53 -29.79
CA PRO K 59 34.41 -27.96 -30.09
C PRO K 59 35.58 -28.72 -29.46
N ASP K 60 36.26 -28.11 -28.49
CA ASP K 60 37.42 -28.69 -27.79
C ASP K 60 38.59 -28.96 -28.73
N ARG K 61 38.55 -28.45 -29.96
CA ARG K 61 39.65 -28.65 -30.90
C ARG K 61 40.87 -27.81 -30.53
N PHE K 62 40.68 -26.71 -29.82
CA PHE K 62 41.77 -25.79 -29.50
C PHE K 62 41.72 -25.39 -28.03
N SER K 63 42.89 -25.10 -27.48
CA SER K 63 43.03 -24.73 -26.08
C SER K 63 44.34 -23.97 -25.89
N GLY K 64 44.48 -23.35 -24.73
CA GLY K 64 45.68 -22.61 -24.41
C GLY K 64 46.21 -22.99 -23.03
N SER K 65 47.43 -22.52 -22.75
CA SER K 65 48.09 -22.82 -21.50
C SER K 65 49.16 -21.77 -21.22
N GLY K 66 49.60 -21.72 -19.96
CA GLY K 66 50.65 -20.81 -19.55
C GLY K 66 50.12 -19.57 -18.85
N SER K 67 51.02 -18.92 -18.11
CA SER K 67 50.68 -17.71 -17.36
C SER K 67 51.96 -16.96 -17.03
N GLY K 68 51.85 -15.63 -17.04
CA GLY K 68 53.00 -14.79 -16.77
C GLY K 68 54.12 -14.94 -17.79
N THR K 69 53.77 -15.24 -19.03
CA THR K 69 54.68 -15.60 -20.12
C THR K 69 53.78 -15.74 -21.34
N GLU K 70 54.37 -15.74 -22.53
CA GLU K 70 53.56 -15.95 -23.72
C GLU K 70 52.86 -17.31 -23.64
N PHE K 71 51.56 -17.32 -23.95
CA PHE K 71 50.76 -18.53 -23.94
C PHE K 71 50.64 -19.13 -25.32
N THR K 72 50.74 -20.46 -25.39
CA THR K 72 50.64 -21.20 -26.64
C THR K 72 49.17 -21.59 -26.85
N LEU K 73 48.62 -21.20 -28.00
CA LEU K 73 47.26 -21.59 -28.37
C LEU K 73 47.36 -22.78 -29.31
N THR K 74 47.19 -23.98 -28.77
CA THR K 74 47.27 -25.19 -29.55
C THR K 74 45.91 -25.54 -30.16
N ILE K 75 45.95 -26.12 -31.35
CA ILE K 75 44.73 -26.56 -32.03
C ILE K 75 44.86 -28.04 -32.39
N GLU K 81 37.24 -24.26 -41.79
CA GLU K 81 36.43 -23.56 -40.80
C GLU K 81 37.29 -22.59 -40.00
N ASP K 82 38.27 -23.13 -39.26
CA ASP K 82 39.13 -22.33 -38.40
C ASP K 82 40.24 -21.67 -39.22
N VAL K 83 39.81 -20.89 -40.20
CA VAL K 83 40.72 -20.12 -41.06
C VAL K 83 40.28 -18.67 -41.04
N GLY K 84 41.25 -17.77 -40.88
CA GLY K 84 40.95 -16.36 -40.78
C GLY K 84 42.04 -15.57 -40.08
N VAL K 85 41.67 -14.78 -39.08
CA VAL K 85 42.62 -13.99 -38.31
C VAL K 85 42.27 -14.13 -36.83
N PHE K 86 43.30 -14.30 -36.00
CA PHE K 86 43.15 -14.49 -34.56
C PHE K 86 43.71 -13.29 -33.82
N PHE K 87 43.05 -12.91 -32.72
CA PHE K 87 43.44 -11.78 -31.90
C PHE K 87 43.66 -12.21 -30.46
N CYS K 88 44.71 -11.67 -29.83
CA CYS K 88 44.98 -11.87 -28.41
C CYS K 88 44.83 -10.54 -27.69
N GLN K 89 44.05 -10.56 -26.60
CA GLN K 89 43.67 -9.35 -25.89
C GLN K 89 43.97 -9.50 -24.40
N GLN K 90 44.48 -8.44 -23.79
CA GLN K 90 44.82 -8.43 -22.38
C GLN K 90 43.95 -7.43 -21.64
N TYR K 91 43.54 -7.78 -20.42
CA TYR K 91 42.64 -6.92 -19.64
C TYR K 91 43.11 -6.80 -18.20
N ASN K 92 44.41 -6.56 -18.00
CA ASN K 92 44.91 -6.31 -16.65
C ASN K 92 45.23 -4.84 -16.37
N ILE K 93 45.50 -4.04 -17.40
CA ILE K 93 45.55 -2.59 -17.29
C ILE K 93 44.78 -2.03 -18.48
N TRP K 94 43.55 -1.58 -18.24
CA TRP K 94 42.62 -1.13 -19.28
C TRP K 94 42.46 -2.28 -20.28
N VAL K 95 42.33 -2.00 -21.58
CA VAL K 95 42.20 -3.03 -22.60
C VAL K 95 42.98 -2.58 -23.83
N THR K 96 43.78 -3.48 -24.40
CA THR K 96 44.47 -3.20 -25.64
C THR K 96 44.58 -4.49 -26.45
N PHE K 97 44.52 -4.36 -27.76
CA PHE K 97 44.58 -5.50 -28.66
C PHE K 97 45.95 -5.61 -29.31
N GLY K 98 46.31 -6.82 -29.72
CA GLY K 98 47.56 -7.07 -30.40
C GLY K 98 47.40 -7.05 -31.91
N GLY K 99 48.47 -7.46 -32.59
CA GLY K 99 48.44 -7.51 -34.04
C GLY K 99 47.59 -8.64 -34.56
N GLY K 100 47.29 -8.57 -35.85
CA GLY K 100 46.47 -9.59 -36.48
C GLY K 100 47.30 -10.77 -36.95
N THR K 101 46.74 -11.97 -36.76
CA THR K 101 47.39 -13.18 -37.24
C THR K 101 47.34 -13.25 -38.76
N LYS K 102 48.40 -13.81 -39.35
CA LYS K 102 48.54 -13.88 -40.80
C LYS K 102 47.96 -15.13 -41.40
N VAL K 103 47.38 -16.02 -40.60
CA VAL K 103 46.81 -17.27 -41.12
C VAL K 103 45.52 -16.98 -41.88
N ILE L 2 22.87 44.89 25.08
CA ILE L 2 23.06 45.88 24.03
C ILE L 2 22.00 46.98 24.14
N VAL L 3 22.38 48.20 23.78
CA VAL L 3 21.48 49.36 23.85
C VAL L 3 21.62 50.16 22.56
N MET L 4 20.61 50.99 22.31
CA MET L 4 20.61 51.91 21.18
C MET L 4 19.97 53.23 21.60
N THR L 5 20.21 54.26 20.79
CA THR L 5 19.61 55.56 20.97
C THR L 5 19.28 56.15 19.61
N GLN L 6 18.33 57.08 19.60
CA GLN L 6 17.85 57.69 18.37
C GLN L 6 18.43 59.08 18.19
N SER L 7 18.42 59.55 16.95
CA SER L 7 18.87 60.89 16.62
C SER L 7 17.72 61.88 16.83
N PRO L 8 17.86 62.88 17.71
CA PRO L 8 16.79 63.85 17.96
C PRO L 8 16.59 64.80 16.79
N ARG L 18 13.97 64.34 2.26
CA ARG L 18 15.18 65.04 2.66
C ARG L 18 15.57 64.65 4.07
N ALA L 19 14.61 64.17 4.84
CA ALA L 19 14.86 63.80 6.23
C ALA L 19 15.85 62.65 6.31
N THR L 20 16.79 62.76 7.26
CA THR L 20 17.79 61.73 7.51
C THR L 20 17.71 61.31 8.96
N LEU L 21 17.65 60.00 9.20
CA LEU L 21 17.57 59.45 10.55
C LEU L 21 18.69 58.45 10.75
N SER L 22 19.16 58.37 11.99
CA SER L 22 20.26 57.47 12.33
C SER L 22 20.03 56.92 13.73
N CYS L 23 20.54 55.71 13.95
CA CYS L 23 20.50 55.06 15.26
C CYS L 23 21.91 54.65 15.65
N ARG L 24 22.37 55.13 16.79
CA ARG L 24 23.70 54.79 17.29
C ARG L 24 23.69 53.39 17.90
N ALA L 25 24.84 52.72 17.82
CA ALA L 25 25.01 51.39 18.38
C ALA L 25 26.21 51.38 19.32
N SER L 26 26.03 50.81 20.50
CA SER L 26 27.09 50.73 21.50
C SER L 26 27.93 49.46 21.37
N GLN L 27 27.65 48.62 20.38
CA GLN L 27 28.39 47.40 20.15
C GLN L 27 28.34 47.08 18.67
N SER L 28 29.32 46.30 18.21
CA SER L 28 29.37 45.93 16.79
C SER L 28 28.08 45.24 16.37
N VAL L 29 27.56 45.64 15.21
CA VAL L 29 26.31 45.09 14.71
C VAL L 29 26.46 44.46 13.32
N SER L 30 27.50 44.81 12.57
CA SER L 30 27.72 44.31 11.21
C SER L 30 26.54 44.78 10.35
N SER L 31 26.05 43.95 9.43
CA SER L 31 24.95 44.32 8.54
C SER L 31 23.64 43.71 8.99
N TYR L 32 23.41 43.65 10.30
CA TYR L 32 22.24 43.01 10.87
C TYR L 32 21.36 44.08 11.51
N LEU L 33 20.45 44.64 10.72
CA LEU L 33 19.56 45.69 11.22
C LEU L 33 18.36 45.80 10.29
N ALA L 34 17.31 46.47 10.78
CA ALA L 34 16.12 46.74 10.00
C ALA L 34 15.41 47.93 10.60
N TRP L 35 14.66 48.65 9.77
CA TRP L 35 13.98 49.86 10.16
C TRP L 35 12.46 49.67 10.08
N TYR L 36 11.77 49.98 11.17
CA TYR L 36 10.32 49.79 11.26
C TYR L 36 9.62 51.13 11.24
N GLN L 37 8.63 51.26 10.36
CA GLN L 37 7.82 52.47 10.24
C GLN L 37 6.37 52.13 10.56
N GLN L 38 5.75 52.93 11.43
CA GLN L 38 4.37 52.72 11.81
C GLN L 38 3.65 54.06 11.90
N LYS L 39 2.35 54.03 11.67
CA LYS L 39 1.47 55.16 11.88
C LYS L 39 0.78 55.04 13.23
N PRO L 40 0.36 56.15 13.83
CA PRO L 40 -0.23 56.09 15.17
C PRO L 40 -1.47 55.20 15.20
N GLY L 41 -1.59 54.44 16.29
CA GLY L 41 -2.73 53.55 16.47
C GLY L 41 -2.81 52.41 15.47
N GLN L 42 -1.68 51.87 15.04
CA GLN L 42 -1.67 50.77 14.09
C GLN L 42 -0.43 49.91 14.31
N ALA L 43 -0.51 48.67 13.85
CA ALA L 43 0.63 47.77 13.93
C ALA L 43 1.73 48.23 12.96
N PRO L 44 2.99 48.05 13.32
CA PRO L 44 4.09 48.50 12.46
C PRO L 44 4.22 47.63 11.22
N ARG L 45 5.02 48.13 10.28
CA ARG L 45 5.35 47.40 9.07
C ARG L 45 6.85 47.57 8.80
N LEU L 46 7.42 46.58 8.10
CA LEU L 46 8.86 46.55 7.86
C LEU L 46 9.20 47.29 6.58
N LEU L 47 10.20 48.16 6.65
CA LEU L 47 10.63 48.96 5.51
C LEU L 47 11.79 48.31 4.75
N VAL L 48 12.92 48.09 5.42
CA VAL L 48 14.10 47.52 4.77
C VAL L 48 14.99 46.92 5.86
N TYR L 49 15.70 45.86 5.49
CA TYR L 49 16.66 45.20 6.38
C TYR L 49 18.00 45.08 5.68
N GLY L 50 19.07 45.14 6.47
CA GLY L 50 20.40 45.12 5.91
C GLY L 50 20.82 46.39 5.20
N ALA L 51 20.11 47.49 5.43
CA ALA L 51 20.39 48.77 4.79
C ALA L 51 20.44 48.65 3.27
N PHE L 62 12.91 56.30 0.38
CA PHE L 62 13.75 55.98 1.53
C PHE L 62 14.70 54.82 1.26
N SER L 63 15.89 54.90 1.87
CA SER L 63 16.91 53.87 1.68
C SER L 63 17.90 53.96 2.83
N GLY L 64 18.45 52.81 3.22
CA GLY L 64 19.45 52.77 4.28
C GLY L 64 20.86 52.61 3.74
N SER L 65 21.83 52.83 4.63
CA SER L 65 23.23 52.71 4.26
C SER L 65 24.06 52.51 5.52
N GLY L 66 25.28 52.04 5.31
CA GLY L 66 26.21 51.83 6.40
C GLY L 66 26.11 50.44 7.02
N SER L 67 27.21 50.00 7.61
CA SER L 67 27.26 48.71 8.28
C SER L 67 28.41 48.72 9.28
N GLY L 68 28.33 47.82 10.25
CA GLY L 68 29.36 47.74 11.29
C GLY L 68 29.22 48.74 12.40
N THR L 69 28.82 49.97 12.06
CA THR L 69 28.64 51.05 13.02
C THR L 69 27.24 51.63 12.87
N GLU L 70 27.01 52.79 13.47
CA GLU L 70 25.71 53.45 13.38
C GLU L 70 25.28 53.61 11.92
N PHE L 71 24.01 53.31 11.66
CA PHE L 71 23.46 53.29 10.32
C PHE L 71 22.82 54.64 9.99
N THR L 72 22.57 54.84 8.70
CA THR L 72 21.91 56.05 8.21
C THR L 72 20.71 55.66 7.37
N LEU L 73 19.56 56.27 7.65
CA LEU L 73 18.34 56.07 6.88
C LEU L 73 17.97 57.41 6.25
N THR L 74 18.07 57.49 4.93
CA THR L 74 17.78 58.72 4.20
C THR L 74 16.45 58.59 3.48
N ILE L 75 15.57 59.56 3.71
CA ILE L 75 14.27 59.57 3.06
C ILE L 75 14.15 60.79 2.14
N ASP L 82 4.04 59.29 5.03
CA ASP L 82 5.31 58.91 5.62
C ASP L 82 5.61 59.72 6.87
N VAL L 83 4.61 59.85 7.74
CA VAL L 83 4.75 60.57 9.00
C VAL L 83 4.28 59.67 10.13
N GLY L 84 5.00 59.70 11.24
CA GLY L 84 4.69 58.86 12.38
C GLY L 84 5.87 58.66 13.29
N VAL L 85 6.17 57.41 13.63
CA VAL L 85 7.30 57.07 14.50
C VAL L 85 8.08 55.94 13.85
N PHE L 86 9.41 56.04 13.88
CA PHE L 86 10.30 55.07 13.27
C PHE L 86 11.04 54.27 14.33
N PHE L 87 11.15 52.97 14.12
CA PHE L 87 11.87 52.08 15.03
C PHE L 87 13.02 51.40 14.30
N CYS L 88 14.19 51.37 14.95
CA CYS L 88 15.35 50.66 14.45
C CYS L 88 15.62 49.45 15.33
N GLN L 89 15.66 48.27 14.72
CA GLN L 89 15.76 47.01 15.45
C GLN L 89 16.98 46.24 14.99
N GLN L 90 17.68 45.61 15.93
CA GLN L 90 18.84 44.79 15.65
C GLN L 90 18.55 43.35 16.02
N TYR L 91 19.14 42.41 15.28
CA TYR L 91 19.00 40.99 15.57
C TYR L 91 20.34 40.28 15.53
N ASN L 92 21.35 40.87 16.19
CA ASN L 92 22.65 40.24 16.28
C ASN L 92 22.74 39.28 17.47
N ILE L 93 22.33 39.73 18.66
CA ILE L 93 22.25 38.87 19.84
C ILE L 93 20.85 39.05 20.42
N TRP L 94 20.04 38.00 20.33
CA TRP L 94 18.62 38.05 20.72
C TRP L 94 17.95 39.15 19.89
N VAL L 95 16.98 39.88 20.45
CA VAL L 95 16.32 40.98 19.77
C VAL L 95 16.06 42.08 20.79
N THR L 96 16.28 43.32 20.36
CA THR L 96 15.94 44.46 21.20
C THR L 96 15.57 45.63 20.30
N PHE L 97 14.76 46.54 20.82
CA PHE L 97 14.31 47.71 20.08
C PHE L 97 14.87 48.97 20.70
N GLY L 98 15.08 49.98 19.87
CA GLY L 98 15.58 51.27 20.30
C GLY L 98 14.46 52.20 20.72
N GLY L 99 14.83 53.46 20.93
CA GLY L 99 13.86 54.47 21.30
C GLY L 99 12.93 54.82 20.17
N GLY L 100 11.86 55.53 20.51
CA GLY L 100 10.88 55.95 19.53
C GLY L 100 11.24 57.28 18.90
N THR L 101 11.20 57.33 17.58
CA THR L 101 11.45 58.57 16.86
C THR L 101 10.34 59.57 17.17
N LYS L 102 10.73 60.83 17.38
CA LYS L 102 9.77 61.85 17.76
C LYS L 102 9.18 62.61 16.58
N VAL L 103 9.53 62.24 15.35
CA VAL L 103 8.97 62.89 14.18
C VAL L 103 7.52 62.47 13.95
#